data_7KF9
#
_entry.id   7KF9
#
loop_
_entity.id
_entity.type
_entity.pdbx_description
1 polymer 'Antibody Fab EBOV-296 heavy chain'
2 polymer 'Virion spike glycoprotein 1'
3 polymer 'Virion spike glycoprotein 2'
4 polymer 'Antibody Fab EBOV-296 light chain'
5 branched alpha-D-mannopyranose-(1-3)-[alpha-D-mannopyranose-(1-6)]beta-D-mannopyranose-(1-4)-2-acetamido-2-deoxy-beta-D-glucopyranose-(1-4)-2-acetamido-2-deoxy-beta-D-glucopyranose
6 non-polymer 2-acetamido-2-deoxy-beta-D-glucopyranose
#
loop_
_entity_poly.entity_id
_entity_poly.type
_entity_poly.pdbx_seq_one_letter_code
_entity_poly.pdbx_strand_id
1 'polypeptide(L)'
;MELGLRWVFLVAILEGVQCQVQLVESGPGLVKPSQTLSLICTVSGGSISSGDFYWSWIRQPPGKGLEWIGFFYYSGITYY
NPSLKSRVSISRDTSTNQFSLKLRSVTAADTAVYYCARVRGGRITLGQGDMYYYSGMDVWGQGTLVTVSSASTKGPSVFP
LAPSSKSTSGGTAALGCLVKDYFPEPVTVSWNSGALTSGVHTFPAVLQSSGLYSLSSVVTVPSSSLGTQTYICNVNHKPS
NTKVDKRVEPKSCD
;
G,I,H
2 'polypeptide(L)'
;MDAMKRGLCCVLLLCGAVFVSPSQEIHARFRRGARSIPLGVIHNSTLQVSDVDKLVCRDKLSSTNQLRSVGLNLEGNGVA
TDVPSVTKRWGFRSGVPPKVVNYEAGEWAENCYNLEIKKPDGSECLPAAPDGIRGFPRCRYVHKVSGTGPCAGDFAFHKE
GAFFLYDRLASTVIYRGTTFAEGVVAFLILPQAKKDFFSSHPLREPVNATEDPSSGYYSTTIRYQATGFGTNETEYLFEV
DNLTYVQLESRFTPQFLLQLNETIYASGKRSNTTGKLIWKVNPEIDTTIGEWAFWETKKNLTRKIRSEELSFT
;
A,C,B
3 'polypeptide(L)'
;NNNTHHQDTGEESASSGKLGLITNTIAGVAGLITGGRRTRREVIVNAQPKCNPNLHYWTTQDEGAAIGLAWIPYFGPAAE
GIYTEGLMHNQDGLICGLRQLANETTQALQLFLRATTELRTFSILNRKAIDFLLQRWGGTCHILGPDCCIEPHDWTKNIT
DKIDQIIHDDDDKAGWSHPQFEKGGGSGGGSGGGSWSHPQFEK
;
D,F,E
4 'polypeptide(L)'
;MGWSCIILFLVATATGVHQSVLTQPPSASGTPGQRVSISCSGSRSNIGGNTVDWYQQLPGTDPKLLIYSNDQRPSGVPDR
FSGSKSGTSASLAISGLQSEDEADYYCAAWDDSLNGHWVFGGGTKLTVLQPKAAPSVTLFPPSSEELQANKATLVCLISD
FYPGAVTVAWKADSSPVKAGVETTTPSKQSNNKYAASSYLSLTPEQWKSHRSYSCQVTHEGSTVEKTVAPTECS
;
J,L,K
#
loop_
_chem_comp.id
_chem_comp.type
_chem_comp.name
_chem_comp.formula
BMA D-saccharide, beta linking beta-D-mannopyranose 'C6 H12 O6'
MAN D-saccharide, alpha linking alpha-D-mannopyranose 'C6 H12 O6'
NAG D-saccharide, beta linking 2-acetamido-2-deoxy-beta-D-glucopyranose 'C8 H15 N O6'
#
# COMPACT_ATOMS: atom_id res chain seq x y z
N GLN A 20 -11.44 51.58 14.49
CA GLN A 20 -12.61 52.45 14.51
C GLN A 20 -12.58 53.49 15.63
N VAL A 21 -12.23 53.05 16.86
CA VAL A 21 -12.24 53.88 18.07
C VAL A 21 -11.02 54.75 18.11
N GLN A 22 -11.27 56.02 18.30
CA GLN A 22 -10.22 56.99 18.36
C GLN A 22 -9.87 57.22 19.78
N LEU A 23 -8.60 57.41 20.02
CA LEU A 23 -8.10 57.75 21.33
C LEU A 23 -7.18 58.93 21.09
N VAL A 24 -7.57 60.12 21.50
CA VAL A 24 -6.79 61.31 21.18
C VAL A 24 -6.24 62.07 22.36
N GLU A 25 -4.92 62.15 22.44
CA GLU A 25 -4.23 62.83 23.53
C GLU A 25 -4.31 64.34 23.46
N SER A 26 -4.41 64.96 24.63
CA SER A 26 -4.34 66.40 24.76
C SER A 26 -3.68 66.79 26.08
N GLY A 27 -2.91 67.85 26.04
CA GLY A 27 -2.24 68.32 27.24
C GLY A 27 -1.51 69.61 26.95
N PRO A 28 -0.80 70.18 27.93
CA PRO A 28 -0.10 71.45 27.87
C PRO A 28 1.10 71.52 26.95
N GLY A 29 1.67 70.37 26.59
CA GLY A 29 2.86 70.33 25.75
C GLY A 29 4.09 70.59 26.63
N LEU A 30 4.14 71.77 27.22
CA LEU A 30 5.20 72.16 28.13
C LEU A 30 4.71 72.08 29.57
N VAL A 31 5.42 71.30 30.35
CA VAL A 31 5.09 71.09 31.74
C VAL A 31 6.32 71.50 32.55
N LYS A 32 6.12 72.10 33.72
CA LYS A 32 7.27 72.52 34.48
C LYS A 32 7.80 71.40 35.38
N PRO A 33 9.10 71.32 35.66
CA PRO A 33 9.65 70.36 36.57
C PRO A 33 8.97 70.51 37.91
N SER A 34 8.72 69.36 38.52
CA SER A 34 8.10 69.11 39.83
C SER A 34 6.57 69.14 39.84
N GLN A 35 5.90 69.64 38.80
CA GLN A 35 4.45 69.66 38.92
C GLN A 35 3.87 68.32 38.53
N THR A 36 2.57 68.19 38.62
CA THR A 36 1.95 66.98 38.13
C THR A 36 1.58 67.18 36.68
N LEU A 37 2.00 66.25 35.86
CA LEU A 37 1.67 66.24 34.47
C LEU A 37 0.33 65.61 34.34
N SER A 38 -0.57 66.23 33.59
CA SER A 38 -1.87 65.64 33.41
C SER A 38 -2.27 65.61 31.95
N LEU A 39 -2.36 64.40 31.41
CA LEU A 39 -2.72 64.23 30.00
C LEU A 39 -4.06 63.57 29.88
N ILE A 40 -4.86 64.05 28.96
CA ILE A 40 -6.18 63.47 28.81
C ILE A 40 -6.41 62.93 27.42
N CYS A 41 -7.03 61.79 27.39
CA CYS A 41 -7.42 61.13 26.18
C CYS A 41 -8.90 61.26 25.94
N THR A 42 -9.26 61.74 24.77
CA THR A 42 -10.66 61.81 24.42
C THR A 42 -10.99 60.64 23.52
N VAL A 43 -12.02 59.91 23.87
CA VAL A 43 -12.38 58.73 23.13
C VAL A 43 -13.69 58.84 22.38
N SER A 44 -13.68 58.38 21.14
CA SER A 44 -14.89 58.37 20.34
C SER A 44 -14.94 57.20 19.37
N GLY A 45 -16.14 56.82 18.93
CA GLY A 45 -16.30 55.70 17.98
C GLY A 45 -16.56 54.38 18.73
N GLY A 46 -16.56 54.47 20.05
CA GLY A 46 -16.78 53.37 20.96
C GLY A 46 -16.55 53.90 22.36
N SER A 47 -16.60 53.05 23.39
CA SER A 47 -16.39 53.59 24.72
C SER A 47 -15.40 52.83 25.56
N ILE A 48 -14.18 53.32 25.52
CA ILE A 48 -13.06 52.75 26.22
C ILE A 48 -13.32 52.86 27.69
N SER A 49 -13.89 53.99 28.10
CA SER A 49 -14.13 54.19 29.51
C SER A 49 -15.21 53.32 30.13
N SER A 50 -16.14 52.73 29.35
CA SER A 50 -17.19 51.92 30.00
C SER A 50 -17.41 50.53 29.42
N GLY A 51 -16.80 50.21 28.28
CA GLY A 51 -17.02 48.92 27.66
C GLY A 51 -15.97 47.96 28.15
N ASP A 52 -15.91 46.75 27.59
CA ASP A 52 -14.96 45.76 28.11
C ASP A 52 -13.56 45.94 27.58
N PHE A 53 -12.90 46.95 28.13
CA PHE A 53 -11.57 47.35 27.74
C PHE A 53 -10.62 47.64 28.88
N TYR A 54 -9.37 47.44 28.55
CA TYR A 54 -8.28 47.99 29.30
C TYR A 54 -7.77 49.07 28.41
N TRP A 55 -7.16 50.03 29.00
CA TRP A 55 -6.49 51.03 28.23
C TRP A 55 -5.26 51.38 28.99
N SER A 56 -4.37 52.08 28.34
CA SER A 56 -3.13 52.40 28.97
C SER A 56 -2.48 53.65 28.48
N TRP A 57 -1.49 54.02 29.26
CA TRP A 57 -0.60 55.06 28.85
C TRP A 57 0.74 54.42 28.66
N ILE A 58 1.41 54.83 27.60
CA ILE A 58 2.74 54.38 27.19
C ILE A 58 3.53 55.60 26.80
N ARG A 59 4.82 55.63 27.04
CA ARG A 59 5.57 56.75 26.53
C ARG A 59 6.80 56.30 25.76
N GLN A 60 7.22 57.13 24.84
CA GLN A 60 8.42 56.86 24.09
C GLN A 60 9.33 58.07 24.06
N PRO A 61 10.31 58.16 24.94
CA PRO A 61 11.26 59.25 25.00
C PRO A 61 11.93 59.23 23.65
N PRO A 62 12.33 60.36 23.08
CA PRO A 62 13.02 60.37 21.81
C PRO A 62 14.24 59.49 21.89
N GLY A 63 14.44 58.66 20.87
CA GLY A 63 15.60 57.78 20.80
C GLY A 63 15.45 56.48 21.61
N LYS A 64 14.33 56.33 22.29
CA LYS A 64 14.08 55.18 23.14
C LYS A 64 12.98 54.28 22.63
N GLY A 65 12.84 53.15 23.31
CA GLY A 65 11.82 52.16 22.99
C GLY A 65 10.54 52.50 23.72
N LEU A 66 9.66 51.54 23.84
CA LEU A 66 8.34 51.77 24.40
C LEU A 66 8.27 51.44 25.88
N GLU A 67 7.95 52.43 26.70
CA GLU A 67 7.85 52.19 28.12
C GLU A 67 6.41 52.31 28.59
N TRP A 68 5.87 51.25 29.13
CA TRP A 68 4.50 51.29 29.60
C TRP A 68 4.39 52.04 30.91
N ILE A 69 3.36 52.85 31.06
CA ILE A 69 3.12 53.62 32.27
C ILE A 69 2.11 52.98 33.20
N GLY A 70 0.99 52.58 32.62
CA GLY A 70 -0.05 51.98 33.44
C GLY A 70 -1.28 51.57 32.66
N PHE A 71 -2.07 50.68 33.27
CA PHE A 71 -3.31 50.15 32.73
C PHE A 71 -4.47 50.49 33.62
N PHE A 72 -5.62 50.57 32.99
CA PHE A 72 -6.84 50.71 33.71
C PHE A 72 -7.94 49.94 32.98
N TYR A 73 -8.64 49.09 33.70
CA TYR A 73 -9.79 48.35 33.18
C TYR A 73 -10.99 49.13 33.56
N TYR A 74 -11.91 49.32 32.65
CA TYR A 74 -13.05 50.19 32.90
C TYR A 74 -13.75 50.04 34.25
N SER A 75 -13.82 48.84 34.84
CA SER A 75 -14.53 48.64 36.09
C SER A 75 -13.78 49.17 37.32
N GLY A 76 -12.50 49.54 37.14
CA GLY A 76 -11.65 50.01 38.22
C GLY A 76 -10.45 49.13 38.55
N ILE A 77 -9.86 48.47 37.55
CA ILE A 77 -8.70 47.62 37.84
C ILE A 77 -7.45 48.25 37.30
N THR A 78 -6.46 48.48 38.14
CA THR A 78 -5.27 49.13 37.62
C THR A 78 -3.99 48.40 37.86
N TYR A 79 -3.04 48.71 36.99
CA TYR A 79 -1.68 48.21 37.08
C TYR A 79 -0.74 49.34 36.78
N TYR A 80 0.40 49.39 37.43
CA TYR A 80 1.33 50.45 37.09
C TYR A 80 2.77 49.99 36.98
N ASN A 81 3.55 50.72 36.20
CA ASN A 81 4.97 50.48 36.08
C ASN A 81 5.60 50.61 37.43
N PRO A 82 6.35 49.62 37.94
CA PRO A 82 6.98 49.67 39.24
C PRO A 82 7.70 50.97 39.53
N SER A 83 8.35 51.56 38.53
CA SER A 83 9.11 52.80 38.78
C SER A 83 8.20 53.96 39.05
N LEU A 84 6.95 53.84 38.66
CA LEU A 84 5.97 54.84 38.86
C LEU A 84 4.89 54.40 39.85
N LYS A 85 5.01 53.26 40.52
CA LYS A 85 3.87 52.91 41.36
C LYS A 85 3.57 53.97 42.41
N SER A 86 4.60 54.67 42.90
CA SER A 86 4.40 55.73 43.88
C SER A 86 4.06 57.10 43.25
N ARG A 87 4.17 57.22 41.92
CA ARG A 87 3.99 58.47 41.16
C ARG A 87 2.78 58.57 40.21
N VAL A 88 2.26 57.44 39.74
CA VAL A 88 1.22 57.48 38.71
C VAL A 88 -0.16 57.08 39.18
N SER A 89 -1.13 57.84 38.69
CA SER A 89 -2.54 57.61 38.91
C SER A 89 -3.33 57.75 37.61
N ILE A 90 -4.10 56.71 37.28
CA ILE A 90 -4.93 56.70 36.08
C ILE A 90 -6.39 56.60 36.48
N SER A 91 -7.22 57.44 35.89
CA SER A 91 -8.65 57.46 36.18
C SER A 91 -9.45 57.86 34.96
N ARG A 92 -10.77 57.70 35.03
CA ARG A 92 -11.63 58.06 33.90
C ARG A 92 -13.00 58.54 34.29
N ASP A 93 -13.61 59.25 33.35
CA ASP A 93 -14.96 59.75 33.47
C ASP A 93 -15.81 59.14 32.35
N THR A 94 -16.70 58.23 32.73
CA THR A 94 -17.50 57.48 31.77
C THR A 94 -18.59 58.35 31.19
N SER A 95 -18.80 59.53 31.80
CA SER A 95 -19.80 60.45 31.33
C SER A 95 -19.26 61.30 30.18
N THR A 96 -17.92 61.32 30.01
CA THR A 96 -17.35 62.11 28.93
C THR A 96 -16.60 61.21 27.97
N ASN A 97 -16.36 59.96 28.40
CA ASN A 97 -15.58 58.99 27.64
C ASN A 97 -14.20 59.56 27.42
N GLN A 98 -13.65 60.02 28.52
CA GLN A 98 -12.32 60.53 28.57
C GLN A 98 -11.59 59.89 29.70
N PHE A 99 -10.29 59.78 29.56
CA PHE A 99 -9.48 59.26 30.65
C PHE A 99 -8.20 60.01 30.77
N SER A 100 -7.58 59.95 31.92
CA SER A 100 -6.36 60.69 32.06
C SER A 100 -5.30 60.08 32.91
N LEU A 101 -4.10 60.54 32.61
CA LEU A 101 -2.88 60.16 33.28
C LEU A 101 -2.29 61.26 34.11
N LYS A 102 -2.08 60.98 35.38
CA LYS A 102 -1.42 61.95 36.23
C LYS A 102 -0.10 61.43 36.77
N LEU A 103 0.97 62.18 36.49
CA LEU A 103 2.30 61.82 36.98
C LEU A 103 2.83 62.93 37.86
N ARG A 104 2.98 62.64 39.14
CA ARG A 104 3.43 63.68 40.06
C ARG A 104 4.92 63.87 39.91
N SER A 105 5.41 65.05 40.33
CA SER A 105 6.84 65.36 40.32
C SER A 105 7.51 65.10 38.98
N VAL A 106 6.94 65.63 37.91
CA VAL A 106 7.48 65.41 36.57
C VAL A 106 8.91 65.97 36.47
N THR A 107 9.79 65.22 35.86
CA THR A 107 11.16 65.66 35.73
C THR A 107 11.70 65.60 34.30
N ALA A 108 12.94 66.03 34.12
CA ALA A 108 13.54 66.08 32.78
C ALA A 108 13.54 64.71 32.09
N ALA A 109 13.70 63.67 32.88
CA ALA A 109 13.76 62.29 32.43
C ALA A 109 12.41 61.81 31.88
N ASP A 110 11.36 62.57 32.15
CA ASP A 110 10.02 62.21 31.74
C ASP A 110 9.69 62.88 30.40
N THR A 111 10.64 63.59 29.78
CA THR A 111 10.29 64.13 28.47
C THR A 111 10.09 62.94 27.56
N ALA A 112 8.95 62.91 26.92
CA ALA A 112 8.62 61.78 26.06
C ALA A 112 7.41 62.03 25.25
N VAL A 113 7.21 61.23 24.23
CA VAL A 113 5.92 61.32 23.61
C VAL A 113 5.04 60.41 24.39
N TYR A 114 3.95 60.94 24.87
CA TYR A 114 3.03 60.18 25.64
C TYR A 114 1.91 59.76 24.79
N TYR A 115 1.52 58.53 24.95
CA TYR A 115 0.46 58.01 24.18
C TYR A 115 -0.59 57.42 25.04
N CYS A 116 -1.79 57.55 24.56
CA CYS A 116 -2.88 56.85 25.14
C CYS A 116 -3.01 55.65 24.23
N ALA A 117 -3.48 54.55 24.76
CA ALA A 117 -3.60 53.36 23.95
C ALA A 117 -4.73 52.46 24.39
N ARG A 118 -5.24 51.70 23.45
CA ARG A 118 -6.27 50.72 23.74
C ARG A 118 -5.74 49.31 23.81
N VAL A 119 -6.23 48.60 24.81
CA VAL A 119 -5.99 47.18 24.94
C VAL A 119 -7.19 46.57 24.28
N ARG A 120 -6.98 45.57 23.46
CA ARG A 120 -8.07 45.00 22.72
C ARG A 120 -9.22 44.70 23.68
N GLY A 121 -10.42 45.16 23.32
CA GLY A 121 -11.59 44.93 24.16
C GLY A 121 -12.30 43.66 23.79
N GLY A 122 -12.97 43.06 24.75
CA GLY A 122 -13.66 41.80 24.48
C GLY A 122 -12.66 40.65 24.52
N ARG A 123 -11.42 41.00 24.91
CA ARG A 123 -10.33 40.06 24.98
C ARG A 123 -9.92 39.82 26.43
N ILE A 124 -10.75 40.30 27.34
CA ILE A 124 -10.44 40.26 28.74
C ILE A 124 -11.34 39.36 29.58
N THR A 125 -10.80 38.27 30.11
CA THR A 125 -11.55 37.42 31.00
C THR A 125 -11.10 37.61 32.43
N LEU A 126 -12.05 37.92 33.25
CA LEU A 126 -11.89 38.08 34.67
C LEU A 126 -12.84 37.06 35.22
N GLY A 127 -12.36 36.12 36.00
CA GLY A 127 -13.23 35.05 36.49
C GLY A 127 -13.47 35.03 37.98
N GLN A 128 -13.64 33.82 38.48
CA GLN A 128 -13.97 33.50 39.88
C GLN A 128 -12.84 33.74 40.87
N GLY A 129 -11.62 33.86 40.36
CA GLY A 129 -10.43 34.03 41.15
C GLY A 129 -9.25 33.50 40.37
N ASP A 130 -9.17 32.18 40.23
CA ASP A 130 -8.09 31.59 39.47
C ASP A 130 -8.36 31.52 37.97
N MET A 131 -8.44 32.71 37.38
CA MET A 131 -8.68 32.99 35.96
C MET A 131 -7.96 34.27 35.57
N TYR A 132 -7.58 34.41 34.31
CA TYR A 132 -6.97 35.64 33.86
C TYR A 132 -7.39 35.85 32.42
N TYR A 133 -6.94 36.95 31.87
CA TYR A 133 -7.26 37.33 30.53
C TYR A 133 -6.33 36.87 29.45
N TYR A 134 -6.70 37.22 28.22
CA TYR A 134 -6.03 36.81 27.01
C TYR A 134 -5.78 38.01 26.14
N SER A 135 -5.89 39.16 26.79
CA SER A 135 -5.75 40.47 26.21
C SER A 135 -4.33 40.88 25.91
N GLY A 136 -4.24 41.94 25.10
CA GLY A 136 -3.01 42.62 24.66
C GLY A 136 -3.45 43.82 23.82
N MET A 137 -2.49 44.68 23.46
CA MET A 137 -2.69 45.94 22.73
C MET A 137 -2.84 45.93 21.20
N ASP A 138 -3.68 46.86 20.67
CA ASP A 138 -3.79 47.09 19.24
C ASP A 138 -3.78 48.58 18.81
N VAL A 139 -4.76 49.37 19.22
CA VAL A 139 -4.92 50.75 18.76
C VAL A 139 -4.20 51.83 19.54
N TRP A 140 -3.43 52.62 18.82
CA TRP A 140 -2.68 53.75 19.36
C TRP A 140 -3.36 55.07 19.12
N GLY A 141 -3.12 56.02 20.03
CA GLY A 141 -3.52 57.39 19.82
C GLY A 141 -2.43 58.03 18.96
N GLN A 142 -2.35 59.35 18.91
CA GLN A 142 -1.38 59.94 17.99
C GLN A 142 -0.06 60.22 18.66
N GLY A 143 -0.12 60.52 19.94
CA GLY A 143 1.05 60.82 20.72
C GLY A 143 1.21 62.32 20.94
N THR A 144 1.45 62.71 22.17
CA THR A 144 1.64 64.12 22.48
C THR A 144 3.00 64.30 23.11
N LEU A 145 3.81 65.18 22.54
CA LEU A 145 5.11 65.36 23.13
C LEU A 145 5.04 66.24 24.32
N VAL A 146 5.57 65.74 25.41
CA VAL A 146 5.65 66.50 26.61
C VAL A 146 7.08 66.82 26.90
N THR A 147 7.35 68.11 26.97
CA THR A 147 8.66 68.64 27.26
C THR A 147 8.67 69.10 28.67
N VAL A 148 9.64 68.64 29.44
CA VAL A 148 9.64 69.08 30.81
C VAL A 148 10.78 70.08 30.93
N SER A 149 10.45 71.33 31.22
CA SER A 149 11.48 72.36 31.26
C SER A 149 11.01 73.61 32.01
N SER A 150 11.96 74.52 32.36
CA SER A 150 11.72 75.79 33.06
C SER A 150 11.28 76.92 32.10
N SER B 36 11.35 -17.69 30.47
CA SER B 36 11.83 -16.85 31.57
C SER B 36 10.75 -15.91 32.18
N ILE B 37 9.54 -15.85 31.57
CA ILE B 37 8.41 -15.02 32.00
C ILE B 37 7.73 -15.61 33.23
N PRO B 38 7.57 -14.84 34.32
CA PRO B 38 6.94 -15.25 35.55
C PRO B 38 5.46 -15.34 35.32
N LEU B 39 4.81 -16.15 36.11
CA LEU B 39 3.37 -16.31 36.10
C LEU B 39 2.89 -16.35 37.54
N GLY B 40 1.70 -15.82 37.80
CA GLY B 40 1.16 -15.92 39.15
C GLY B 40 0.02 -16.93 39.19
N VAL B 41 -0.24 -17.47 40.37
CA VAL B 41 -1.36 -18.40 40.51
C VAL B 41 -2.25 -18.02 41.65
N ILE B 42 -3.50 -18.41 41.53
CA ILE B 42 -4.40 -18.12 42.63
C ILE B 42 -4.48 -19.31 43.56
N HIS B 43 -4.06 -19.10 44.80
CA HIS B 43 -4.06 -20.13 45.80
C HIS B 43 -5.21 -19.89 46.74
N ASN B 44 -5.37 -20.76 47.73
CA ASN B 44 -6.42 -20.63 48.72
C ASN B 44 -6.14 -19.43 49.60
N SER B 45 -4.86 -19.07 49.70
CA SER B 45 -4.40 -17.94 50.47
C SER B 45 -4.37 -16.67 49.62
N THR B 46 -3.29 -16.45 48.88
CA THR B 46 -3.11 -15.26 48.07
C THR B 46 -2.52 -15.54 46.69
N LEU B 47 -2.06 -14.50 46.02
CA LEU B 47 -1.46 -14.65 44.71
C LEU B 47 -0.01 -15.08 44.91
N GLN B 48 0.28 -16.27 44.43
CA GLN B 48 1.59 -16.88 44.64
C GLN B 48 2.42 -16.85 43.40
N VAL B 49 3.72 -16.97 43.58
CA VAL B 49 4.62 -17.06 42.46
C VAL B 49 4.56 -18.44 41.88
N SER B 50 4.37 -18.55 40.57
CA SER B 50 4.39 -19.85 39.97
C SER B 50 5.84 -20.20 39.76
N ASP B 51 6.31 -21.23 40.44
CA ASP B 51 7.69 -21.58 40.30
C ASP B 51 7.86 -22.49 39.10
N VAL B 52 9.06 -22.49 38.57
CA VAL B 52 9.43 -23.38 37.50
C VAL B 52 10.52 -24.35 37.91
N ASP B 53 11.20 -24.11 39.04
CA ASP B 53 12.22 -25.06 39.46
C ASP B 53 11.59 -26.14 40.33
N LYS B 54 10.64 -25.74 41.16
CA LYS B 54 9.89 -26.66 41.98
C LYS B 54 8.61 -27.02 41.27
N LEU B 55 8.38 -28.30 41.08
CA LEU B 55 7.15 -28.70 40.45
C LEU B 55 6.11 -28.76 41.53
N VAL B 56 5.12 -27.89 41.40
CA VAL B 56 4.11 -27.80 42.43
C VAL B 56 2.96 -28.71 42.07
N CYS B 57 2.80 -29.76 42.86
CA CYS B 57 1.84 -30.80 42.56
C CYS B 57 0.45 -30.50 43.08
N ARG B 58 0.31 -29.34 43.69
CA ARG B 58 -0.99 -28.89 44.19
C ARG B 58 -1.58 -27.90 43.21
N ASP B 59 -0.86 -27.57 42.14
CA ASP B 59 -1.34 -26.62 41.16
C ASP B 59 -1.99 -27.40 40.05
N LYS B 60 -3.30 -27.26 39.90
CA LYS B 60 -3.99 -28.07 38.91
C LYS B 60 -4.50 -27.23 37.75
N LEU B 61 -4.30 -27.77 36.57
CA LEU B 61 -4.74 -27.16 35.33
C LEU B 61 -5.49 -28.18 34.49
N SER B 62 -6.81 -28.17 34.56
CA SER B 62 -7.58 -29.17 33.81
C SER B 62 -7.89 -28.68 32.41
N SER B 63 -7.84 -27.37 32.21
CA SER B 63 -8.11 -26.84 30.88
C SER B 63 -7.42 -25.51 30.63
N THR B 64 -7.27 -25.17 29.36
CA THR B 64 -6.66 -23.89 28.97
C THR B 64 -7.58 -22.72 29.24
N ASN B 65 -8.80 -23.00 29.66
CA ASN B 65 -9.78 -21.99 29.96
C ASN B 65 -9.53 -21.41 31.35
N GLN B 66 -8.51 -21.92 32.03
CA GLN B 66 -8.07 -21.43 33.31
C GLN B 66 -6.92 -20.44 33.12
N LEU B 67 -6.54 -20.17 31.87
CA LEU B 67 -5.41 -19.30 31.62
C LEU B 67 -5.86 -17.91 31.22
N ARG B 68 -5.22 -16.88 31.77
CA ARG B 68 -5.55 -15.49 31.42
C ARG B 68 -4.40 -14.53 31.22
N SER B 69 -4.69 -13.52 30.38
CA SER B 69 -3.83 -12.37 30.12
C SER B 69 -4.62 -11.10 30.43
N VAL B 70 -4.16 -10.39 31.46
CA VAL B 70 -4.89 -9.22 31.90
C VAL B 70 -4.07 -7.94 31.80
N GLY B 71 -4.70 -6.90 31.25
CA GLY B 71 -4.06 -5.60 31.13
C GLY B 71 -4.35 -4.70 32.31
N LEU B 72 -3.28 -4.09 32.80
CA LEU B 72 -3.31 -3.17 33.94
C LEU B 72 -2.81 -1.78 33.56
N ASN B 73 -3.38 -0.72 34.14
CA ASN B 73 -2.87 0.61 33.81
C ASN B 73 -1.80 1.08 34.80
N LEU B 74 -0.90 1.97 34.37
CA LEU B 74 0.14 2.47 35.29
C LEU B 74 -0.42 3.43 36.33
N GLU B 75 -1.54 4.06 36.01
CA GLU B 75 -2.19 4.96 36.94
C GLU B 75 -2.66 4.20 38.17
N GLY B 76 -2.79 2.87 38.08
CA GLY B 76 -3.23 2.04 39.18
C GLY B 76 -2.15 1.95 40.26
N ASN B 77 -0.92 2.37 39.93
CA ASN B 77 0.18 2.38 40.87
C ASN B 77 0.56 3.82 41.21
N GLY B 78 -0.32 4.76 40.90
CA GLY B 78 -0.08 6.15 41.22
C GLY B 78 0.70 6.96 40.17
N VAL B 79 0.82 6.47 38.94
CA VAL B 79 1.54 7.24 37.94
C VAL B 79 0.70 8.41 37.41
N ALA B 80 1.31 9.60 37.37
CA ALA B 80 0.66 10.85 36.93
C ALA B 80 0.14 10.77 35.50
N THR B 81 -1.05 11.35 35.30
CA THR B 81 -1.72 11.36 34.00
C THR B 81 -1.83 12.71 33.26
N ASP B 82 -1.42 13.81 33.87
CA ASP B 82 -1.54 15.11 33.20
C ASP B 82 -0.66 15.13 31.96
N VAL B 83 -1.20 15.58 30.84
CA VAL B 83 -0.49 15.47 29.56
C VAL B 83 1.03 15.76 29.54
N PRO B 84 1.57 16.90 29.97
CA PRO B 84 3.00 17.14 29.98
C PRO B 84 3.80 16.18 30.86
N SER B 85 3.12 15.53 31.80
CA SER B 85 3.75 14.59 32.73
C SER B 85 3.71 13.18 32.17
N VAL B 86 3.05 13.04 31.02
CA VAL B 86 2.87 11.78 30.34
C VAL B 86 3.74 11.72 29.11
N THR B 87 3.74 12.78 28.34
CA THR B 87 4.49 12.76 27.10
C THR B 87 5.98 12.73 27.38
N LYS B 88 6.39 13.23 28.53
CA LYS B 88 7.78 13.22 28.91
C LYS B 88 8.32 11.82 29.12
N ARG B 89 7.41 10.85 29.30
CA ARG B 89 7.80 9.48 29.55
C ARG B 89 7.93 8.67 28.27
N TRP B 90 7.67 9.31 27.14
CA TRP B 90 7.67 8.66 25.84
C TRP B 90 8.79 9.26 25.00
N GLY B 91 9.38 8.51 24.09
CA GLY B 91 10.36 9.15 23.23
C GLY B 91 10.79 8.31 22.05
N PHE B 92 11.50 8.93 21.13
CA PHE B 92 11.87 8.24 19.91
C PHE B 92 13.19 7.52 19.79
N ARG B 93 13.08 6.38 19.11
CA ARG B 93 14.16 5.47 18.72
C ARG B 93 13.91 4.80 17.38
N SER B 94 14.99 4.31 16.78
CA SER B 94 14.97 3.57 15.54
C SER B 94 15.91 2.38 15.65
N GLY B 95 15.71 1.39 14.76
CA GLY B 95 16.56 0.17 14.72
C GLY B 95 15.99 -0.93 15.64
N VAL B 96 14.92 -0.57 16.32
CA VAL B 96 14.21 -1.39 17.26
C VAL B 96 12.81 -1.65 16.70
N PRO B 97 12.52 -2.82 16.16
CA PRO B 97 11.24 -3.11 15.58
C PRO B 97 10.23 -3.24 16.71
N PRO B 98 8.95 -2.93 16.49
CA PRO B 98 7.85 -3.10 17.41
C PRO B 98 7.40 -4.53 17.56
N LYS B 99 6.82 -4.86 18.71
CA LYS B 99 6.19 -6.16 18.97
C LYS B 99 4.86 -6.00 19.72
N VAL B 100 3.92 -6.95 19.50
CA VAL B 100 2.69 -6.96 20.31
C VAL B 100 2.33 -8.34 20.91
N VAL B 101 1.52 -8.28 21.98
CA VAL B 101 0.89 -9.44 22.66
C VAL B 101 -0.58 -9.13 22.92
N ASN B 102 -1.43 -10.13 23.21
CA ASN B 102 -2.83 -9.77 23.49
C ASN B 102 -3.30 -9.89 24.92
N TYR B 103 -4.57 -9.49 25.08
CA TYR B 103 -5.34 -9.55 26.30
C TYR B 103 -6.66 -10.25 26.15
N GLU B 104 -7.12 -10.81 27.26
CA GLU B 104 -8.43 -11.41 27.39
C GLU B 104 -9.35 -10.40 28.07
N ALA B 105 -8.74 -9.68 29.01
CA ALA B 105 -9.42 -8.74 29.88
C ALA B 105 -8.48 -7.66 30.34
N GLY B 106 -9.03 -6.63 30.95
CA GLY B 106 -8.20 -5.59 31.52
C GLY B 106 -8.98 -4.53 32.27
N GLU B 107 -8.22 -3.58 32.77
CA GLU B 107 -8.70 -2.45 33.54
C GLU B 107 -9.26 -1.35 32.65
N TRP B 108 -10.27 -0.65 33.15
CA TRP B 108 -10.78 0.54 32.48
C TRP B 108 -9.80 1.65 32.72
N ALA B 109 -9.61 2.53 31.75
CA ALA B 109 -8.71 3.65 31.99
C ALA B 109 -9.47 4.88 32.38
N GLU B 110 -8.98 5.63 33.32
CA GLU B 110 -9.62 6.90 33.57
C GLU B 110 -9.09 7.88 32.53
N ASN B 111 -7.80 7.71 32.20
CA ASN B 111 -7.07 8.57 31.28
C ASN B 111 -6.41 7.77 30.17
N CYS B 112 -6.86 7.99 28.96
CA CYS B 112 -6.36 7.27 27.78
C CYS B 112 -5.90 8.30 26.77
N TYR B 113 -4.92 7.99 25.94
CA TYR B 113 -4.32 9.01 25.05
C TYR B 113 -4.45 8.72 23.57
N ASN B 114 -4.47 9.78 22.76
CA ASN B 114 -4.55 9.65 21.29
C ASN B 114 -3.68 10.72 20.60
N LEU B 115 -2.60 10.33 19.94
CA LEU B 115 -1.74 11.35 19.37
C LEU B 115 -1.78 11.52 17.85
N GLU B 116 -1.71 12.78 17.44
CA GLU B 116 -1.55 13.23 16.06
C GLU B 116 -0.45 14.25 16.03
N ILE B 117 0.78 13.77 16.08
CA ILE B 117 1.91 14.65 16.14
C ILE B 117 2.67 14.58 14.85
N LYS B 118 2.96 15.74 14.33
CA LYS B 118 3.70 15.91 13.11
C LYS B 118 5.09 16.43 13.42
N LYS B 119 6.00 16.22 12.51
CA LYS B 119 7.32 16.70 12.66
C LYS B 119 7.23 18.19 12.39
N PRO B 120 8.20 19.01 12.73
CA PRO B 120 8.18 20.44 12.51
C PRO B 120 7.98 20.81 11.03
N ASP B 121 8.29 19.89 10.11
CA ASP B 121 8.15 20.15 8.69
C ASP B 121 6.78 19.73 8.13
N GLY B 122 5.87 19.30 9.00
CA GLY B 122 4.53 18.90 8.59
C GLY B 122 4.33 17.41 8.28
N SER B 123 5.41 16.62 8.28
CA SER B 123 5.30 15.19 8.00
C SER B 123 4.82 14.44 9.24
N GLU B 124 4.42 13.19 9.10
CA GLU B 124 3.93 12.48 10.29
C GLU B 124 5.08 11.93 11.15
N CYS B 125 4.96 12.00 12.52
CA CYS B 125 5.93 11.41 13.45
C CYS B 125 5.80 9.89 13.53
N LEU B 126 4.57 9.43 13.49
CA LEU B 126 4.25 8.04 13.64
C LEU B 126 3.38 7.60 12.51
N PRO B 127 3.46 6.34 12.09
CA PRO B 127 2.61 5.75 11.10
C PRO B 127 1.26 5.54 11.70
N ALA B 128 0.24 5.51 10.88
CA ALA B 128 -1.09 5.19 11.35
C ALA B 128 -1.09 3.77 11.83
N ALA B 129 -1.87 3.50 12.85
CA ALA B 129 -1.93 2.15 13.35
C ALA B 129 -2.29 1.13 12.26
N PRO B 130 -1.63 -0.04 12.23
CA PRO B 130 -1.79 -1.15 11.31
C PRO B 130 -3.03 -1.97 11.56
N ASP B 131 -3.37 -2.80 10.59
CA ASP B 131 -4.49 -3.69 10.76
C ASP B 131 -4.29 -4.56 11.98
N GLY B 132 -5.39 -4.72 12.71
CA GLY B 132 -5.44 -5.49 13.94
C GLY B 132 -5.47 -4.55 15.14
N ILE B 133 -5.21 -3.27 14.91
CA ILE B 133 -5.26 -2.29 15.97
C ILE B 133 -6.53 -1.46 15.94
N ARG B 134 -7.19 -1.42 17.09
CA ARG B 134 -8.37 -0.63 17.35
C ARG B 134 -8.12 0.05 18.67
N GLY B 135 -8.85 1.11 18.98
CA GLY B 135 -8.61 1.83 20.24
C GLY B 135 -9.05 1.07 21.50
N PHE B 136 -8.40 1.44 22.60
CA PHE B 136 -8.65 0.91 23.94
C PHE B 136 -10.16 0.97 24.18
N PRO B 137 -10.83 -0.11 24.66
CA PRO B 137 -12.28 -0.19 24.73
C PRO B 137 -13.02 0.63 25.75
N ARG B 138 -12.39 1.04 26.83
CA ARG B 138 -13.16 1.76 27.83
C ARG B 138 -12.34 2.82 28.52
N CYS B 139 -12.83 4.05 28.48
CA CYS B 139 -12.16 5.15 29.11
C CYS B 139 -13.06 6.34 29.39
N ARG B 140 -12.88 6.96 30.55
CA ARG B 140 -13.67 8.15 30.85
C ARG B 140 -13.19 9.40 30.13
N TYR B 141 -11.88 9.63 30.10
CA TYR B 141 -11.35 10.79 29.41
C TYR B 141 -10.23 10.43 28.47
N VAL B 142 -10.39 10.85 27.23
CA VAL B 142 -9.33 10.66 26.27
C VAL B 142 -8.65 11.97 26.04
N HIS B 143 -7.34 11.94 26.07
CA HIS B 143 -6.55 13.12 25.88
C HIS B 143 -5.94 13.06 24.52
N LYS B 144 -6.51 13.83 23.61
CA LYS B 144 -6.09 13.82 22.24
C LYS B 144 -5.21 15.03 22.00
N VAL B 145 -4.02 14.80 21.47
CA VAL B 145 -3.12 15.91 21.29
C VAL B 145 -2.72 16.12 19.85
N SER B 146 -2.94 17.34 19.38
CA SER B 146 -2.62 17.78 18.03
C SER B 146 -1.46 18.76 18.08
N GLY B 147 -0.36 18.41 17.45
CA GLY B 147 0.78 19.31 17.56
C GLY B 147 1.98 18.83 16.83
N THR B 148 3.10 19.50 17.10
CA THR B 148 4.36 19.15 16.46
C THR B 148 5.52 19.05 17.43
N GLY B 149 6.58 18.42 16.94
CA GLY B 149 7.84 18.38 17.65
C GLY B 149 8.83 17.45 16.97
N PRO B 150 10.10 17.45 17.36
CA PRO B 150 11.12 16.57 16.82
C PRO B 150 10.70 15.13 17.06
N CYS B 151 10.88 14.25 16.06
CA CYS B 151 10.55 12.82 16.11
C CYS B 151 11.66 12.10 15.32
N ALA B 152 12.82 11.95 15.94
CA ALA B 152 14.03 11.45 15.28
C ALA B 152 14.06 9.96 14.97
N GLY B 153 13.23 9.19 15.64
CA GLY B 153 13.22 7.74 15.50
C GLY B 153 12.13 7.30 14.56
N ASP B 154 11.78 6.01 14.64
CA ASP B 154 10.74 5.47 13.79
C ASP B 154 9.48 5.49 14.60
N PHE B 155 9.66 5.21 15.88
CA PHE B 155 8.59 5.13 16.84
C PHE B 155 8.90 5.70 18.16
N ALA B 156 7.85 6.08 18.84
CA ALA B 156 7.92 6.49 20.21
C ALA B 156 7.74 5.24 21.07
N PHE B 157 8.69 5.03 21.94
CA PHE B 157 8.78 3.92 22.85
C PHE B 157 8.58 4.42 24.25
N HIS B 158 8.12 3.55 25.12
CA HIS B 158 7.96 3.96 26.49
C HIS B 158 9.30 3.95 27.19
N LYS B 159 9.63 5.00 27.91
CA LYS B 159 10.93 5.10 28.56
C LYS B 159 11.10 4.21 29.78
N GLU B 160 10.01 3.70 30.34
CA GLU B 160 10.11 2.85 31.51
C GLU B 160 9.87 1.42 31.07
N GLY B 161 9.62 1.24 29.78
CA GLY B 161 9.29 -0.06 29.25
C GLY B 161 7.81 -0.42 29.34
N ALA B 162 6.93 0.51 29.68
CA ALA B 162 5.51 0.14 29.77
C ALA B 162 4.96 -0.02 28.36
N PHE B 163 3.87 -0.73 28.23
CA PHE B 163 3.23 -0.99 26.95
C PHE B 163 2.10 -0.03 26.65
N PHE B 164 1.89 0.18 25.38
CA PHE B 164 0.79 0.99 24.93
C PHE B 164 -0.34 0.01 24.72
N LEU B 165 -1.47 0.27 25.33
CA LEU B 165 -2.55 -0.67 25.28
C LEU B 165 -3.65 -0.24 24.36
N TYR B 166 -3.90 -1.04 23.38
CA TYR B 166 -4.90 -0.79 22.37
C TYR B 166 -6.09 -1.64 22.75
N ASP B 167 -7.07 -1.80 21.86
CA ASP B 167 -8.29 -2.53 22.19
C ASP B 167 -7.99 -3.77 23.02
N ARG B 168 -7.23 -4.69 22.45
CA ARG B 168 -6.86 -5.91 23.16
C ARG B 168 -5.41 -6.26 22.96
N LEU B 169 -4.65 -5.39 22.30
CA LEU B 169 -3.25 -5.70 22.11
C LEU B 169 -2.34 -4.71 22.80
N ALA B 170 -1.31 -5.24 23.42
CA ALA B 170 -0.27 -4.42 24.02
C ALA B 170 0.81 -4.24 23.01
N SER B 171 1.41 -3.07 22.97
CA SER B 171 2.47 -2.82 22.02
C SER B 171 3.61 -2.06 22.60
N THR B 172 4.77 -2.32 22.06
CA THR B 172 5.96 -1.61 22.48
C THR B 172 6.00 -0.17 21.94
N VAL B 173 5.15 0.14 20.96
CA VAL B 173 5.13 1.48 20.37
C VAL B 173 3.76 2.16 20.30
N ILE B 174 3.84 3.47 20.14
CA ILE B 174 2.66 4.29 19.94
C ILE B 174 2.33 4.39 18.46
N TYR B 175 1.08 4.12 18.10
CA TYR B 175 0.65 4.28 16.73
C TYR B 175 -0.20 5.51 16.55
N ARG B 176 -0.08 6.14 15.39
CA ARG B 176 -0.78 7.37 15.18
C ARG B 176 -2.28 7.21 14.99
N GLY B 177 -2.98 8.14 15.62
CA GLY B 177 -4.41 8.33 15.53
C GLY B 177 -5.21 7.37 16.37
N THR B 178 -4.53 6.52 17.12
CA THR B 178 -5.25 5.52 17.88
C THR B 178 -5.19 5.75 19.35
N THR B 179 -6.34 5.58 19.98
CA THR B 179 -6.48 5.72 21.40
C THR B 179 -5.85 4.53 22.13
N PHE B 180 -4.97 4.81 23.10
CA PHE B 180 -4.32 3.76 23.87
C PHE B 180 -4.11 4.11 25.33
N ALA B 181 -4.07 3.10 26.18
CA ALA B 181 -3.80 3.31 27.60
C ALA B 181 -2.35 3.00 27.89
N GLU B 182 -1.82 3.50 28.99
CA GLU B 182 -0.43 3.22 29.31
C GLU B 182 -0.35 2.17 30.43
N GLY B 183 0.31 1.02 30.20
CA GLY B 183 0.29 -0.03 31.22
C GLY B 183 1.16 -1.28 31.06
N VAL B 184 0.80 -2.29 31.82
CA VAL B 184 1.51 -3.57 31.95
C VAL B 184 0.60 -4.81 31.83
N VAL B 185 1.20 -5.99 31.64
CA VAL B 185 0.44 -7.24 31.55
C VAL B 185 0.83 -8.31 32.55
N ALA B 186 -0.18 -8.96 33.11
CA ALA B 186 0.07 -10.06 34.02
C ALA B 186 -0.51 -11.35 33.46
N PHE B 187 0.17 -12.46 33.70
CA PHE B 187 -0.34 -13.76 33.26
C PHE B 187 -0.68 -14.61 34.49
N LEU B 188 -1.90 -15.15 34.48
CA LEU B 188 -2.40 -15.98 35.58
C LEU B 188 -2.98 -17.33 35.26
N ILE B 189 -2.88 -18.24 36.23
CA ILE B 189 -3.64 -19.49 36.20
C ILE B 189 -4.69 -19.47 37.33
N LEU B 190 -5.97 -19.69 36.95
CA LEU B 190 -7.15 -19.68 37.81
C LEU B 190 -7.50 -21.14 38.17
N SER B 219 -18.10 9.07 28.87
CA SER B 219 -16.88 9.03 28.08
C SER B 219 -16.79 10.25 27.14
N THR B 220 -15.73 11.08 27.33
CA THR B 220 -15.44 12.29 26.54
C THR B 220 -14.00 12.35 26.09
N THR B 221 -13.73 13.31 25.22
CA THR B 221 -12.40 13.59 24.73
C THR B 221 -12.08 15.05 24.89
N ILE B 222 -10.90 15.31 25.39
CA ILE B 222 -10.39 16.63 25.54
C ILE B 222 -9.27 16.80 24.55
N ARG B 223 -9.34 17.86 23.79
CA ARG B 223 -8.31 18.10 22.81
C ARG B 223 -7.35 19.12 23.35
N TYR B 224 -6.09 18.89 23.01
CA TYR B 224 -5.04 19.79 23.38
C TYR B 224 -4.19 20.10 22.20
N GLN B 225 -3.58 21.27 22.21
CA GLN B 225 -2.62 21.59 21.17
C GLN B 225 -1.24 21.46 21.75
N ALA B 226 -0.26 21.19 20.91
CA ALA B 226 1.09 21.09 21.45
C ALA B 226 2.20 21.58 20.53
N THR B 227 3.26 22.02 21.18
CA THR B 227 4.52 22.40 20.55
C THR B 227 5.67 21.82 21.36
N GLY B 228 6.75 21.48 20.66
CA GLY B 228 7.91 20.92 21.34
C GLY B 228 7.58 19.50 21.79
N PHE B 229 6.76 18.79 21.05
CA PHE B 229 6.38 17.47 21.50
C PHE B 229 7.55 16.58 21.91
N GLY B 230 8.62 16.59 21.11
CA GLY B 230 9.77 15.72 21.37
C GLY B 230 10.88 16.37 22.22
N THR B 231 10.65 17.56 22.76
CA THR B 231 11.65 18.28 23.53
C THR B 231 11.37 18.20 25.03
N ASN B 232 12.34 18.66 25.87
CA ASN B 232 12.15 18.76 27.33
C ASN B 232 11.34 20.03 27.70
N GLU B 233 11.59 21.15 26.98
CA GLU B 233 10.91 22.44 27.08
C GLU B 233 9.75 22.42 26.10
N THR B 234 8.54 22.22 26.62
CA THR B 234 7.37 22.03 25.79
C THR B 234 6.23 22.91 26.24
N GLU B 235 5.18 23.01 25.43
CA GLU B 235 4.00 23.74 25.84
C GLU B 235 2.72 23.14 25.28
N TYR B 236 1.71 23.12 26.14
CA TYR B 236 0.41 22.59 25.79
C TYR B 236 -0.70 23.55 26.10
N LEU B 237 -1.75 23.48 25.28
CA LEU B 237 -2.97 24.26 25.48
C LEU B 237 -4.19 23.40 25.60
N PHE B 238 -5.12 23.82 26.43
CA PHE B 238 -6.43 23.19 26.52
C PHE B 238 -7.39 23.88 25.60
N GLU B 239 -8.04 23.10 24.74
CA GLU B 239 -8.95 23.68 23.78
C GLU B 239 -10.37 23.78 24.26
N VAL B 240 -10.91 24.99 24.12
CA VAL B 240 -12.28 25.32 24.47
C VAL B 240 -13.07 25.49 23.17
N ASP B 241 -12.46 26.20 22.23
CA ASP B 241 -13.06 26.50 20.92
C ASP B 241 -11.96 26.66 19.90
N ASN B 242 -12.29 26.91 18.64
CA ASN B 242 -11.26 27.00 17.61
C ASN B 242 -10.30 28.14 17.84
N LEU B 243 -10.78 29.25 18.39
CA LEU B 243 -9.92 30.36 18.65
C LEU B 243 -9.71 30.56 20.14
N THR B 244 -10.13 29.57 20.94
CA THR B 244 -10.05 29.76 22.39
C THR B 244 -9.25 28.69 23.08
N TYR B 245 -8.17 29.14 23.69
CA TYR B 245 -7.26 28.26 24.39
C TYR B 245 -6.88 28.79 25.72
N VAL B 246 -6.54 27.89 26.60
CA VAL B 246 -6.01 28.37 27.84
C VAL B 246 -4.69 27.66 28.01
N GLN B 247 -3.80 28.23 28.78
CA GLN B 247 -2.54 27.52 28.99
C GLN B 247 -2.81 26.28 29.80
N LEU B 248 -2.14 25.18 29.46
CA LEU B 248 -2.38 23.98 30.24
C LEU B 248 -1.45 23.98 31.45
N GLU B 249 -2.02 23.66 32.61
CA GLU B 249 -1.26 23.57 33.84
C GLU B 249 -1.60 22.28 34.57
N SER B 250 -0.58 21.69 35.19
CA SER B 250 -0.63 20.40 35.87
C SER B 250 -1.56 20.30 37.07
N ARG B 251 -2.06 21.42 37.56
CA ARG B 251 -2.97 21.39 38.69
C ARG B 251 -4.41 21.17 38.24
N PHE B 252 -4.62 21.10 36.92
CA PHE B 252 -5.96 20.93 36.39
C PHE B 252 -6.27 19.53 35.92
N THR B 253 -7.19 18.93 36.65
CA THR B 253 -7.67 17.59 36.40
C THR B 253 -8.62 17.74 35.24
N PRO B 254 -9.04 16.68 34.54
CA PRO B 254 -9.99 16.78 33.45
C PRO B 254 -11.25 17.54 33.84
N GLN B 255 -11.68 17.38 35.09
CA GLN B 255 -12.89 18.05 35.51
C GLN B 255 -12.66 19.52 35.73
N PHE B 256 -11.49 19.85 36.22
CA PHE B 256 -11.15 21.22 36.51
C PHE B 256 -11.02 21.92 35.16
N LEU B 257 -10.41 21.25 34.18
CA LEU B 257 -10.26 21.86 32.88
C LEU B 257 -11.63 22.09 32.25
N LEU B 258 -12.53 21.15 32.41
CA LEU B 258 -13.85 21.34 31.85
C LEU B 258 -14.56 22.48 32.56
N GLN B 259 -14.32 22.67 33.85
CA GLN B 259 -14.91 23.81 34.54
C GLN B 259 -14.39 25.11 33.91
N LEU B 260 -13.12 25.13 33.48
CA LEU B 260 -12.60 26.32 32.82
C LEU B 260 -13.36 26.55 31.50
N ASN B 261 -13.67 25.45 30.74
CA ASN B 261 -14.43 25.50 29.48
C ASN B 261 -15.84 26.05 29.73
N GLU B 262 -16.50 25.64 30.85
CA GLU B 262 -17.84 26.08 31.20
C GLU B 262 -17.85 27.58 31.51
N THR B 263 -16.82 28.03 32.21
CA THR B 263 -16.73 29.43 32.56
C THR B 263 -16.58 30.32 31.34
N ILE B 264 -15.66 29.96 30.44
CA ILE B 264 -15.40 30.79 29.29
C ILE B 264 -16.50 30.68 28.26
N TYR B 265 -16.90 29.46 27.96
CA TYR B 265 -17.89 29.23 26.96
C TYR B 265 -19.16 29.98 27.33
N ALA B 266 -19.60 29.82 28.58
CA ALA B 266 -20.80 30.46 29.06
C ALA B 266 -20.71 31.97 29.15
N SER B 267 -19.56 32.55 29.56
CA SER B 267 -19.53 34.00 29.66
C SER B 267 -19.56 34.63 28.29
N GLY B 268 -19.06 33.89 27.30
CA GLY B 268 -19.06 34.34 25.92
C GLY B 268 -17.84 35.18 25.61
N LYS B 269 -16.97 35.35 26.59
CA LYS B 269 -15.80 36.16 26.37
C LYS B 269 -14.73 35.33 25.74
N ARG B 270 -14.86 35.16 24.45
CA ARG B 270 -13.99 34.37 23.61
C ARG B 270 -13.27 35.24 22.61
N SER B 271 -12.30 34.69 21.87
CA SER B 271 -11.54 35.57 21.01
C SER B 271 -12.45 36.43 20.13
N ASN B 272 -12.17 37.75 20.12
CA ASN B 272 -12.88 38.78 19.35
C ASN B 272 -12.03 39.30 18.16
N THR B 273 -11.02 38.50 17.72
CA THR B 273 -10.11 38.76 16.61
C THR B 273 -10.15 37.58 15.67
N THR B 274 -9.31 37.60 14.65
CA THR B 274 -9.32 36.54 13.67
C THR B 274 -8.51 35.32 14.09
N GLY B 275 -7.53 35.52 14.93
CA GLY B 275 -6.69 34.43 15.40
C GLY B 275 -7.11 33.94 16.76
N LYS B 276 -6.32 33.01 17.26
CA LYS B 276 -6.63 32.42 18.55
C LYS B 276 -5.95 33.19 19.64
N LEU B 277 -6.58 33.22 20.78
CA LEU B 277 -6.01 33.85 21.93
C LEU B 277 -5.86 32.84 23.03
N ILE B 278 -4.83 33.04 23.85
CA ILE B 278 -4.55 32.13 24.93
C ILE B 278 -4.66 32.81 26.28
N TRP B 279 -5.47 32.23 27.13
CA TRP B 279 -5.70 32.74 28.46
C TRP B 279 -4.66 32.27 29.42
N LYS B 280 -4.22 33.16 30.27
CA LYS B 280 -3.42 32.65 31.36
C LYS B 280 -4.47 32.22 32.32
N VAL B 281 -4.22 31.22 33.11
CA VAL B 281 -5.17 30.96 34.16
C VAL B 281 -4.43 31.30 35.43
N ASN B 282 -4.98 32.23 36.17
CA ASN B 282 -4.33 32.73 37.37
C ASN B 282 -4.10 31.58 38.34
N PRO B 283 -2.88 31.40 38.86
CA PRO B 283 -2.49 30.36 39.83
C PRO B 283 -3.32 30.24 41.12
N GLU B 284 -4.05 31.32 41.56
CA GLU B 284 -4.88 31.38 42.77
C GLU B 284 -5.66 30.08 43.05
N VAL C 43 5.55 -15.06 47.95
CA VAL C 43 4.35 -14.70 47.21
C VAL C 43 4.67 -13.43 46.42
N ILE C 44 3.67 -12.82 45.74
CA ILE C 44 3.86 -11.59 44.94
C ILE C 44 3.46 -10.31 45.71
N VAL C 45 4.45 -9.43 45.92
CA VAL C 45 4.27 -8.22 46.74
C VAL C 45 4.52 -6.90 46.01
N ASN C 46 3.51 -6.03 46.01
CA ASN C 46 3.62 -4.74 45.31
C ASN C 46 4.25 -3.66 46.15
N ALA C 47 5.56 -3.78 46.30
CA ALA C 47 6.31 -2.89 47.15
C ALA C 47 6.65 -1.55 46.48
N GLN C 48 5.62 -0.73 46.29
CA GLN C 48 5.79 0.60 45.70
C GLN C 48 4.82 1.57 46.39
N PRO C 49 5.04 2.90 46.37
CA PRO C 49 4.24 3.92 47.05
C PRO C 49 2.72 3.92 46.88
N LYS C 50 2.20 3.57 45.71
CA LYS C 50 0.75 3.59 45.55
C LYS C 50 0.19 2.34 44.89
N CYS C 51 -1.10 2.06 45.19
CA CYS C 51 -1.87 0.97 44.62
C CYS C 51 -3.35 1.26 44.75
N ASN C 52 -4.04 1.12 43.64
CA ASN C 52 -5.47 1.20 43.55
C ASN C 52 -6.05 -0.08 44.11
N PRO C 53 -6.84 -0.07 45.18
CA PRO C 53 -7.35 -1.24 45.83
C PRO C 53 -8.56 -1.85 45.14
N ASN C 54 -8.91 -1.37 43.95
CA ASN C 54 -10.03 -1.97 43.29
C ASN C 54 -9.70 -2.23 41.83
N LEU C 55 -10.62 -2.86 41.12
CA LEU C 55 -10.51 -3.05 39.69
C LEU C 55 -11.82 -2.88 39.00
N HIS C 56 -11.80 -2.14 37.90
CA HIS C 56 -12.98 -1.98 37.08
C HIS C 56 -12.59 -2.68 35.82
N TYR C 57 -13.27 -3.77 35.54
CA TYR C 57 -12.95 -4.67 34.45
C TYR C 57 -13.74 -4.51 33.21
N TRP C 58 -13.09 -4.85 32.11
CA TRP C 58 -13.72 -5.07 30.84
C TRP C 58 -13.18 -6.38 30.34
N THR C 59 -13.97 -7.10 29.57
CA THR C 59 -13.51 -8.35 28.98
C THR C 59 -14.35 -8.86 27.83
N THR C 60 -13.77 -9.70 26.99
CA THR C 60 -14.64 -10.32 25.97
C THR C 60 -15.25 -11.70 26.39
N GLN C 61 -14.94 -12.18 27.63
CA GLN C 61 -15.42 -13.43 28.25
C GLN C 61 -16.95 -13.43 28.30
N ALA C 66 -27.10 -17.46 25.99
CA ALA C 66 -27.98 -16.85 25.00
C ALA C 66 -27.67 -17.46 23.64
N ILE C 67 -28.62 -17.34 22.69
CA ILE C 67 -28.54 -17.81 21.30
C ILE C 67 -29.52 -16.96 20.51
N GLY C 68 -29.27 -16.76 19.23
CA GLY C 68 -30.17 -15.98 18.40
C GLY C 68 -29.39 -15.37 17.26
N LEU C 69 -29.99 -14.39 16.59
CA LEU C 69 -29.36 -13.77 15.42
C LEU C 69 -28.16 -12.98 15.84
N ALA C 70 -28.06 -12.69 17.11
CA ALA C 70 -26.97 -11.93 17.66
C ALA C 70 -25.65 -12.64 17.41
N TRP C 71 -25.69 -13.96 17.17
CA TRP C 71 -24.50 -14.77 16.96
C TRP C 71 -24.02 -14.75 15.52
N ILE C 72 -24.77 -14.08 14.67
CA ILE C 72 -24.44 -13.92 13.29
C ILE C 72 -23.85 -12.53 13.14
N PRO C 73 -22.61 -12.35 12.66
CA PRO C 73 -21.93 -11.06 12.50
C PRO C 73 -22.79 -10.02 11.80
N TYR C 74 -23.59 -10.47 10.85
CA TYR C 74 -24.51 -9.62 10.11
C TYR C 74 -25.50 -8.91 11.02
N PHE C 75 -26.03 -9.62 12.03
CA PHE C 75 -27.03 -9.02 12.89
C PHE C 75 -26.49 -8.61 14.25
N GLY C 76 -25.34 -9.14 14.62
CA GLY C 76 -24.80 -8.89 15.93
C GLY C 76 -24.23 -7.47 16.02
N PRO C 77 -23.77 -7.07 17.21
CA PRO C 77 -23.23 -5.79 17.56
C PRO C 77 -21.84 -5.54 17.01
N ALA C 78 -21.49 -4.26 16.92
CA ALA C 78 -20.16 -3.82 16.58
C ALA C 78 -19.25 -4.17 17.74
N ALA C 79 -17.95 -4.27 17.47
CA ALA C 79 -16.96 -4.70 18.45
C ALA C 79 -16.95 -3.90 19.77
N GLU C 80 -17.27 -2.63 19.77
CA GLU C 80 -17.22 -1.92 21.05
C GLU C 80 -18.26 -2.47 22.05
N GLY C 81 -19.26 -3.17 21.54
CA GLY C 81 -20.36 -3.73 22.31
C GLY C 81 -20.18 -5.20 22.71
N ILE C 82 -19.01 -5.80 22.47
CA ILE C 82 -18.91 -7.23 22.80
C ILE C 82 -18.22 -7.45 24.13
N TYR C 83 -18.04 -6.39 24.88
CA TYR C 83 -17.40 -6.49 26.15
C TYR C 83 -18.37 -6.55 27.30
N THR C 84 -17.97 -7.28 28.34
CA THR C 84 -18.72 -7.35 29.57
C THR C 84 -17.85 -6.69 30.64
N GLU C 85 -18.43 -6.40 31.79
CA GLU C 85 -17.69 -5.72 32.84
C GLU C 85 -18.11 -6.06 34.26
N GLY C 86 -17.39 -5.44 35.21
CA GLY C 86 -17.70 -5.59 36.62
C GLY C 86 -16.64 -4.98 37.55
N LEU C 87 -16.90 -5.00 38.85
CA LEU C 87 -15.94 -4.45 39.82
C LEU C 87 -15.46 -5.51 40.78
N MET C 88 -14.21 -5.38 41.24
CA MET C 88 -13.73 -6.27 42.31
C MET C 88 -12.89 -5.53 43.36
N HIS C 89 -13.02 -5.96 44.60
CA HIS C 89 -12.23 -5.46 45.73
C HIS C 89 -10.94 -6.22 45.94
N ASN C 90 -9.98 -5.57 46.61
CA ASN C 90 -8.67 -6.16 46.90
C ASN C 90 -8.69 -7.09 48.08
N GLN C 91 -9.48 -8.11 47.91
CA GLN C 91 -9.64 -9.08 48.93
C GLN C 91 -8.34 -9.84 49.00
N ASP C 92 -7.81 -9.95 50.20
CA ASP C 92 -6.60 -10.68 50.51
C ASP C 92 -5.36 -10.13 49.82
N GLY C 93 -5.42 -8.89 49.33
CA GLY C 93 -4.25 -8.28 48.72
C GLY C 93 -4.02 -8.72 47.27
N LEU C 94 -4.99 -9.41 46.70
CA LEU C 94 -4.86 -9.94 45.35
C LEU C 94 -4.71 -8.88 44.29
N ILE C 95 -5.38 -7.75 44.41
CA ILE C 95 -5.26 -6.78 43.33
C ILE C 95 -3.86 -6.18 43.24
N CYS C 96 -3.27 -5.79 44.38
CA CYS C 96 -1.95 -5.19 44.43
C CYS C 96 -0.92 -6.24 44.04
N GLY C 97 -1.11 -7.49 44.47
CA GLY C 97 -0.15 -8.50 44.07
C GLY C 97 -0.15 -8.61 42.55
N LEU C 98 -1.33 -8.50 41.92
CA LEU C 98 -1.39 -8.57 40.48
C LEU C 98 -0.58 -7.46 39.83
N ARG C 99 -0.58 -6.28 40.46
CA ARG C 99 0.18 -5.18 39.91
C ARG C 99 1.65 -5.51 39.94
N GLN C 100 2.12 -6.12 41.01
CA GLN C 100 3.52 -6.44 40.99
C GLN C 100 3.81 -7.51 39.98
N LEU C 101 2.91 -8.45 39.82
CA LEU C 101 3.17 -9.50 38.86
C LEU C 101 3.37 -8.87 37.51
N ALA C 102 2.49 -7.95 37.14
CA ALA C 102 2.64 -7.28 35.85
C ALA C 102 3.97 -6.49 35.73
N ASN C 103 4.46 -5.89 36.85
CA ASN C 103 5.70 -5.12 36.93
C ASN C 103 6.95 -6.01 36.70
N GLU C 104 6.92 -7.28 37.20
CA GLU C 104 7.99 -8.27 37.04
C GLU C 104 7.97 -8.86 35.62
N THR C 105 6.74 -9.08 35.15
CA THR C 105 6.45 -9.63 33.85
C THR C 105 6.95 -8.71 32.78
N THR C 106 6.76 -7.42 32.97
CA THR C 106 7.20 -6.48 31.96
C THR C 106 8.65 -6.67 31.61
N GLN C 107 9.51 -6.86 32.58
CA GLN C 107 10.90 -6.98 32.20
C GLN C 107 11.17 -8.29 31.48
N ALA C 108 10.59 -9.37 31.97
CA ALA C 108 10.86 -10.64 31.30
C ALA C 108 10.31 -10.66 29.89
N LEU C 109 9.15 -10.04 29.73
CA LEU C 109 8.44 -10.01 28.50
C LEU C 109 9.12 -9.12 27.48
N GLN C 110 9.60 -7.96 27.88
CA GLN C 110 10.25 -7.14 26.89
C GLN C 110 11.48 -7.84 26.34
N LEU C 111 12.21 -8.56 27.19
CA LEU C 111 13.39 -9.23 26.68
C LEU C 111 12.98 -10.40 25.78
N PHE C 112 11.95 -11.12 26.19
CA PHE C 112 11.43 -12.23 25.42
C PHE C 112 11.03 -11.81 24.03
N LEU C 113 10.25 -10.74 23.94
CA LEU C 113 9.79 -10.28 22.66
C LEU C 113 10.96 -9.81 21.83
N ARG C 114 11.94 -9.18 22.46
CA ARG C 114 13.09 -8.70 21.72
C ARG C 114 13.80 -9.82 20.97
N ALA C 115 13.87 -10.98 21.59
CA ALA C 115 14.57 -12.12 21.04
C ALA C 115 13.81 -12.93 19.98
N THR C 116 12.53 -12.63 19.72
CA THR C 116 11.77 -13.43 18.77
C THR C 116 11.57 -12.79 17.40
N THR C 117 10.97 -13.55 16.53
CA THR C 117 10.67 -13.15 15.16
C THR C 117 9.21 -12.87 14.95
N GLU C 118 8.42 -13.28 15.90
CA GLU C 118 7.00 -13.12 15.76
C GLU C 118 6.55 -11.75 16.19
N LEU C 119 5.99 -11.01 15.25
CA LEU C 119 5.54 -9.66 15.48
C LEU C 119 4.31 -9.65 16.37
N ARG C 120 3.46 -10.66 16.21
CA ARG C 120 2.23 -10.76 16.97
C ARG C 120 2.17 -12.06 17.75
N THR C 121 2.59 -12.03 19.01
CA THR C 121 2.73 -13.27 19.75
C THR C 121 1.63 -13.50 20.75
N PHE C 122 0.83 -14.51 20.47
CA PHE C 122 -0.28 -14.89 21.33
C PHE C 122 -0.05 -16.28 21.93
N SER C 123 1.16 -16.77 21.79
CA SER C 123 1.56 -18.12 22.20
C SER C 123 1.99 -18.31 23.64
N ILE C 124 2.12 -17.25 24.43
CA ILE C 124 2.66 -17.40 25.76
C ILE C 124 1.85 -18.33 26.65
N LEU C 125 0.53 -18.20 26.67
CA LEU C 125 -0.22 -19.08 27.55
C LEU C 125 -0.19 -20.52 27.05
N ASN C 126 -0.12 -20.73 25.74
CA ASN C 126 -0.09 -22.09 25.24
C ASN C 126 1.24 -22.75 25.59
N ARG C 127 2.31 -21.96 25.55
CA ARG C 127 3.62 -22.50 25.89
C ARG C 127 3.64 -22.87 27.35
N LYS C 128 2.99 -22.07 28.18
CA LYS C 128 2.97 -22.40 29.59
C LYS C 128 2.21 -23.68 29.83
N ALA C 129 1.10 -23.90 29.12
CA ALA C 129 0.34 -25.13 29.31
C ALA C 129 1.18 -26.34 28.92
N ILE C 130 1.97 -26.19 27.86
CA ILE C 130 2.79 -27.31 27.42
C ILE C 130 3.87 -27.61 28.46
N ASP C 131 4.55 -26.57 28.96
CA ASP C 131 5.59 -26.80 29.96
C ASP C 131 5.01 -27.36 31.24
N PHE C 132 3.80 -26.93 31.58
CA PHE C 132 3.17 -27.42 32.77
C PHE C 132 3.10 -28.93 32.74
N LEU C 133 2.61 -29.49 31.63
CA LEU C 133 2.56 -30.92 31.58
C LEU C 133 3.92 -31.56 31.40
N LEU C 134 4.81 -30.98 30.60
CA LEU C 134 6.12 -31.61 30.36
C LEU C 134 6.92 -31.74 31.63
N GLN C 135 6.84 -30.77 32.52
CA GLN C 135 7.64 -30.91 33.70
C GLN C 135 7.26 -32.12 34.54
N ARG C 136 5.99 -32.53 34.53
CA ARG C 136 5.62 -33.68 35.31
C ARG C 136 5.69 -34.98 34.48
N TRP C 137 5.30 -34.91 33.20
CA TRP C 137 5.27 -36.07 32.31
C TRP C 137 6.26 -36.08 31.13
N GLY C 138 7.34 -35.29 31.16
CA GLY C 138 8.37 -35.19 30.13
C GLY C 138 8.92 -36.57 29.73
N SER D 20 12.31 48.33 28.80
CA SER D 20 13.24 47.60 27.95
C SER D 20 13.85 46.37 28.71
N VAL D 21 12.96 45.57 29.35
CA VAL D 21 13.28 44.36 30.13
C VAL D 21 13.64 43.19 29.25
N LEU D 22 12.92 43.04 28.14
CA LEU D 22 13.21 41.87 27.32
C LEU D 22 14.33 42.23 26.38
N THR D 23 15.37 41.42 26.42
CA THR D 23 16.52 41.71 25.63
C THR D 23 16.18 41.48 24.21
N GLN D 24 16.55 42.42 23.39
CA GLN D 24 16.39 42.32 21.95
C GLN D 24 17.73 42.78 21.43
N PRO D 25 18.17 42.34 20.26
CA PRO D 25 19.38 42.84 19.67
C PRO D 25 19.07 44.28 19.37
N PRO D 26 20.04 45.18 19.37
CA PRO D 26 19.84 46.58 19.03
C PRO D 26 19.50 46.76 17.56
N SER D 27 19.86 45.79 16.74
CA SER D 27 19.63 45.88 15.32
C SER D 27 19.58 44.53 14.67
N ALA D 28 19.09 44.53 13.45
CA ALA D 28 18.99 43.37 12.61
C ALA D 28 19.10 43.85 11.18
N SER D 29 19.51 43.01 10.27
CA SER D 29 19.56 43.48 8.89
C SER D 29 19.56 42.36 7.87
N GLY D 30 19.30 42.77 6.65
CA GLY D 30 19.39 41.90 5.49
C GLY D 30 18.98 42.64 4.25
N THR D 31 19.17 42.02 3.10
CA THR D 31 18.83 42.61 1.82
C THR D 31 17.36 42.35 1.57
N PRO D 32 16.71 43.03 0.63
CA PRO D 32 15.37 42.72 0.24
C PRO D 32 15.37 41.27 -0.22
N GLY D 33 14.33 40.55 0.17
CA GLY D 33 14.13 39.16 -0.18
C GLY D 33 14.84 38.20 0.77
N GLN D 34 15.64 38.73 1.70
CA GLN D 34 16.37 37.92 2.63
C GLN D 34 15.52 37.46 3.78
N ARG D 35 15.71 36.23 4.24
CA ARG D 35 15.00 35.83 5.43
C ARG D 35 15.78 36.36 6.61
N VAL D 36 15.10 37.09 7.47
CA VAL D 36 15.73 37.67 8.66
C VAL D 36 14.93 37.39 9.90
N SER D 37 15.56 37.52 11.07
CA SER D 37 14.82 37.38 12.32
C SER D 37 15.37 38.25 13.43
N ILE D 38 14.48 38.51 14.40
CA ILE D 38 14.77 39.28 15.57
C ILE D 38 14.48 38.50 16.84
N SER D 39 15.49 38.32 17.67
CA SER D 39 15.31 37.59 18.90
C SER D 39 14.76 38.47 20.04
N CYS D 40 14.25 37.80 21.10
CA CYS D 40 13.73 38.39 22.33
C CYS D 40 14.04 37.46 23.51
N SER D 41 14.52 38.02 24.63
CA SER D 41 14.81 37.19 25.82
C SER D 41 14.51 37.80 27.20
N GLY D 42 13.74 37.04 27.99
CA GLY D 42 13.29 37.46 29.31
C GLY D 42 13.42 36.34 30.33
N SER D 43 12.36 36.18 31.10
CA SER D 43 12.28 35.22 32.20
C SER D 43 10.93 34.54 32.20
N ARG D 44 10.72 33.67 33.20
CA ARG D 44 9.50 32.88 33.35
C ARG D 44 8.32 33.67 33.84
N SER D 45 8.57 34.91 34.24
CA SER D 45 7.52 35.77 34.72
C SER D 45 6.87 36.49 33.54
N ASN D 46 7.49 36.42 32.37
CA ASN D 46 7.00 37.17 31.25
C ASN D 46 6.90 36.27 30.03
N ILE D 47 8.02 36.06 29.34
CA ILE D 47 7.99 35.23 28.12
C ILE D 47 7.69 33.80 28.47
N GLY D 48 8.25 33.32 29.56
CA GLY D 48 7.99 31.95 29.93
C GLY D 48 6.74 31.86 30.78
N GLY D 49 6.03 32.98 30.89
CA GLY D 49 4.82 33.14 31.64
C GLY D 49 3.66 33.11 30.65
N ASN D 50 3.45 34.27 30.04
CA ASN D 50 2.40 34.63 29.11
C ASN D 50 2.83 34.48 27.65
N THR D 51 1.93 34.79 26.71
CA THR D 51 2.31 34.74 25.31
C THR D 51 3.04 36.00 24.96
N VAL D 52 3.70 36.00 23.81
CA VAL D 52 4.43 37.17 23.39
C VAL D 52 3.88 37.75 22.11
N ASP D 53 3.63 39.05 22.16
CA ASP D 53 3.14 39.79 21.02
C ASP D 53 4.31 40.58 20.44
N TRP D 54 4.22 40.93 19.16
CA TRP D 54 5.22 41.77 18.53
C TRP D 54 4.58 42.95 17.85
N TYR D 55 5.30 44.06 17.84
CA TYR D 55 4.88 45.28 17.18
C TYR D 55 5.92 45.78 16.19
N GLN D 56 5.45 46.38 15.09
CA GLN D 56 6.32 46.99 14.09
C GLN D 56 6.17 48.50 14.01
N GLN D 57 7.22 49.22 14.37
CA GLN D 57 7.19 50.68 14.34
C GLN D 57 7.96 51.24 13.18
N LEU D 58 7.22 51.69 12.20
CA LEU D 58 7.86 52.23 11.02
C LEU D 58 8.41 53.58 11.45
N PRO D 59 9.48 54.09 10.85
CA PRO D 59 10.04 55.36 11.19
C PRO D 59 8.99 56.46 11.09
N GLY D 60 8.97 57.32 12.09
CA GLY D 60 8.06 58.47 12.12
C GLY D 60 6.66 58.19 12.65
N THR D 61 6.33 56.95 12.96
CA THR D 61 4.98 56.64 13.43
C THR D 61 4.94 55.71 14.64
N ASP D 62 3.72 55.44 15.14
CA ASP D 62 3.49 54.52 16.24
C ASP D 62 3.65 53.08 15.75
N PRO D 63 3.97 52.12 16.63
CA PRO D 63 4.04 50.71 16.32
C PRO D 63 2.70 50.10 16.06
N LYS D 64 2.65 49.13 15.19
CA LYS D 64 1.41 48.42 14.98
C LYS D 64 1.53 47.00 15.44
N LEU D 65 0.43 46.43 15.91
CA LEU D 65 0.49 45.04 16.27
C LEU D 65 0.82 44.28 15.03
N LEU D 66 1.84 43.47 15.11
CA LEU D 66 2.31 42.72 13.99
C LEU D 66 2.00 41.24 14.16
N ILE D 67 2.27 40.75 15.36
CA ILE D 67 2.10 39.36 15.69
C ILE D 67 1.44 39.27 17.05
N TYR D 68 0.51 38.36 17.24
CA TYR D 68 -0.03 38.17 18.57
C TYR D 68 -0.15 36.71 18.91
N SER D 69 -0.20 36.42 20.20
CA SER D 69 -0.31 35.04 20.64
C SER D 69 0.79 34.19 20.02
N ASN D 70 2.02 34.71 19.98
CA ASN D 70 3.21 34.05 19.46
C ASN D 70 3.30 34.00 17.93
N ASP D 71 2.27 33.49 17.26
CA ASP D 71 2.29 33.38 15.81
C ASP D 71 1.04 33.77 15.01
N GLN D 72 0.11 34.52 15.57
CA GLN D 72 -1.10 34.88 14.84
C GLN D 72 -0.94 36.23 14.17
N ARG D 73 -1.43 36.37 12.96
CA ARG D 73 -1.34 37.66 12.29
C ARG D 73 -2.61 38.49 12.44
N PRO D 74 -2.51 39.77 12.79
CA PRO D 74 -3.57 40.75 12.79
C PRO D 74 -4.01 40.92 11.38
N SER D 75 -5.25 41.27 11.17
CA SER D 75 -5.66 41.54 9.81
C SER D 75 -4.80 42.67 9.30
N GLY D 76 -4.36 42.58 8.06
CA GLY D 76 -3.54 43.62 7.43
C GLY D 76 -2.05 43.28 7.45
N VAL D 77 -1.66 42.30 8.27
CA VAL D 77 -0.27 41.89 8.33
C VAL D 77 -0.04 40.78 7.31
N PRO D 78 0.93 40.91 6.41
CA PRO D 78 1.25 39.96 5.36
C PRO D 78 1.88 38.69 5.89
N ASP D 79 1.79 37.65 5.08
CA ASP D 79 2.21 36.30 5.35
C ASP D 79 3.69 36.11 5.57
N ARG D 80 4.48 37.09 5.20
CA ARG D 80 5.89 36.99 5.44
C ARG D 80 6.18 37.08 6.93
N PHE D 81 5.25 37.59 7.75
CA PHE D 81 5.53 37.70 9.17
C PHE D 81 5.09 36.47 9.95
N SER D 82 6.04 35.95 10.74
CA SER D 82 5.82 34.79 11.58
C SER D 82 6.65 34.91 12.83
N GLY D 83 6.55 33.93 13.73
CA GLY D 83 7.29 33.99 14.97
C GLY D 83 7.09 32.75 15.82
N SER D 84 7.73 32.74 16.98
CA SER D 84 7.69 31.62 17.89
C SER D 84 8.00 32.00 19.33
N LYS D 85 7.71 31.06 20.24
CA LYS D 85 8.03 31.22 21.65
C LYS D 85 8.53 29.89 22.20
N SER D 86 9.62 29.92 22.97
CA SER D 86 10.16 28.73 23.61
C SER D 86 10.87 29.09 24.91
N GLY D 87 10.47 28.47 26.02
CA GLY D 87 11.11 28.80 27.27
C GLY D 87 10.86 30.26 27.59
N THR D 88 11.94 30.99 27.81
CA THR D 88 11.91 32.40 28.15
C THR D 88 12.44 33.22 26.99
N SER D 89 12.54 32.57 25.83
CA SER D 89 12.98 33.21 24.61
C SER D 89 11.84 33.31 23.61
N ALA D 90 11.95 34.25 22.69
CA ALA D 90 10.95 34.40 21.64
C ALA D 90 11.59 34.98 20.39
N SER D 91 10.92 34.80 19.26
CA SER D 91 11.45 35.31 18.01
C SER D 91 10.44 35.73 16.95
N LEU D 92 10.81 36.79 16.25
CA LEU D 92 10.11 37.33 15.10
C LEU D 92 10.84 36.97 13.85
N ALA D 93 10.14 36.60 12.80
CA ALA D 93 10.84 36.33 11.56
C ALA D 93 10.10 36.89 10.36
N ILE D 94 10.89 37.30 9.37
CA ILE D 94 10.34 37.78 8.14
C ILE D 94 10.81 36.92 6.99
N SER D 95 9.87 36.23 6.35
CA SER D 95 10.15 35.31 5.26
C SER D 95 10.28 36.03 3.91
N GLY D 96 11.32 36.84 3.83
CA GLY D 96 11.68 37.65 2.69
C GLY D 96 11.39 39.10 2.98
N LEU D 97 12.43 39.79 3.43
CA LEU D 97 12.42 41.17 3.87
C LEU D 97 12.06 42.17 2.80
N GLN D 98 11.17 43.10 3.11
CA GLN D 98 10.83 44.12 2.14
C GLN D 98 11.38 45.47 2.57
N SER D 99 11.52 46.42 1.65
CA SER D 99 12.05 47.74 2.04
C SER D 99 11.14 48.48 3.01
N GLU D 100 9.85 48.19 2.97
CA GLU D 100 8.90 48.81 3.87
C GLU D 100 9.02 48.26 5.28
N ASP D 101 9.84 47.23 5.49
CA ASP D 101 9.99 46.64 6.79
C ASP D 101 11.06 47.30 7.62
N GLU D 102 11.73 48.32 7.09
CA GLU D 102 12.69 48.98 7.97
C GLU D 102 11.84 49.47 9.13
N ALA D 103 12.20 49.07 10.34
CA ALA D 103 11.37 49.42 11.50
C ALA D 103 12.02 49.07 12.82
N ASP D 104 11.48 49.65 13.88
CA ASP D 104 11.83 49.29 15.25
C ASP D 104 10.86 48.19 15.70
N TYR D 105 11.37 47.00 15.93
CA TYR D 105 10.47 45.92 16.30
C TYR D 105 10.52 45.69 17.78
N TYR D 106 9.37 45.43 18.36
CA TYR D 106 9.31 45.19 19.79
C TYR D 106 8.56 43.93 20.13
N CYS D 107 9.02 43.22 21.19
CA CYS D 107 8.35 42.06 21.77
C CYS D 107 7.70 42.50 23.09
N ALA D 108 6.57 41.88 23.44
CA ALA D 108 5.96 42.22 24.73
C ALA D 108 5.05 41.16 25.34
N ALA D 109 4.94 41.18 26.67
CA ALA D 109 4.07 40.26 27.41
C ALA D 109 3.75 40.79 28.82
N TRP D 110 2.75 40.19 29.48
CA TRP D 110 2.41 40.54 30.87
C TRP D 110 3.47 39.96 31.82
N ASP D 111 3.96 40.77 32.75
CA ASP D 111 4.94 40.36 33.77
C ASP D 111 4.27 40.08 35.10
N ASP D 112 4.22 38.80 35.42
CA ASP D 112 3.53 38.27 36.55
C ASP D 112 4.18 38.60 37.88
N SER D 113 5.49 38.84 37.89
CA SER D 113 6.18 39.04 39.16
C SER D 113 5.95 40.42 39.70
N LEU D 114 5.42 41.27 38.84
CA LEU D 114 5.16 42.64 39.15
C LEU D 114 3.68 42.86 39.19
N ASN D 115 2.96 41.72 39.26
CA ASN D 115 1.53 41.60 39.29
C ASN D 115 0.75 42.17 38.10
N GLY D 116 1.21 41.94 36.86
CA GLY D 116 0.46 42.43 35.68
C GLY D 116 1.12 43.63 35.00
N HIS D 117 2.43 43.71 35.11
CA HIS D 117 3.21 44.79 34.52
C HIS D 117 3.41 44.59 33.05
N TRP D 118 3.17 45.59 32.24
CA TRP D 118 3.37 45.33 30.84
C TRP D 118 4.80 45.57 30.46
N VAL D 119 5.39 44.57 29.84
CA VAL D 119 6.76 44.64 29.46
C VAL D 119 7.01 44.59 27.99
N PHE D 120 7.80 45.55 27.55
CA PHE D 120 8.29 45.61 26.19
C PHE D 120 9.77 45.26 26.20
N GLY D 121 10.26 44.75 25.09
CA GLY D 121 11.69 44.56 24.98
C GLY D 121 12.35 45.85 24.56
N GLY D 122 13.67 45.80 24.41
CA GLY D 122 14.45 46.99 24.06
C GLY D 122 14.11 47.65 22.74
N GLY D 123 13.76 46.87 21.74
CA GLY D 123 13.48 47.38 20.42
C GLY D 123 14.63 47.12 19.47
N THR D 124 14.35 46.51 18.33
CA THR D 124 15.40 46.18 17.38
C THR D 124 15.29 46.98 16.11
N LYS D 125 16.38 47.62 15.68
CA LYS D 125 16.33 48.37 14.43
C LYS D 125 16.68 47.51 13.25
N LEU D 126 15.69 47.20 12.45
CA LEU D 126 15.87 46.35 11.30
C LEU D 126 16.13 47.19 10.08
N THR D 127 17.29 46.97 9.47
CA THR D 127 17.73 47.71 8.31
C THR D 127 17.67 46.87 7.06
N VAL D 128 17.05 47.42 6.03
CA VAL D 128 16.94 46.72 4.78
C VAL D 128 18.10 47.26 3.92
N LEU D 129 18.91 46.35 3.37
CA LEU D 129 20.15 46.57 2.60
C LEU D 129 19.94 46.41 1.07
N GLN E 20 -33.07 2.83 -43.59
CA GLN E 20 -32.97 2.51 -45.01
C GLN E 20 -34.33 2.09 -45.61
N VAL E 21 -35.05 1.19 -44.93
CA VAL E 21 -36.31 0.60 -45.40
C VAL E 21 -37.45 1.56 -45.20
N GLN E 22 -38.16 1.78 -46.27
CA GLN E 22 -39.27 2.68 -46.26
C GLN E 22 -40.52 1.88 -46.02
N LEU E 23 -41.41 2.48 -45.28
CA LEU E 23 -42.71 1.90 -45.04
C LEU E 23 -43.69 3.03 -45.29
N VAL E 24 -44.43 2.96 -46.39
CA VAL E 24 -45.28 4.09 -46.75
C VAL E 24 -46.77 3.78 -46.80
N GLU E 25 -47.53 4.47 -45.95
CA GLU E 25 -48.97 4.29 -45.86
C GLU E 25 -49.74 4.89 -47.02
N SER E 26 -50.80 4.21 -47.40
CA SER E 26 -51.74 4.69 -48.38
C SER E 26 -53.15 4.21 -48.08
N GLY E 27 -54.12 5.07 -48.33
CA GLY E 27 -55.50 4.70 -48.07
C GLY E 27 -56.42 5.83 -48.55
N PRO E 28 -57.74 5.69 -48.37
CA PRO E 28 -58.77 6.60 -48.83
C PRO E 28 -58.80 7.97 -48.18
N GLY E 29 -58.20 8.11 -47.00
CA GLY E 29 -58.24 9.36 -46.25
C GLY E 29 -59.56 9.46 -45.51
N LEU E 30 -60.64 9.50 -46.27
CA LEU E 30 -61.99 9.54 -45.74
C LEU E 30 -62.64 8.18 -45.83
N VAL E 31 -63.07 7.68 -44.70
CA VAL E 31 -63.68 6.37 -44.61
C VAL E 31 -65.06 6.59 -43.99
N LYS E 32 -66.07 5.84 -44.42
CA LYS E 32 -67.38 6.05 -43.86
C LYS E 32 -67.59 5.24 -42.59
N PRO E 33 -68.38 5.70 -41.63
CA PRO E 33 -68.71 4.95 -40.44
C PRO E 33 -69.32 3.64 -40.85
N SER E 34 -68.95 2.60 -40.12
CA SER E 34 -69.35 1.19 -40.21
C SER E 34 -68.62 0.36 -41.27
N GLN E 35 -67.89 0.97 -42.20
CA GLN E 35 -67.25 0.11 -43.19
C GLN E 35 -65.94 -0.41 -42.65
N THR E 36 -65.27 -1.26 -43.42
CA THR E 36 -63.96 -1.69 -43.01
C THR E 36 -62.95 -0.72 -43.58
N LEU E 37 -62.09 -0.25 -42.71
CA LEU E 37 -61.00 0.62 -43.08
C LEU E 37 -59.90 -0.25 -43.55
N SER E 38 -59.31 0.07 -44.70
CA SER E 38 -58.20 -0.74 -45.17
C SER E 38 -57.04 0.13 -45.58
N LEU E 39 -55.95 0.02 -44.83
CA LEU E 39 -54.76 0.81 -45.10
C LEU E 39 -53.63 -0.08 -45.55
N ILE E 40 -52.90 0.37 -46.55
CA ILE E 40 -51.81 -0.46 -47.04
C ILE E 40 -50.48 0.25 -46.95
N CYS E 41 -49.49 -0.51 -46.55
CA CYS E 41 -48.14 -0.07 -46.48
C CYS E 41 -47.32 -0.63 -47.60
N THR E 42 -46.64 0.23 -48.33
CA THR E 42 -45.76 -0.25 -49.37
C THR E 42 -44.35 -0.19 -48.83
N VAL E 43 -43.64 -1.29 -48.98
CA VAL E 43 -42.31 -1.39 -48.43
C VAL E 43 -41.23 -1.50 -49.49
N SER E 44 -40.15 -0.74 -49.29
CA SER E 44 -39.02 -0.80 -50.20
C SER E 44 -37.69 -0.56 -49.48
N GLY E 45 -36.59 -1.01 -50.08
CA GLY E 45 -35.25 -0.83 -49.48
C GLY E 45 -34.86 -2.03 -48.61
N GLY E 46 -35.78 -2.98 -48.52
CA GLY E 46 -35.64 -4.21 -47.75
C GLY E 46 -36.98 -4.92 -47.83
N SER E 47 -37.14 -6.05 -47.13
CA SER E 47 -38.41 -6.73 -47.22
C SER E 47 -39.03 -7.11 -45.91
N ILE E 48 -39.89 -6.23 -45.44
CA ILE E 48 -40.59 -6.37 -44.19
C ILE E 48 -41.48 -7.57 -44.28
N SER E 49 -42.11 -7.76 -45.43
CA SER E 49 -43.03 -8.85 -45.59
C SER E 49 -42.39 -10.25 -45.61
N SER E 50 -41.08 -10.39 -45.90
CA SER E 50 -40.52 -11.75 -45.95
C SER E 50 -39.24 -11.97 -45.15
N GLY E 51 -38.62 -10.91 -44.65
CA GLY E 51 -37.38 -11.07 -43.92
C GLY E 51 -37.67 -11.23 -42.45
N ASP E 52 -36.65 -11.25 -41.60
CA ASP E 52 -36.90 -11.50 -40.18
C ASP E 52 -37.36 -10.28 -39.41
N PHE E 53 -38.62 -9.94 -39.65
CA PHE E 53 -39.26 -8.77 -39.08
C PHE E 53 -40.63 -9.01 -38.52
N TYR E 54 -40.93 -8.16 -37.57
CA TYR E 54 -42.28 -7.92 -37.13
C TYR E 54 -42.58 -6.56 -37.68
N TRP E 55 -43.81 -6.30 -37.90
CA TRP E 55 -44.21 -4.98 -38.26
C TRP E 55 -45.52 -4.75 -37.60
N SER E 56 -45.94 -3.52 -37.58
CA SER E 56 -47.15 -3.19 -36.91
C SER E 56 -47.86 -2.00 -37.42
N TRP E 57 -49.08 -1.89 -36.94
CA TRP E 57 -49.84 -0.70 -37.14
C TRP E 57 -50.03 -0.09 -35.78
N ILE E 58 -49.89 1.22 -35.76
CA ILE E 58 -50.04 2.07 -34.58
C ILE E 58 -50.87 3.27 -34.98
N ARG E 59 -51.69 3.80 -34.10
CA ARG E 59 -52.38 5.02 -34.45
C ARG E 59 -52.23 6.07 -33.39
N GLN E 60 -52.31 7.32 -33.82
CA GLN E 60 -52.26 8.42 -32.88
C GLN E 60 -53.38 9.40 -33.16
N PRO E 61 -54.51 9.30 -32.46
CA PRO E 61 -55.63 10.18 -32.61
C PRO E 61 -55.07 11.56 -32.29
N PRO E 62 -55.55 12.64 -32.90
CA PRO E 62 -55.07 13.97 -32.60
C PRO E 62 -55.23 14.23 -31.12
N GLY E 63 -54.19 14.77 -30.50
CA GLY E 63 -54.22 15.11 -29.08
C GLY E 63 -53.95 13.94 -28.15
N LYS E 64 -53.74 12.75 -28.72
CA LYS E 64 -53.52 11.55 -27.95
C LYS E 64 -52.12 10.98 -28.10
N GLY E 65 -51.85 9.97 -27.29
CA GLY E 65 -50.57 9.28 -27.31
C GLY E 65 -50.61 8.16 -28.33
N LEU E 66 -49.69 7.23 -28.20
CA LEU E 66 -49.54 6.19 -29.21
C LEU E 66 -50.28 4.92 -28.84
N GLU E 67 -51.21 4.50 -29.69
CA GLU E 67 -51.96 3.30 -29.41
C GLU E 67 -51.62 2.22 -30.42
N TRP E 68 -51.10 1.10 -29.95
CA TRP E 68 -50.74 0.03 -30.86
C TRP E 68 -51.97 -0.72 -31.33
N ILE E 69 -52.02 -1.08 -32.60
CA ILE E 69 -53.13 -1.81 -33.18
C ILE E 69 -52.86 -3.30 -33.28
N GLY E 70 -51.70 -3.63 -33.82
CA GLY E 70 -51.37 -5.03 -34.00
C GLY E 70 -50.01 -5.28 -34.63
N PHE E 71 -49.51 -6.50 -34.43
CA PHE E 71 -48.23 -6.97 -34.95
C PHE E 71 -48.42 -8.12 -35.88
N PHE E 72 -47.49 -8.24 -36.80
CA PHE E 72 -47.44 -9.39 -37.65
C PHE E 72 -45.98 -9.74 -37.92
N TYR E 73 -45.60 -10.99 -37.68
CA TYR E 73 -44.26 -11.51 -37.98
C TYR E 73 -44.36 -12.13 -39.31
N TYR E 74 -43.41 -11.87 -40.18
CA TYR E 74 -43.51 -12.35 -41.55
C TYR E 74 -43.96 -13.80 -41.76
N SER E 75 -43.62 -14.73 -40.87
CA SER E 75 -43.97 -16.14 -41.07
C SER E 75 -45.45 -16.44 -40.79
N GLY E 76 -46.17 -15.48 -40.22
CA GLY E 76 -47.58 -15.64 -39.87
C GLY E 76 -47.89 -15.57 -38.37
N ILE E 77 -47.16 -14.76 -37.61
CA ILE E 77 -47.44 -14.68 -36.18
C ILE E 77 -48.07 -13.36 -35.84
N THR E 78 -49.25 -13.36 -35.25
CA THR E 78 -49.87 -12.08 -34.98
C THR E 78 -50.26 -11.85 -33.55
N TYR E 79 -50.34 -10.57 -33.24
CA TYR E 79 -50.79 -10.09 -31.94
C TYR E 79 -51.70 -8.92 -32.17
N TYR E 80 -52.74 -8.76 -31.36
CA TYR E 80 -53.58 -7.60 -31.53
C TYR E 80 -53.96 -6.92 -30.24
N ASN E 81 -54.26 -5.63 -30.32
CA ASN E 81 -54.75 -4.86 -29.20
C ASN E 81 -56.02 -5.49 -28.72
N PRO E 82 -56.18 -5.84 -27.44
CA PRO E 82 -57.37 -6.46 -26.90
C PRO E 82 -58.65 -5.79 -27.32
N SER E 83 -58.66 -4.45 -27.43
CA SER E 83 -59.89 -3.75 -27.78
C SER E 83 -60.29 -4.00 -29.21
N LEU E 84 -59.34 -4.43 -30.00
CA LEU E 84 -59.53 -4.74 -31.38
C LEU E 84 -59.41 -6.21 -31.67
N LYS E 85 -59.26 -7.10 -30.69
CA LYS E 85 -59.04 -8.48 -31.11
C LYS E 85 -60.18 -9.02 -31.97
N SER E 86 -61.40 -8.56 -31.73
CA SER E 86 -62.55 -8.98 -32.52
C SER E 86 -62.75 -8.17 -33.82
N ARG E 87 -61.99 -7.08 -33.97
CA ARG E 87 -62.12 -6.13 -35.10
C ARG E 87 -60.96 -6.03 -36.09
N VAL E 88 -59.74 -6.38 -35.68
CA VAL E 88 -58.57 -6.17 -36.53
C VAL E 88 -57.97 -7.43 -37.13
N SER E 89 -57.60 -7.29 -38.39
CA SER E 89 -56.91 -8.30 -39.15
C SER E 89 -55.73 -7.70 -39.93
N ILE E 90 -54.54 -8.28 -39.74
CA ILE E 90 -53.34 -7.84 -40.43
C ILE E 90 -52.81 -8.97 -41.30
N SER E 91 -52.49 -8.64 -42.55
CA SER E 91 -51.98 -9.63 -43.48
C SER E 91 -51.01 -8.98 -44.46
N ARG E 92 -50.31 -9.82 -45.23
CA ARG E 92 -49.33 -9.30 -46.20
C ARG E 92 -49.19 -10.14 -47.43
N ASP E 93 -48.66 -9.50 -48.48
CA ASP E 93 -48.35 -10.12 -49.74
C ASP E 93 -46.85 -9.99 -50.00
N THR E 94 -46.14 -11.10 -49.89
CA THR E 94 -44.69 -11.10 -50.00
C THR E 94 -44.26 -10.92 -51.44
N SER E 95 -45.22 -11.04 -52.36
CA SER E 95 -44.94 -10.87 -53.77
C SER E 95 -44.93 -9.39 -54.14
N THR E 96 -45.50 -8.53 -53.28
CA THR E 96 -45.53 -7.12 -53.59
C THR E 96 -44.77 -6.34 -52.53
N ASN E 97 -44.45 -7.01 -51.41
CA ASN E 97 -43.81 -6.39 -50.27
C ASN E 97 -44.67 -5.26 -49.78
N GLN E 98 -45.92 -5.62 -49.61
CA GLN E 98 -46.91 -4.73 -49.08
C GLN E 98 -47.65 -5.43 -47.98
N PHE E 99 -48.15 -4.67 -47.05
CA PHE E 99 -48.97 -5.25 -46.00
C PHE E 99 -50.11 -4.34 -45.66
N SER E 100 -51.14 -4.91 -45.06
CA SER E 100 -52.27 -4.05 -44.76
C SER E 100 -53.01 -4.35 -43.49
N LEU E 101 -53.67 -3.31 -43.05
CA LEU E 101 -54.50 -3.29 -41.89
C LEU E 101 -55.96 -3.17 -42.19
N LYS E 102 -56.74 -4.11 -41.70
CA LYS E 102 -58.17 -4.03 -41.87
C LYS E 102 -58.89 -3.91 -40.53
N LEU E 103 -59.66 -2.83 -40.37
CA LEU E 103 -60.45 -2.62 -39.16
C LEU E 103 -61.92 -2.57 -39.50
N ARG E 104 -62.67 -3.56 -39.05
CA ARG E 104 -64.09 -3.60 -39.40
C ARG E 104 -64.85 -2.61 -38.54
N SER E 105 -66.03 -2.20 -39.01
CA SER E 105 -66.91 -1.31 -38.28
C SER E 105 -66.22 -0.03 -37.79
N VAL E 106 -65.54 0.67 -38.69
CA VAL E 106 -64.82 1.87 -38.31
C VAL E 106 -65.77 2.93 -37.77
N THR E 107 -65.39 3.58 -36.69
CA THR E 107 -66.24 4.59 -36.10
C THR E 107 -65.56 5.92 -35.86
N ALA E 108 -66.29 6.89 -35.34
CA ALA E 108 -65.74 8.24 -35.13
C ALA E 108 -64.51 8.23 -34.23
N ALA E 109 -64.52 7.32 -33.26
CA ALA E 109 -63.46 7.16 -32.27
C ALA E 109 -62.17 6.65 -32.90
N ASP E 110 -62.25 6.17 -34.13
CA ASP E 110 -61.10 5.63 -34.82
C ASP E 110 -60.44 6.70 -35.68
N THR E 111 -60.91 7.95 -35.63
CA THR E 111 -60.19 8.96 -36.41
C THR E 111 -58.82 9.07 -35.78
N ALA E 112 -57.81 8.91 -36.61
CA ALA E 112 -56.45 8.95 -36.11
C ALA E 112 -55.46 9.00 -37.21
N VAL E 113 -54.23 9.34 -36.86
CA VAL E 113 -53.23 9.15 -37.88
C VAL E 113 -52.79 7.73 -37.73
N TYR E 114 -52.87 6.99 -38.80
CA TYR E 114 -52.47 5.62 -38.77
C TYR E 114 -51.11 5.49 -39.32
N TYR E 115 -50.33 4.69 -38.68
CA TYR E 115 -49.00 4.49 -39.10
C TYR E 115 -48.71 3.05 -39.29
N CYS E 116 -47.86 2.81 -40.24
CA CYS E 116 -47.30 1.52 -40.41
C CYS E 116 -45.96 1.67 -39.73
N ALA E 117 -45.45 0.60 -39.18
CA ALA E 117 -44.18 0.68 -38.50
C ALA E 117 -43.39 -0.60 -38.55
N ARG E 118 -42.07 -0.48 -38.45
CA ARG E 118 -41.20 -1.62 -38.40
C ARG E 118 -40.71 -1.94 -37.02
N VAL E 119 -40.71 -3.22 -36.71
CA VAL E 119 -40.11 -3.73 -35.51
C VAL E 119 -38.74 -4.12 -35.94
N ARG E 120 -37.74 -3.78 -35.17
CA ARG E 120 -36.39 -4.03 -35.58
C ARG E 120 -36.26 -5.49 -36.02
N GLY E 121 -35.70 -5.70 -37.21
CA GLY E 121 -35.53 -7.05 -37.74
C GLY E 121 -34.21 -7.64 -37.34
N GLY E 122 -34.17 -8.95 -37.25
CA GLY E 122 -32.93 -9.60 -36.84
C GLY E 122 -32.80 -9.53 -35.32
N ARG E 123 -33.87 -9.03 -34.68
CA ARG E 123 -33.93 -8.84 -33.25
C ARG E 123 -34.96 -9.81 -32.63
N ILE E 124 -35.39 -10.75 -33.45
CA ILE E 124 -36.44 -11.64 -33.04
C ILE E 124 -36.04 -13.11 -32.91
N THR E 125 -36.03 -13.63 -31.69
CA THR E 125 -35.77 -15.04 -31.47
C THR E 125 -37.02 -15.78 -31.14
N LEU E 126 -37.26 -16.79 -31.92
CA LEU E 126 -38.36 -17.70 -31.77
C LEU E 126 -37.66 -19.02 -31.60
N GLY E 127 -37.89 -19.71 -30.50
CA GLY E 127 -37.15 -20.95 -30.25
C GLY E 127 -38.01 -22.20 -30.23
N GLN E 128 -37.56 -23.14 -29.41
CA GLN E 128 -38.12 -24.48 -29.24
C GLN E 128 -39.47 -24.53 -28.52
N GLY E 129 -39.81 -23.43 -27.86
CA GLY E 129 -41.03 -23.31 -27.08
C GLY E 129 -40.81 -22.30 -25.98
N ASP E 130 -40.01 -22.66 -24.99
CA ASP E 130 -39.72 -21.74 -23.91
C ASP E 130 -38.55 -20.79 -24.22
N MET E 131 -38.80 -19.93 -25.21
CA MET E 131 -37.92 -18.90 -25.74
C MET E 131 -38.75 -17.72 -26.23
N TYR E 132 -38.19 -16.52 -26.22
CA TYR E 132 -38.90 -15.38 -26.75
C TYR E 132 -37.88 -14.45 -27.36
N TYR E 133 -38.36 -13.38 -27.91
CA TYR E 133 -37.54 -12.39 -28.56
C TYR E 133 -37.04 -11.26 -27.71
N TYR E 134 -36.26 -10.40 -28.37
CA TYR E 134 -35.56 -9.30 -27.75
C TYR E 134 -35.80 -8.04 -28.56
N SER E 135 -36.82 -8.15 -29.38
CA SER E 135 -37.25 -7.14 -30.32
C SER E 135 -38.00 -5.99 -29.68
N GLY E 136 -38.12 -4.93 -30.48
CA GLY E 136 -38.83 -3.68 -30.20
C GLY E 136 -38.74 -2.81 -31.47
N MET E 137 -39.49 -1.70 -31.49
CA MET E 137 -39.61 -0.77 -32.63
C MET E 137 -38.54 0.29 -32.89
N ASP E 138 -38.30 0.57 -34.20
CA ASP E 138 -37.43 1.68 -34.60
C ASP E 138 -38.01 2.59 -35.73
N VAL E 139 -38.24 2.05 -36.93
CA VAL E 139 -38.64 2.84 -38.09
C VAL E 139 -40.13 3.07 -38.29
N TRP E 140 -40.49 4.32 -38.44
CA TRP E 140 -41.86 4.76 -38.68
C TRP E 140 -42.12 5.08 -40.13
N GLY E 141 -43.36 4.90 -40.55
CA GLY E 141 -43.80 5.36 -41.84
C GLY E 141 -44.15 6.85 -41.68
N GLN E 142 -44.92 7.43 -42.59
CA GLN E 142 -45.14 8.88 -42.47
C GLN E 142 -46.39 9.19 -41.69
N GLY E 143 -47.36 8.32 -41.81
CA GLY E 143 -48.64 8.49 -41.15
C GLY E 143 -49.70 8.99 -42.10
N THR E 144 -50.85 8.34 -42.08
CA THR E 144 -51.94 8.75 -42.95
C THR E 144 -53.14 9.09 -42.09
N LEU E 145 -53.68 10.28 -42.24
CA LEU E 145 -54.82 10.62 -41.42
C LEU E 145 -56.06 10.04 -41.98
N VAL E 146 -56.75 9.31 -41.12
CA VAL E 146 -58.00 8.75 -41.48
C VAL E 146 -59.09 9.43 -40.72
N THR E 147 -60.00 10.01 -41.46
CA THR E 147 -61.15 10.72 -40.94
C THR E 147 -62.33 9.84 -41.10
N VAL E 148 -63.07 9.61 -40.02
CA VAL E 148 -64.22 8.77 -40.18
C VAL E 148 -65.43 9.67 -40.13
N SER E 149 -66.16 9.76 -41.24
CA SER E 149 -67.29 10.68 -41.27
C SER E 149 -68.25 10.35 -42.41
N SER E 150 -69.47 10.95 -42.39
CA SER E 150 -70.53 10.78 -43.39
C SER E 150 -70.33 11.70 -44.62
N SER F 36 -15.55 -23.46 24.04
CA SER F 36 -16.98 -23.70 23.88
C SER F 36 -17.37 -24.38 22.54
N ILE F 37 -16.41 -24.55 21.61
CA ILE F 37 -16.59 -25.16 20.29
C ILE F 37 -16.71 -26.68 20.39
N PRO F 38 -17.79 -27.29 19.86
CA PRO F 38 -18.04 -28.71 19.86
C PRO F 38 -17.09 -29.37 18.91
N LEU F 39 -16.83 -30.62 19.15
CA LEU F 39 -16.02 -31.46 18.29
C LEU F 39 -16.69 -32.81 18.16
N GLY F 40 -16.57 -33.44 17.00
CA GLY F 40 -17.12 -34.79 16.87
C GLY F 40 -16.02 -35.82 16.83
N VAL F 41 -16.34 -37.04 17.19
CA VAL F 41 -15.35 -38.11 17.12
C VAL F 41 -15.86 -39.31 16.38
N ILE F 42 -14.95 -40.05 15.79
CA ILE F 42 -15.36 -41.25 15.10
C ILE F 42 -15.27 -42.44 16.02
N HIS F 43 -16.41 -43.05 16.29
CA HIS F 43 -16.47 -44.19 17.15
C HIS F 43 -16.65 -45.43 16.31
N ASN F 44 -16.72 -46.60 16.95
CA ASN F 44 -16.92 -47.85 16.25
C ASN F 44 -18.32 -47.89 15.67
N SER F 45 -19.22 -47.14 16.29
CA SER F 45 -20.60 -47.03 15.87
C SER F 45 -20.78 -45.89 14.87
N THR F 46 -20.96 -44.68 15.36
CA THR F 46 -21.21 -43.51 14.51
C THR F 46 -20.43 -42.27 14.97
N LEU F 47 -20.82 -41.11 14.43
CA LEU F 47 -20.17 -39.86 14.81
C LEU F 47 -20.78 -39.40 16.11
N GLN F 48 -19.94 -39.34 17.13
CA GLN F 48 -20.38 -39.03 18.47
C GLN F 48 -20.00 -37.64 18.88
N VAL F 49 -20.71 -37.12 19.86
CA VAL F 49 -20.38 -35.83 20.40
C VAL F 49 -19.18 -35.95 21.31
N SER F 50 -18.17 -35.13 21.11
CA SER F 50 -17.05 -35.16 22.00
C SER F 50 -17.43 -34.36 23.22
N ASP F 51 -17.53 -35.01 24.34
CA ASP F 51 -17.92 -34.30 25.54
C ASP F 51 -16.72 -33.65 26.17
N VAL F 52 -16.97 -32.60 26.92
CA VAL F 52 -15.94 -31.94 27.69
C VAL F 52 -16.21 -32.04 29.18
N ASP F 53 -17.42 -32.42 29.60
CA ASP F 53 -17.66 -32.54 31.02
C ASP F 53 -17.30 -33.95 31.49
N LYS F 54 -17.60 -34.94 30.65
CA LYS F 54 -17.24 -36.32 30.91
C LYS F 54 -15.93 -36.61 30.22
N LEU F 55 -14.97 -37.09 30.98
CA LEU F 55 -13.72 -37.43 30.37
C LEU F 55 -13.87 -38.83 29.82
N VAL F 56 -13.78 -38.94 28.51
CA VAL F 56 -13.99 -40.21 27.88
C VAL F 56 -12.67 -40.92 27.72
N CYS F 57 -12.51 -41.99 28.47
CA CYS F 57 -11.24 -42.69 28.54
C CYS F 57 -11.06 -43.72 27.43
N ARG F 58 -12.05 -43.81 26.57
CA ARG F 58 -11.98 -44.71 25.42
C ARG F 58 -11.60 -43.91 24.18
N ASP F 59 -11.46 -42.59 24.31
CA ASP F 59 -11.11 -41.76 23.18
C ASP F 59 -9.61 -41.58 23.18
N LYS F 60 -8.95 -42.12 22.18
CA LYS F 60 -7.50 -42.06 22.19
C LYS F 60 -6.96 -41.15 21.10
N LEU F 61 -5.97 -40.37 21.48
CA LEU F 61 -5.30 -39.45 20.60
C LEU F 61 -3.80 -39.62 20.74
N SER F 62 -3.18 -40.37 19.86
CA SER F 62 -1.74 -40.61 19.98
C SER F 62 -0.95 -39.55 19.25
N SER F 63 -1.58 -38.87 18.30
CA SER F 63 -0.88 -37.81 17.59
C SER F 63 -1.82 -36.74 17.06
N THR F 64 -1.26 -35.58 16.75
CA THR F 64 -2.03 -34.47 16.20
C THR F 64 -2.43 -34.72 14.75
N ASN F 65 -1.92 -35.79 14.19
CA ASN F 65 -2.20 -36.17 12.82
C ASN F 65 -3.57 -36.84 12.73
N GLN F 66 -4.23 -36.99 13.87
CA GLN F 66 -5.57 -37.53 13.95
C GLN F 66 -6.58 -36.38 13.99
N LEU F 67 -6.10 -35.14 13.92
CA LEU F 67 -7.01 -34.00 14.01
C LEU F 67 -7.31 -33.41 12.64
N ARG F 68 -8.58 -33.07 12.40
CA ARG F 68 -8.96 -32.48 11.13
C ARG F 68 -9.95 -31.32 11.17
N SER F 69 -9.83 -30.46 10.15
CA SER F 69 -10.74 -29.36 9.87
C SER F 69 -11.28 -29.52 8.45
N VAL F 70 -12.58 -29.78 8.35
CA VAL F 70 -13.18 -30.05 7.06
C VAL F 70 -14.24 -29.04 6.68
N GLY F 71 -14.16 -28.58 5.42
CA GLY F 71 -15.14 -27.63 4.90
C GLY F 71 -16.28 -28.32 4.18
N LEU F 72 -17.48 -27.89 4.51
CA LEU F 72 -18.72 -28.39 3.96
C LEU F 72 -19.52 -27.31 3.24
N ASN F 73 -20.22 -27.63 2.17
CA ASN F 73 -21.01 -26.61 1.50
C ASN F 73 -22.47 -26.59 2.00
N LEU F 74 -23.14 -25.44 1.90
CA LEU F 74 -24.54 -25.37 2.35
C LEU F 74 -25.48 -26.08 1.39
N GLU F 75 -25.07 -26.21 0.14
CA GLU F 75 -25.87 -26.90 -0.85
C GLU F 75 -26.01 -28.38 -0.47
N GLY F 76 -25.13 -28.89 0.40
CA GLY F 76 -25.16 -30.27 0.84
C GLY F 76 -26.35 -30.52 1.76
N ASN F 77 -26.98 -29.45 2.23
CA ASN F 77 -28.15 -29.56 3.08
C ASN F 77 -29.39 -29.06 2.34
N GLY F 78 -29.29 -28.94 1.01
CA GLY F 78 -30.41 -28.49 0.21
C GLY F 78 -30.57 -26.99 0.03
N VAL F 79 -29.54 -26.19 0.32
CA VAL F 79 -29.69 -24.76 0.14
C VAL F 79 -29.58 -24.36 -1.34
N ALA F 80 -30.54 -23.55 -1.80
CA ALA F 80 -30.64 -23.10 -3.20
C ALA F 80 -29.40 -22.34 -3.67
N THR F 81 -28.99 -22.60 -4.91
CA THR F 81 -27.82 -21.98 -5.52
C THR F 81 -28.04 -20.97 -6.66
N ASP F 82 -29.28 -20.78 -7.12
CA ASP F 82 -29.52 -19.84 -8.21
C ASP F 82 -29.16 -18.45 -7.78
N VAL F 83 -28.42 -17.71 -8.60
CA VAL F 83 -27.87 -16.41 -8.19
C VAL F 83 -28.77 -15.48 -7.37
N PRO F 84 -29.98 -15.06 -7.78
CA PRO F 84 -30.84 -14.19 -6.99
C PRO F 84 -31.26 -14.80 -5.65
N SER F 85 -31.18 -16.12 -5.53
CA SER F 85 -31.55 -16.83 -4.32
C SER F 85 -30.37 -16.99 -3.39
N VAL F 86 -29.22 -16.53 -3.86
CA VAL F 86 -27.96 -16.61 -3.15
C VAL F 86 -27.57 -15.25 -2.64
N THR F 87 -27.64 -14.26 -3.52
CA THR F 87 -27.21 -12.93 -3.13
C THR F 87 -28.11 -12.34 -2.07
N LYS F 88 -29.36 -12.80 -2.02
CA LYS F 88 -30.31 -12.31 -1.03
C LYS F 88 -29.90 -12.73 0.38
N ARG F 89 -29.02 -13.73 0.50
CA ARG F 89 -28.60 -14.24 1.78
C ARG F 89 -27.37 -13.52 2.30
N TRP F 90 -26.86 -12.57 1.52
CA TRP F 90 -25.65 -11.85 1.86
C TRP F 90 -26.00 -10.38 2.09
N GLY F 91 -25.27 -9.68 2.93
CA GLY F 91 -25.56 -8.25 3.01
C GLY F 91 -24.54 -7.46 3.79
N PHE F 92 -24.63 -6.15 3.71
CA PHE F 92 -23.62 -5.30 4.33
C PHE F 92 -23.80 -4.77 5.73
N ARG F 93 -22.64 -4.76 6.41
CA ARG F 93 -22.42 -4.23 7.75
C ARG F 93 -21.04 -3.62 7.91
N SER F 94 -20.92 -2.78 8.94
CA SER F 94 -19.67 -2.14 9.32
C SER F 94 -19.53 -2.18 10.84
N GLY F 95 -18.30 -2.01 11.31
CA GLY F 95 -17.99 -2.00 12.76
C GLY F 95 -17.69 -3.40 13.29
N VAL F 96 -17.81 -4.35 12.38
CA VAL F 96 -17.59 -5.75 12.60
C VAL F 96 -16.39 -6.19 11.79
N PRO F 97 -15.22 -6.41 12.38
CA PRO F 97 -14.03 -6.78 11.66
C PRO F 97 -14.19 -8.22 11.21
N PRO F 98 -13.59 -8.62 10.08
CA PRO F 98 -13.55 -9.98 9.56
C PRO F 98 -12.60 -10.87 10.32
N LYS F 99 -12.88 -12.18 10.29
CA LYS F 99 -12.00 -13.21 10.85
C LYS F 99 -11.91 -14.44 9.93
N VAL F 100 -10.76 -15.15 9.95
CA VAL F 100 -10.67 -16.41 9.22
C VAL F 100 -10.10 -17.59 10.05
N VAL F 101 -10.43 -18.81 9.57
CA VAL F 101 -9.90 -20.10 10.07
C VAL F 101 -9.50 -20.97 8.88
N ASN F 102 -8.70 -22.03 9.06
CA ASN F 102 -8.39 -22.86 7.89
C ASN F 102 -9.02 -24.23 7.82
N TYR F 103 -8.73 -24.89 6.69
CA TYR F 103 -9.09 -26.23 6.36
C TYR F 103 -7.94 -27.11 5.95
N GLU F 104 -8.12 -28.39 6.18
CA GLU F 104 -7.20 -29.44 5.74
C GLU F 104 -7.76 -30.05 4.47
N ALA F 105 -9.10 -30.15 4.46
CA ALA F 105 -9.86 -30.81 3.41
C ALA F 105 -11.25 -30.24 3.32
N GLY F 106 -11.95 -30.59 2.26
CA GLY F 106 -13.33 -30.17 2.14
C GLY F 106 -14.03 -30.74 0.92
N GLU F 107 -15.28 -30.33 0.80
CA GLU F 107 -16.18 -30.73 -0.26
C GLU F 107 -15.95 -29.95 -1.53
N TRP F 108 -16.18 -30.60 -2.67
CA TRP F 108 -16.14 -29.91 -3.96
C TRP F 108 -17.43 -29.14 -4.07
N ALA F 109 -17.40 -27.97 -4.69
CA ALA F 109 -18.63 -27.22 -4.87
C ALA F 109 -19.21 -27.47 -6.25
N GLU F 110 -20.51 -27.61 -6.34
CA GLU F 110 -21.06 -27.65 -7.67
C GLU F 110 -21.19 -26.21 -8.14
N ASN F 111 -21.53 -25.34 -7.19
CA ASN F 111 -21.78 -23.92 -7.43
C ASN F 111 -20.94 -23.04 -6.53
N CYS F 112 -20.05 -22.29 -7.13
CA CYS F 112 -19.12 -21.43 -6.40
C CYS F 112 -19.27 -20.01 -6.96
N TYR F 113 -19.04 -18.98 -6.16
CA TYR F 113 -19.33 -17.62 -6.59
C TYR F 113 -18.14 -16.68 -6.65
N ASN F 114 -18.20 -15.68 -7.53
CA ASN F 114 -17.13 -14.67 -7.66
C ASN F 114 -17.72 -13.27 -7.92
N LEU F 115 -17.60 -12.35 -6.98
CA LEU F 115 -18.24 -11.06 -7.21
C LEU F 115 -17.31 -9.89 -7.53
N GLU F 116 -17.81 -9.05 -8.45
CA GLU F 116 -17.24 -7.77 -8.83
C GLU F 116 -18.36 -6.75 -8.83
N ILE F 117 -18.73 -6.31 -7.63
CA ILE F 117 -19.83 -5.40 -7.50
C ILE F 117 -19.32 -4.05 -7.09
N LYS F 118 -19.79 -3.06 -7.80
CA LYS F 118 -19.46 -1.68 -7.56
C LYS F 118 -20.66 -0.97 -6.96
N LYS F 119 -20.39 0.12 -6.30
CA LYS F 119 -21.43 0.92 -5.74
C LYS F 119 -22.04 1.64 -6.91
N PRO F 120 -23.23 2.23 -6.81
CA PRO F 120 -23.87 2.93 -7.89
C PRO F 120 -23.02 4.07 -8.47
N ASP F 121 -22.06 4.57 -7.69
CA ASP F 121 -21.21 5.66 -8.15
C ASP F 121 -19.91 5.19 -8.83
N GLY F 122 -19.78 3.87 -9.03
CA GLY F 122 -18.62 3.30 -9.69
C GLY F 122 -17.48 2.85 -8.78
N SER F 123 -17.56 3.13 -7.48
CA SER F 123 -16.51 2.73 -6.54
C SER F 123 -16.66 1.26 -6.18
N GLU F 124 -15.66 0.66 -5.55
CA GLU F 124 -15.78 -0.77 -5.24
C GLU F 124 -16.61 -1.01 -3.96
N CYS F 125 -17.48 -2.07 -3.93
CA CYS F 125 -18.23 -2.47 -2.74
C CYS F 125 -17.36 -3.17 -1.72
N LEU F 126 -16.47 -3.99 -2.22
CA LEU F 126 -15.62 -4.81 -1.39
C LEU F 126 -14.18 -4.60 -1.81
N PRO F 127 -13.23 -4.73 -0.88
CA PRO F 127 -11.82 -4.68 -1.14
C PRO F 127 -11.43 -5.95 -1.83
N ALA F 128 -10.36 -5.89 -2.59
CA ALA F 128 -9.82 -7.08 -3.21
C ALA F 128 -9.33 -7.98 -2.13
N ALA F 129 -9.45 -9.27 -2.34
CA ALA F 129 -8.99 -10.20 -1.33
C ALA F 129 -7.51 -9.97 -0.96
N PRO F 130 -7.16 -10.04 0.34
CA PRO F 130 -5.84 -9.87 0.93
C PRO F 130 -4.93 -11.05 0.71
N ASP F 131 -3.65 -10.83 0.97
CA ASP F 131 -2.69 -11.90 0.88
C ASP F 131 -3.09 -13.04 1.79
N GLY F 132 -2.93 -14.23 1.25
CA GLY F 132 -3.27 -15.48 1.92
C GLY F 132 -4.58 -16.03 1.34
N ILE F 133 -5.29 -15.23 0.56
CA ILE F 133 -6.51 -15.67 -0.06
C ILE F 133 -6.33 -16.02 -1.53
N ARG F 134 -6.77 -17.21 -1.87
CA ARG F 134 -6.80 -17.74 -3.21
C ARG F 134 -8.18 -18.34 -3.39
N GLY F 135 -8.62 -18.55 -4.61
CA GLY F 135 -9.97 -19.09 -4.83
C GLY F 135 -10.14 -20.56 -4.43
N PHE F 136 -11.39 -20.89 -4.14
CA PHE F 136 -11.84 -22.23 -3.77
C PHE F 136 -11.29 -23.21 -4.81
N PRO F 137 -10.64 -24.34 -4.42
CA PRO F 137 -9.92 -25.21 -5.33
C PRO F 137 -10.69 -26.06 -6.32
N ARG F 138 -11.94 -26.37 -6.06
CA ARG F 138 -12.62 -27.25 -6.98
C ARG F 138 -14.09 -26.93 -7.13
N CYS F 139 -14.49 -26.69 -8.36
CA CYS F 139 -15.89 -26.37 -8.63
C CYS F 139 -16.29 -26.61 -10.06
N ARG F 140 -17.49 -27.14 -10.27
CA ARG F 140 -17.98 -27.34 -11.63
C ARG F 140 -18.45 -26.05 -12.30
N TYR F 141 -19.21 -25.23 -11.59
CA TYR F 141 -19.69 -23.98 -12.15
C TYR F 141 -19.42 -22.81 -11.24
N VAL F 142 -18.78 -21.80 -11.79
CA VAL F 142 -18.56 -20.59 -11.05
C VAL F 142 -19.51 -19.55 -11.56
N HIS F 143 -20.15 -18.87 -10.66
CA HIS F 143 -21.09 -17.85 -11.00
C HIS F 143 -20.48 -16.52 -10.70
N LYS F 144 -20.04 -15.86 -11.75
CA LYS F 144 -19.35 -14.60 -11.62
C LYS F 144 -20.31 -13.48 -11.93
N VAL F 145 -20.43 -12.54 -11.02
CA VAL F 145 -21.41 -11.48 -11.24
C VAL F 145 -20.77 -10.10 -11.28
N SER F 146 -21.06 -9.41 -12.38
CA SER F 146 -20.59 -8.06 -12.63
C SER F 146 -21.75 -7.10 -12.55
N GLY F 147 -21.69 -6.15 -11.63
CA GLY F 147 -22.83 -5.28 -11.50
C GLY F 147 -22.69 -4.27 -10.42
N THR F 148 -23.81 -3.61 -10.12
CA THR F 148 -23.82 -2.58 -9.09
C THR F 148 -24.97 -2.72 -8.12
N GLY F 149 -24.83 -2.02 -7.01
CA GLY F 149 -25.91 -1.88 -6.04
C GLY F 149 -25.42 -1.20 -4.77
N PRO F 150 -26.31 -0.80 -3.87
CA PRO F 150 -25.97 -0.19 -2.60
C PRO F 150 -25.10 -1.15 -1.81
N CYS F 151 -24.04 -0.64 -1.15
CA CYS F 151 -23.09 -1.41 -0.32
C CYS F 151 -22.71 -0.50 0.84
N ALA F 152 -23.62 -0.39 1.81
CA ALA F 152 -23.51 0.57 2.91
C ALA F 152 -22.48 0.24 3.98
N GLY F 153 -22.06 -1.01 4.06
CA GLY F 153 -21.14 -1.46 5.09
C GLY F 153 -19.72 -1.53 4.57
N ASP F 154 -18.87 -2.26 5.28
CA ASP F 154 -17.49 -2.39 4.88
C ASP F 154 -17.40 -3.69 4.10
N PHE F 155 -18.17 -4.65 4.58
CA PHE F 155 -18.21 -5.97 4.01
C PHE F 155 -19.57 -6.58 3.97
N ALA F 156 -19.70 -7.51 3.04
CA ALA F 156 -20.86 -8.33 2.96
C ALA F 156 -20.61 -9.56 3.83
N PHE F 157 -21.54 -9.77 4.74
CA PHE F 157 -21.55 -10.84 5.71
C PHE F 157 -22.65 -11.79 5.37
N HIS F 158 -22.49 -13.03 5.79
CA HIS F 158 -23.54 -13.98 5.55
C HIS F 158 -24.67 -13.78 6.55
N LYS F 159 -25.91 -13.74 6.08
CA LYS F 159 -27.04 -13.49 6.97
C LYS F 159 -27.40 -14.65 7.87
N GLU F 160 -26.94 -15.85 7.57
CA GLU F 160 -27.28 -17.00 8.38
C GLU F 160 -26.05 -17.36 9.21
N GLY F 161 -24.98 -16.60 9.03
CA GLY F 161 -23.72 -16.87 9.69
C GLY F 161 -22.84 -17.89 8.97
N ALA F 162 -23.16 -18.25 7.73
CA ALA F 162 -22.30 -19.22 7.04
C ALA F 162 -21.01 -18.53 6.63
N PHE F 163 -19.98 -19.30 6.39
CA PHE F 163 -18.68 -18.80 5.99
C PHE F 163 -18.45 -18.81 4.51
N PHE F 164 -17.63 -17.89 4.06
CA PHE F 164 -17.26 -17.85 2.68
C PHE F 164 -16.00 -18.67 2.60
N LEU F 165 -15.97 -19.63 1.72
CA LEU F 165 -14.86 -20.55 1.67
C LEU F 165 -13.97 -20.28 0.50
N TYR F 166 -12.74 -19.99 0.81
CA TYR F 166 -11.72 -19.69 -0.16
C TYR F 166 -10.90 -20.94 -0.32
N ASP F 167 -9.73 -20.86 -0.97
CA ASP F 167 -8.93 -22.05 -1.22
C ASP F 167 -8.91 -22.99 -0.02
N ARG F 168 -8.39 -22.52 1.10
CA ARG F 168 -8.35 -23.31 2.31
C ARG F 168 -8.74 -22.51 3.53
N LEU F 169 -9.19 -21.26 3.34
CA LEU F 169 -9.59 -20.48 4.48
C LEU F 169 -11.06 -20.13 4.46
N ALA F 170 -11.67 -20.24 5.61
CA ALA F 170 -13.06 -19.82 5.80
C ALA F 170 -13.03 -18.40 6.27
N SER F 171 -13.97 -17.61 5.82
CA SER F 171 -14.03 -16.22 6.24
C SER F 171 -15.40 -15.74 6.54
N THR F 172 -15.49 -14.81 7.45
CA THR F 172 -16.75 -14.22 7.78
C THR F 172 -17.24 -13.23 6.71
N VAL F 173 -16.35 -12.83 5.79
CA VAL F 173 -16.72 -11.89 4.73
C VAL F 173 -16.37 -12.31 3.31
N ILE F 174 -17.06 -11.65 2.38
CA ILE F 174 -16.80 -11.82 0.97
C ILE F 174 -15.73 -10.86 0.49
N TYR F 175 -14.71 -11.37 -0.18
CA TYR F 175 -13.69 -10.52 -0.74
C TYR F 175 -13.86 -10.36 -2.24
N ARG F 176 -13.52 -9.20 -2.74
CA ARG F 176 -13.72 -8.95 -4.15
C ARG F 176 -12.77 -9.67 -5.06
N GLY F 177 -13.35 -10.16 -6.15
CA GLY F 177 -12.68 -10.80 -7.27
C GLY F 177 -12.28 -12.22 -7.00
N THR F 178 -12.63 -12.74 -5.84
CA THR F 178 -12.19 -14.08 -5.51
C THR F 178 -13.32 -15.07 -5.47
N THR F 179 -13.06 -16.22 -6.05
CA THR F 179 -14.00 -17.31 -6.09
C THR F 179 -14.12 -17.98 -4.71
N PHE F 180 -15.36 -18.12 -4.21
CA PHE F 180 -15.59 -18.74 -2.92
C PHE F 180 -16.85 -19.59 -2.87
N ALA F 181 -16.85 -20.59 -2.00
CA ALA F 181 -18.03 -21.43 -1.81
C ALA F 181 -18.77 -20.97 -0.56
N GLU F 182 -20.02 -21.32 -0.45
CA GLU F 182 -20.77 -20.92 0.73
C GLU F 182 -20.95 -22.11 1.68
N GLY F 183 -20.48 -22.02 2.93
CA GLY F 183 -20.54 -23.20 3.80
C GLY F 183 -20.16 -23.09 5.29
N VAL F 184 -19.90 -24.26 5.86
CA VAL F 184 -19.61 -24.45 7.28
C VAL F 184 -18.38 -25.33 7.56
N VAL F 185 -17.88 -25.32 8.80
CA VAL F 185 -16.73 -26.15 9.19
C VAL F 185 -16.98 -27.10 10.34
N ALA F 186 -16.47 -28.32 10.19
CA ALA F 186 -16.56 -29.28 11.28
C ALA F 186 -15.16 -29.68 11.75
N PHE F 187 -15.04 -29.91 13.05
CA PHE F 187 -13.77 -30.36 13.60
C PHE F 187 -13.90 -31.78 14.13
N LEU F 188 -12.98 -32.64 13.70
CA LEU F 188 -12.98 -34.06 14.08
C LEU F 188 -11.70 -34.65 14.64
N ILE F 189 -11.89 -35.67 15.48
CA ILE F 189 -10.77 -36.54 15.87
C ILE F 189 -11.00 -37.95 15.27
N LEU F 190 -9.99 -38.44 14.53
CA LEU F 190 -9.97 -39.72 13.82
C LEU F 190 -9.20 -40.74 14.68
N SER F 219 -14.98 -27.89 -15.53
CA SER F 219 -15.06 -26.66 -14.77
C SER F 219 -15.18 -25.43 -15.70
N THR F 220 -16.30 -24.68 -15.56
CA THR F 220 -16.61 -23.47 -16.34
C THR F 220 -17.08 -22.33 -15.46
N THR F 221 -17.19 -21.17 -16.08
CA THR F 221 -17.69 -19.97 -15.43
C THR F 221 -18.79 -19.37 -16.26
N ILE F 222 -19.85 -18.99 -15.59
CA ILE F 222 -20.96 -18.32 -16.19
C ILE F 222 -20.96 -16.91 -15.67
N ARG F 223 -21.04 -15.97 -16.58
CA ARG F 223 -21.04 -14.59 -16.17
C ARG F 223 -22.45 -14.07 -16.19
N TYR F 224 -22.74 -13.23 -15.22
CA TYR F 224 -24.02 -12.60 -15.12
C TYR F 224 -23.84 -11.13 -14.91
N GLN F 225 -24.82 -10.37 -15.34
CA GLN F 225 -24.80 -8.95 -15.04
C GLN F 225 -25.79 -8.68 -13.95
N ALA F 226 -25.59 -7.62 -13.18
CA ALA F 226 -26.55 -7.33 -12.14
C ALA F 226 -26.78 -5.86 -11.84
N THR F 227 -27.99 -5.60 -11.39
CA THR F 227 -28.42 -4.31 -10.86
C THR F 227 -29.19 -4.51 -9.58
N GLY F 228 -29.09 -3.54 -8.67
CA GLY F 228 -29.80 -3.64 -7.40
C GLY F 228 -29.12 -4.69 -6.55
N PHE F 229 -27.82 -4.85 -6.68
CA PHE F 229 -27.17 -5.91 -5.93
C PHE F 229 -27.52 -5.91 -4.43
N GLY F 230 -27.54 -4.75 -3.80
CA GLY F 230 -27.79 -4.64 -2.37
C GLY F 230 -29.27 -4.43 -1.99
N THR F 231 -30.18 -4.51 -2.95
CA THR F 231 -31.60 -4.26 -2.71
C THR F 231 -32.39 -5.57 -2.68
N ASN F 232 -33.67 -5.51 -2.25
CA ASN F 232 -34.61 -6.64 -2.28
C ASN F 232 -35.15 -6.88 -3.71
N GLU F 233 -35.45 -5.77 -4.44
CA GLU F 233 -35.91 -5.73 -5.83
C GLU F 233 -34.67 -5.61 -6.71
N THR F 234 -34.30 -6.73 -7.33
CA THR F 234 -33.05 -6.83 -8.08
C THR F 234 -33.29 -7.44 -9.43
N GLU F 235 -32.28 -7.36 -10.30
CA GLU F 235 -32.38 -8.02 -11.60
C GLU F 235 -31.05 -8.54 -12.09
N TYR F 236 -31.08 -9.73 -12.65
CA TYR F 236 -29.89 -10.37 -13.18
C TYR F 236 -30.09 -10.84 -14.61
N LEU F 237 -29.00 -10.83 -15.36
CA LEU F 237 -28.96 -11.33 -16.72
C LEU F 237 -27.93 -12.40 -16.92
N PHE F 238 -28.25 -13.36 -17.76
CA PHE F 238 -27.30 -14.39 -18.16
C PHE F 238 -26.61 -13.95 -19.43
N GLU F 239 -25.28 -13.96 -19.40
CA GLU F 239 -24.53 -13.50 -20.54
C GLU F 239 -24.20 -14.60 -21.53
N VAL F 240 -24.51 -14.32 -22.79
CA VAL F 240 -24.24 -15.20 -23.92
C VAL F 240 -23.09 -14.59 -24.71
N ASP F 241 -23.19 -13.28 -24.93
CA ASP F 241 -22.21 -12.52 -25.71
C ASP F 241 -22.18 -11.08 -25.19
N ASN F 242 -21.32 -10.23 -25.75
CA ASN F 242 -21.23 -8.87 -25.24
C ASN F 242 -22.50 -8.08 -25.38
N LEU F 243 -23.24 -8.33 -26.45
CA LEU F 243 -24.49 -7.62 -26.65
C LEU F 243 -25.68 -8.56 -26.48
N THR F 244 -25.44 -9.76 -25.96
CA THR F 244 -26.52 -10.73 -25.87
C THR F 244 -26.77 -11.23 -24.47
N TYR F 245 -27.96 -10.92 -24.00
CA TYR F 245 -28.37 -11.29 -22.67
C TYR F 245 -29.73 -11.87 -22.63
N VAL F 246 -29.97 -12.70 -21.66
CA VAL F 246 -31.32 -13.15 -21.51
C VAL F 246 -31.68 -12.83 -20.07
N GLN F 247 -32.96 -12.72 -19.78
CA GLN F 247 -33.32 -12.47 -18.41
C GLN F 247 -33.02 -13.69 -17.60
N LEU F 248 -32.49 -13.51 -16.38
CA LEU F 248 -32.21 -14.67 -15.58
C LEU F 248 -33.46 -15.08 -14.82
N GLU F 249 -33.75 -16.38 -14.82
CA GLU F 249 -34.89 -16.93 -14.11
C GLU F 249 -34.46 -18.15 -13.31
N SER F 250 -35.04 -18.28 -12.12
CA SER F 250 -34.73 -19.32 -11.14
C SER F 250 -34.99 -20.76 -11.57
N ARG F 251 -35.70 -20.96 -12.66
CA ARG F 251 -35.97 -22.31 -13.12
C ARG F 251 -34.81 -22.83 -13.98
N PHE F 252 -33.81 -21.99 -14.24
CA PHE F 252 -32.70 -22.38 -15.08
C PHE F 252 -31.45 -22.75 -14.32
N THR F 253 -31.11 -24.01 -14.43
CA THR F 253 -29.96 -24.61 -13.80
C THR F 253 -28.81 -24.20 -14.69
N PRO F 254 -27.53 -24.30 -14.29
CA PRO F 254 -26.40 -23.96 -15.12
C PRO F 254 -26.47 -24.64 -16.48
N GLN F 255 -26.98 -25.87 -16.52
CA GLN F 255 -27.03 -26.58 -17.77
C GLN F 255 -28.12 -26.05 -18.66
N PHE F 256 -29.21 -25.67 -18.05
CA PHE F 256 -30.36 -25.17 -18.79
C PHE F 256 -29.93 -23.81 -19.36
N LEU F 257 -29.22 -23.02 -18.57
CA LEU F 257 -28.79 -21.73 -19.06
C LEU F 257 -27.83 -21.90 -20.23
N LEU F 258 -26.94 -22.88 -20.14
CA LEU F 258 -26.02 -23.11 -21.23
C LEU F 258 -26.78 -23.58 -22.47
N GLN F 259 -27.86 -24.34 -22.29
CA GLN F 259 -28.66 -24.73 -23.44
C GLN F 259 -29.25 -23.48 -24.10
N LEU F 260 -29.61 -22.47 -23.30
CA LEU F 260 -30.12 -21.23 -23.91
C LEU F 260 -29.01 -20.56 -24.73
N ASN F 261 -27.72 -20.58 -24.22
CA ASN F 261 -26.54 -20.05 -24.92
C ASN F 261 -26.33 -20.77 -26.24
N GLU F 262 -26.49 -22.12 -26.27
CA GLU F 262 -26.31 -22.95 -27.46
C GLU F 262 -27.35 -22.60 -28.52
N THR F 263 -28.57 -22.40 -28.07
CA THR F 263 -29.65 -22.06 -28.98
C THR F 263 -29.44 -20.74 -29.67
N ILE F 264 -29.10 -19.71 -28.89
CA ILE F 264 -28.95 -18.38 -29.45
C ILE F 264 -27.66 -18.25 -30.24
N TYR F 265 -26.58 -18.71 -29.65
CA TYR F 265 -25.29 -18.60 -30.26
C TYR F 265 -25.32 -19.26 -31.63
N ALA F 266 -25.83 -20.50 -31.67
CA ALA F 266 -25.92 -21.26 -32.89
C ALA F 266 -26.87 -20.70 -33.92
N SER F 267 -28.04 -20.16 -33.52
CA SER F 267 -28.96 -19.66 -34.53
C SER F 267 -28.39 -18.40 -35.17
N GLY F 268 -27.58 -17.68 -34.41
CA GLY F 268 -26.93 -16.48 -34.90
C GLY F 268 -27.82 -15.26 -34.73
N LYS F 269 -28.99 -15.46 -34.14
CA LYS F 269 -29.89 -14.35 -33.97
C LYS F 269 -29.54 -13.63 -32.70
N ARG F 270 -28.53 -12.79 -32.82
CA ARG F 270 -27.96 -12.00 -31.74
C ARG F 270 -28.17 -10.53 -32.02
N SER F 271 -27.87 -9.66 -31.05
CA SER F 271 -28.18 -8.26 -31.27
C SER F 271 -27.64 -7.77 -32.61
N ASN F 272 -28.53 -7.10 -33.38
CA ASN F 272 -28.25 -6.51 -34.70
C ASN F 272 -28.18 -4.96 -34.64
N THR F 273 -27.96 -4.39 -33.42
CA THR F 273 -27.84 -2.97 -33.13
C THR F 273 -26.53 -2.75 -32.40
N THR F 274 -26.30 -1.52 -31.97
CA THR F 274 -25.04 -1.20 -31.31
C THR F 274 -25.02 -1.55 -29.83
N GLY F 275 -26.19 -1.57 -29.21
CA GLY F 275 -26.29 -1.88 -27.81
C GLY F 275 -26.69 -3.32 -27.57
N LYS F 276 -26.88 -3.62 -26.31
CA LYS F 276 -27.23 -4.98 -25.94
C LYS F 276 -28.72 -5.14 -25.90
N LEU F 277 -29.16 -6.32 -26.22
CA LEU F 277 -30.57 -6.62 -26.17
C LEU F 277 -30.79 -7.75 -25.21
N ILE F 278 -31.95 -7.73 -24.56
CA ILE F 278 -32.27 -8.74 -23.59
C ILE F 278 -33.49 -9.55 -23.99
N TRP F 279 -33.32 -10.85 -24.03
CA TRP F 279 -34.37 -11.76 -24.40
C TRP F 279 -35.24 -12.10 -23.24
N LYS F 280 -36.52 -12.16 -23.48
CA LYS F 280 -37.34 -12.73 -22.45
C LYS F 280 -37.20 -14.19 -22.74
N VAL F 281 -37.28 -15.03 -21.76
CA VAL F 281 -37.34 -16.43 -22.09
C VAL F 281 -38.73 -16.85 -21.69
N ASN F 282 -39.48 -17.34 -22.65
CA ASN F 282 -40.86 -17.69 -22.45
C ASN F 282 -40.96 -18.74 -21.35
N PRO F 283 -41.81 -18.54 -20.31
CA PRO F 283 -42.05 -19.45 -19.19
C PRO F 283 -42.41 -20.92 -19.52
N GLU F 284 -42.94 -21.22 -20.74
CA GLU F 284 -43.36 -22.56 -21.22
C GLU F 284 -42.40 -23.68 -20.77
N VAL G 43 -25.56 -38.66 20.22
CA VAL G 43 -24.68 -38.63 19.06
C VAL G 43 -25.05 -37.36 18.26
N ILE G 44 -24.46 -37.16 17.06
CA ILE G 44 -24.72 -35.99 16.20
C ILE G 44 -25.75 -36.29 15.10
N VAL G 45 -26.89 -35.57 15.14
CA VAL G 45 -28.02 -35.81 14.24
C VAL G 45 -28.42 -34.62 13.36
N ASN G 46 -28.42 -34.83 12.05
CA ASN G 46 -28.73 -33.76 11.10
C ASN G 46 -30.21 -33.63 10.85
N ALA G 47 -30.89 -33.08 11.82
CA ALA G 47 -32.34 -32.97 11.80
C ALA G 47 -32.83 -31.77 10.96
N GLN G 48 -32.66 -31.87 9.65
CA GLN G 48 -33.11 -30.82 8.73
C GLN G 48 -33.63 -31.50 7.44
N PRO G 49 -34.48 -30.84 6.62
CA PRO G 49 -35.10 -31.39 5.42
C PRO G 49 -34.23 -32.08 4.37
N LYS G 50 -33.01 -31.63 4.14
CA LYS G 50 -32.19 -32.27 3.13
C LYS G 50 -30.77 -32.57 3.58
N CYS G 51 -30.16 -33.61 2.96
CA CYS G 51 -28.78 -34.01 3.16
C CYS G 51 -28.29 -34.80 1.95
N ASN G 52 -27.15 -34.40 1.47
CA ASN G 52 -26.43 -35.06 0.43
C ASN G 52 -25.77 -36.30 1.04
N PRO G 53 -26.08 -37.51 0.62
CA PRO G 53 -25.58 -38.74 1.20
C PRO G 53 -24.18 -39.10 0.74
N ASN G 54 -23.50 -38.22 0.02
CA ASN G 54 -22.16 -38.57 -0.37
C ASN G 54 -21.23 -37.39 -0.12
N LEU G 55 -19.95 -37.59 -0.39
CA LEU G 55 -18.96 -36.55 -0.33
C LEU G 55 -17.95 -36.67 -1.43
N HIS G 56 -17.66 -35.55 -2.07
CA HIS G 56 -16.62 -35.53 -3.08
C HIS G 56 -15.60 -34.63 -2.46
N TYR G 57 -14.46 -35.21 -2.16
CA TYR G 57 -13.39 -34.57 -1.41
C TYR G 57 -12.28 -34.00 -2.20
N TRP G 58 -11.70 -32.97 -1.64
CA TRP G 58 -10.43 -32.43 -2.05
C TRP G 58 -9.62 -32.28 -0.79
N THR G 59 -8.32 -32.41 -0.90
CA THR G 59 -7.45 -32.20 0.26
C THR G 59 -6.00 -31.98 -0.07
N THR G 60 -5.25 -31.37 0.84
CA THR G 60 -3.79 -31.32 0.58
C THR G 60 -2.98 -32.49 1.22
N GLN G 61 -3.67 -33.43 1.93
CA GLN G 61 -3.13 -34.63 2.59
C GLN G 61 -2.40 -35.50 1.55
N ALA G 66 6.47 -40.81 -2.65
CA ALA G 66 7.21 -40.32 -3.80
C ALA G 66 8.30 -39.37 -3.30
N ILE G 67 9.32 -39.13 -4.14
CA ILE G 67 10.45 -38.22 -3.92
C ILE G 67 10.98 -37.84 -5.28
N GLY G 68 11.58 -36.67 -5.40
CA GLY G 68 12.13 -36.23 -6.67
C GLY G 68 12.14 -34.72 -6.72
N LEU G 69 12.32 -34.16 -7.91
CA LEU G 69 12.42 -32.71 -8.08
C LEU G 69 11.08 -32.07 -7.81
N ALA G 70 10.05 -32.86 -7.79
CA ALA G 70 8.71 -32.38 -7.54
C ALA G 70 8.62 -31.75 -6.15
N TRP G 71 9.55 -32.11 -5.26
CA TRP G 71 9.55 -31.62 -3.89
C TRP G 71 10.24 -30.28 -3.74
N ILE G 72 10.78 -29.79 -4.84
CA ILE G 72 11.43 -28.51 -4.88
C ILE G 72 10.45 -27.54 -5.51
N PRO G 73 10.04 -26.45 -4.86
CA PRO G 73 9.07 -25.46 -5.35
C PRO G 73 9.37 -25.00 -6.78
N TYR G 74 10.65 -24.90 -7.09
CA TYR G 74 11.11 -24.51 -8.42
C TYR G 74 10.60 -25.47 -9.51
N PHE G 75 10.62 -26.77 -9.24
CA PHE G 75 10.21 -27.73 -10.25
C PHE G 75 8.82 -28.30 -10.03
N GLY G 76 8.30 -28.16 -8.82
CA GLY G 76 7.03 -28.74 -8.48
C GLY G 76 5.88 -27.97 -9.12
N PRO G 77 4.65 -28.45 -8.96
CA PRO G 77 3.42 -27.92 -9.49
C PRO G 77 2.95 -26.66 -8.80
N ALA G 78 2.10 -25.92 -9.50
CA ALA G 78 1.41 -24.78 -8.96
C ALA G 78 0.39 -25.28 -7.95
N ALA G 79 -0.03 -24.41 -7.04
CA ALA G 79 -0.92 -24.78 -5.94
C ALA G 79 -2.23 -25.45 -6.36
N GLU G 80 -2.79 -25.14 -7.50
CA GLU G 80 -4.05 -25.79 -7.83
C GLU G 80 -3.89 -27.32 -8.02
N GLY G 81 -2.64 -27.76 -8.25
CA GLY G 81 -2.30 -29.13 -8.50
C GLY G 81 -1.81 -29.90 -7.27
N ILE G 82 -1.89 -29.32 -6.07
CA ILE G 82 -1.34 -30.06 -4.92
C ILE G 82 -2.43 -30.77 -4.15
N TYR G 83 -3.61 -30.82 -4.70
CA TYR G 83 -4.72 -31.46 -4.05
C TYR G 83 -4.94 -32.87 -4.53
N THR G 84 -5.40 -33.72 -3.61
CA THR G 84 -5.81 -35.07 -3.91
C THR G 84 -7.30 -35.14 -3.69
N GLU G 85 -7.93 -36.21 -4.16
CA GLU G 85 -9.38 -36.33 -4.03
C GLU G 85 -9.91 -37.75 -3.91
N GLY G 86 -11.22 -37.83 -3.77
CA GLY G 86 -11.92 -39.12 -3.71
C GLY G 86 -13.40 -39.00 -3.32
N LEU G 87 -14.12 -40.12 -3.34
CA LEU G 87 -15.53 -40.11 -2.97
C LEU G 87 -15.81 -40.98 -1.76
N MET G 88 -16.81 -40.60 -0.97
CA MET G 88 -17.23 -41.48 0.13
C MET G 88 -18.76 -41.53 0.28
N HIS G 89 -19.26 -42.70 0.66
CA HIS G 89 -20.67 -42.92 0.96
C HIS G 89 -21.03 -42.67 2.40
N ASN G 90 -22.31 -42.40 2.65
CA ASN G 90 -22.82 -42.13 4.00
C ASN G 90 -23.06 -43.39 4.79
N GLN G 91 -21.98 -44.09 4.98
CA GLN G 91 -22.00 -45.30 5.71
C GLN G 91 -22.27 -44.95 7.14
N ASP G 92 -23.26 -45.61 7.72
CA ASP G 92 -23.65 -45.46 9.11
C ASP G 92 -24.13 -44.05 9.47
N GLY G 93 -24.48 -43.24 8.46
CA GLY G 93 -25.02 -41.92 8.74
C GLY G 93 -23.94 -40.89 9.04
N LEU G 94 -22.68 -41.25 8.83
CA LEU G 94 -21.58 -40.37 9.15
C LEU G 94 -21.55 -39.09 8.36
N ILE G 95 -21.94 -39.10 7.10
CA ILE G 95 -21.84 -37.86 6.35
C ILE G 95 -22.82 -36.81 6.86
N CYS G 96 -24.09 -37.19 7.10
CA CYS G 96 -25.12 -36.29 7.57
C CYS G 96 -24.79 -35.84 8.98
N GLY G 97 -24.26 -36.74 9.81
CA GLY G 97 -23.90 -36.32 11.14
C GLY G 97 -22.86 -35.22 11.04
N LEU G 98 -21.91 -35.34 10.10
CA LEU G 98 -20.90 -34.32 9.94
C LEU G 98 -21.52 -32.98 9.61
N ARG G 99 -22.59 -33.00 8.83
CA ARG G 99 -23.25 -31.76 8.47
C ARG G 99 -23.80 -31.10 9.71
N GLN G 100 -24.40 -31.89 10.59
CA GLN G 100 -24.90 -31.24 11.77
C GLN G 100 -23.77 -30.73 12.63
N LEU G 101 -22.68 -31.47 12.70
CA LEU G 101 -21.59 -31.00 13.52
C LEU G 101 -21.17 -29.64 13.04
N ALA G 102 -21.01 -29.48 11.74
CA ALA G 102 -20.62 -28.20 11.20
C ALA G 102 -21.65 -27.08 11.51
N ASN G 103 -22.97 -27.43 11.54
CA ASN G 103 -24.08 -26.50 11.82
C ASN G 103 -24.05 -26.00 13.30
N GLU G 104 -23.64 -26.88 14.25
CA GLU G 104 -23.51 -26.57 15.69
C GLU G 104 -22.24 -25.74 15.93
N THR G 105 -21.19 -26.13 15.20
CA THR G 105 -19.87 -25.53 15.25
C THR G 105 -19.96 -24.12 14.80
N THR G 106 -20.72 -23.85 13.76
CA THR G 106 -20.81 -22.50 13.25
C THR G 106 -21.20 -21.53 14.33
N GLN G 107 -22.15 -21.87 15.18
CA GLN G 107 -22.53 -20.88 16.15
C GLN G 107 -21.46 -20.70 17.20
N ALA G 108 -20.86 -21.79 17.65
CA ALA G 108 -19.84 -21.63 18.68
C ALA G 108 -18.63 -20.89 18.17
N LEU G 109 -18.31 -21.15 16.92
CA LEU G 109 -17.16 -20.60 16.26
C LEU G 109 -17.34 -19.14 15.96
N GLN G 110 -18.51 -18.72 15.50
CA GLN G 110 -18.64 -17.32 15.21
C GLN G 110 -18.50 -16.51 16.49
N LEU G 111 -19.01 -17.03 17.61
CA LEU G 111 -18.89 -16.27 18.84
C LEU G 111 -17.44 -16.27 19.31
N PHE G 112 -16.77 -17.41 19.18
CA PHE G 112 -15.38 -17.53 19.55
C PHE G 112 -14.52 -16.55 18.81
N LEU G 113 -14.68 -16.50 17.50
CA LEU G 113 -13.87 -15.62 16.71
C LEU G 113 -14.17 -14.17 17.06
N ARG G 114 -15.43 -13.87 17.34
CA ARG G 114 -15.79 -12.52 17.69
C ARG G 114 -15.02 -12.00 18.89
N ALA G 115 -14.81 -12.87 19.86
CA ALA G 115 -14.15 -12.52 21.10
C ALA G 115 -12.62 -12.45 21.04
N THR G 116 -11.98 -12.84 19.92
CA THR G 116 -10.51 -12.84 19.89
C THR G 116 -9.90 -11.69 19.13
N THR G 117 -8.58 -11.65 19.17
CA THR G 117 -7.77 -10.63 18.52
C THR G 117 -7.07 -11.15 17.32
N GLU G 118 -7.06 -12.46 17.18
CA GLU G 118 -6.35 -13.05 16.09
C GLU G 118 -7.19 -13.10 14.83
N LEU G 119 -6.70 -12.40 13.81
CA LEU G 119 -7.40 -12.31 12.55
C LEU G 119 -7.36 -13.63 11.81
N ARG G 120 -6.27 -14.36 11.96
CA ARG G 120 -6.09 -15.62 11.28
C ARG G 120 -5.83 -16.73 12.29
N THR G 121 -6.89 -17.44 12.69
CA THR G 121 -6.73 -18.40 13.77
C THR G 121 -6.70 -19.84 13.31
N PHE G 122 -5.55 -20.45 13.47
CA PHE G 122 -5.34 -21.84 13.09
C PHE G 122 -5.07 -22.69 14.32
N SER G 123 -5.29 -22.12 15.50
CA SER G 123 -5.00 -22.73 16.79
C SER G 123 -6.05 -23.66 17.37
N ILE G 124 -7.22 -23.76 16.78
CA ILE G 124 -8.29 -24.53 17.42
C ILE G 124 -7.93 -25.98 17.65
N LEU G 125 -7.37 -26.66 16.66
CA LEU G 125 -7.06 -28.07 16.90
C LEU G 125 -5.93 -28.24 17.91
N ASN G 126 -5.00 -27.29 17.96
CA ASN G 126 -3.89 -27.42 18.91
C ASN G 126 -4.43 -27.23 20.32
N ARG G 127 -5.37 -26.31 20.49
CA ARG G 127 -5.95 -26.07 21.79
C ARG G 127 -6.70 -27.29 22.24
N LYS G 128 -7.37 -27.96 21.31
CA LYS G 128 -8.10 -29.14 21.70
C LYS G 128 -7.16 -30.23 22.15
N ALA G 129 -6.01 -30.39 21.47
CA ALA G 129 -5.07 -31.41 21.88
C ALA G 129 -4.53 -31.13 23.28
N ILE G 130 -4.31 -29.85 23.59
CA ILE G 130 -3.81 -29.51 24.90
C ILE G 130 -4.85 -29.82 25.96
N ASP G 131 -6.11 -29.43 25.73
CA ASP G 131 -7.16 -29.70 26.71
C ASP G 131 -7.37 -31.19 26.87
N PHE G 132 -7.23 -31.93 25.79
CA PHE G 132 -7.43 -33.36 25.85
C PHE G 132 -6.51 -33.95 26.91
N LEU G 133 -5.23 -33.60 26.85
CA LEU G 133 -4.35 -34.15 27.86
C LEU G 133 -4.55 -33.51 29.22
N LEU G 134 -4.81 -32.21 29.30
CA LEU G 134 -4.94 -31.57 30.61
C LEU G 134 -6.11 -32.13 31.40
N GLN G 135 -7.20 -32.46 30.74
CA GLN G 135 -8.29 -32.97 31.52
C GLN G 135 -7.96 -34.27 32.24
N ARG G 136 -7.08 -35.11 31.67
CA ARG G 136 -6.75 -36.33 32.35
C ARG G 136 -5.51 -36.18 33.25
N TRP G 137 -4.52 -35.40 32.79
CA TRP G 137 -3.26 -35.20 33.51
C TRP G 137 -2.98 -33.78 34.05
N GLY G 138 -3.99 -32.92 34.21
CA GLY G 138 -3.88 -31.55 34.72
C GLY G 138 -3.12 -31.50 36.04
N SER H 20 -52.43 3.71 -23.52
CA SER H 20 -51.94 4.57 -22.45
C SER H 20 -52.04 3.86 -21.06
N VAL H 21 -51.56 2.60 -21.01
CA VAL H 21 -51.54 1.71 -19.82
C VAL H 21 -50.47 2.12 -18.83
N LEU H 22 -49.32 2.50 -19.32
CA LEU H 22 -48.25 2.82 -18.37
C LEU H 22 -48.40 4.27 -17.99
N THR H 23 -48.49 4.49 -16.71
CA THR H 23 -48.71 5.81 -16.21
C THR H 23 -47.48 6.62 -16.44
N GLN H 24 -47.67 7.79 -16.97
CA GLN H 24 -46.60 8.73 -17.17
C GLN H 24 -47.17 10.02 -16.66
N PRO H 25 -46.38 10.98 -16.18
CA PRO H 25 -46.89 12.25 -15.78
C PRO H 25 -47.35 12.87 -17.08
N PRO H 26 -48.35 13.75 -17.08
CA PRO H 26 -48.81 14.42 -18.27
C PRO H 26 -47.80 15.41 -18.80
N SER H 27 -46.88 15.84 -17.94
CA SER H 27 -45.90 16.81 -18.33
C SER H 27 -44.67 16.75 -17.45
N ALA H 28 -43.63 17.39 -17.93
CA ALA H 28 -42.37 17.53 -17.24
C ALA H 28 -41.78 18.84 -17.68
N SER H 29 -40.90 19.42 -16.89
CA SER H 29 -40.29 20.65 -17.36
C SER H 29 -39.00 21.00 -16.68
N GLY H 30 -38.30 21.93 -17.29
CA GLY H 30 -37.08 22.50 -16.72
C GLY H 30 -36.48 23.50 -17.69
N THR H 31 -35.48 24.22 -17.24
CA THR H 31 -34.81 25.22 -18.05
C THR H 31 -33.77 24.52 -18.88
N PRO H 32 -33.21 25.13 -19.92
CA PRO H 32 -32.11 24.57 -20.64
C PRO H 32 -30.99 24.35 -19.65
N GLY H 33 -30.32 23.24 -19.78
CA GLY H 33 -29.20 22.85 -18.94
C GLY H 33 -29.63 22.15 -17.66
N GLN H 34 -30.93 22.10 -17.40
CA GLN H 34 -31.45 21.48 -16.20
C GLN H 34 -31.51 19.98 -16.31
N ARG H 35 -31.22 19.27 -15.24
CA ARG H 35 -31.40 17.84 -15.30
C ARG H 35 -32.87 17.59 -15.01
N VAL H 36 -33.51 16.86 -15.91
CA VAL H 36 -34.93 16.54 -15.76
C VAL H 36 -35.18 15.05 -15.95
N SER H 37 -36.33 14.58 -15.49
CA SER H 37 -36.70 13.19 -15.74
C SER H 37 -38.19 12.98 -15.88
N ILE H 38 -38.52 11.89 -16.55
CA ILE H 38 -39.88 11.47 -16.79
C ILE H 38 -40.12 10.05 -16.28
N SER H 39 -41.06 9.91 -15.37
CA SER H 39 -41.36 8.60 -14.81
C SER H 39 -42.34 7.80 -15.69
N CYS H 40 -42.39 6.47 -15.44
CA CYS H 40 -43.27 5.49 -16.07
C CYS H 40 -43.67 4.42 -15.04
N SER H 41 -44.96 4.06 -15.00
CA SER H 41 -45.41 3.01 -14.06
C SER H 41 -46.50 2.05 -14.55
N GLY H 42 -46.21 0.76 -14.43
CA GLY H 42 -47.07 -0.31 -14.88
C GLY H 42 -47.19 -1.44 -13.87
N SER H 43 -47.06 -2.66 -14.38
CA SER H 43 -47.20 -3.88 -13.61
C SER H 43 -46.13 -4.88 -14.02
N ARG H 44 -46.19 -6.08 -13.42
CA ARG H 44 -45.23 -7.15 -13.64
C ARG H 44 -45.41 -7.86 -14.97
N SER H 45 -46.50 -7.54 -15.66
CA SER H 45 -46.77 -8.13 -16.95
C SER H 45 -46.10 -7.33 -18.04
N ASN H 46 -45.60 -6.15 -17.70
CA ASN H 46 -45.04 -5.28 -18.72
C ASN H 46 -43.70 -4.77 -18.26
N ILE H 47 -43.67 -3.73 -17.44
CA ILE H 47 -42.41 -3.16 -16.98
C ILE H 47 -41.65 -4.13 -16.11
N GLY H 48 -42.37 -4.82 -15.26
CA GLY H 48 -41.71 -5.77 -14.39
C GLY H 48 -41.58 -7.11 -15.08
N GLY H 49 -41.95 -7.15 -16.36
CA GLY H 49 -41.92 -8.31 -17.21
C GLY H 49 -40.68 -8.20 -18.08
N ASN H 50 -40.84 -7.41 -19.13
CA ASN H 50 -39.91 -7.14 -20.22
C ASN H 50 -39.08 -5.87 -19.99
N THR H 51 -38.19 -5.55 -20.93
CA THR H 51 -37.44 -4.31 -20.80
C THR H 51 -38.29 -3.16 -21.27
N VAL H 52 -37.87 -1.96 -20.94
CA VAL H 52 -38.62 -0.78 -21.35
C VAL H 52 -37.84 0.10 -22.29
N ASP H 53 -38.48 0.41 -23.40
CA ASP H 53 -37.92 1.30 -24.40
C ASP H 53 -38.57 2.66 -24.24
N TRP H 54 -37.89 3.69 -24.71
CA TRP H 54 -38.46 5.04 -24.73
C TRP H 54 -38.36 5.65 -26.09
N TYR H 55 -39.35 6.48 -26.41
CA TYR H 55 -39.39 7.21 -27.66
C TYR H 55 -39.55 8.72 -27.44
N GLN H 56 -38.95 9.51 -28.32
CA GLN H 56 -39.07 10.97 -28.28
C GLN H 56 -39.80 11.53 -29.48
N GLN H 57 -40.98 12.10 -29.26
CA GLN H 57 -41.76 12.67 -30.34
C GLN H 57 -41.71 14.16 -30.37
N LEU H 58 -40.96 14.68 -31.32
CA LEU H 58 -40.82 16.11 -31.40
C LEU H 58 -42.14 16.61 -31.96
N PRO H 59 -42.56 17.83 -31.67
CA PRO H 59 -43.80 18.37 -32.19
C PRO H 59 -43.83 18.30 -33.70
N GLY H 60 -44.96 17.87 -34.24
CA GLY H 60 -45.18 17.80 -35.67
C GLY H 60 -44.67 16.53 -36.36
N THR H 61 -44.00 15.64 -35.65
CA THR H 61 -43.45 14.46 -36.28
C THR H 61 -43.69 13.16 -35.50
N ASP H 62 -43.26 12.03 -36.06
CA ASP H 62 -43.34 10.72 -35.43
C ASP H 62 -42.29 10.62 -34.32
N PRO H 63 -42.47 9.78 -33.31
CA PRO H 63 -41.51 9.49 -32.27
C PRO H 63 -40.33 8.73 -32.76
N LYS H 64 -39.16 8.99 -32.20
CA LYS H 64 -38.01 8.20 -32.54
C LYS H 64 -37.56 7.37 -31.37
N LEU H 65 -36.99 6.21 -31.65
CA LEU H 65 -36.47 5.42 -30.55
C LEU H 65 -35.40 6.25 -29.93
N LEU H 66 -35.49 6.42 -28.63
CA LEU H 66 -34.57 7.22 -27.90
C LEU H 66 -33.69 6.37 -27.01
N ILE H 67 -34.33 5.43 -26.34
CA ILE H 67 -33.67 4.55 -25.40
C ILE H 67 -34.18 3.15 -25.63
N TYR H 68 -33.32 2.15 -25.56
CA TYR H 68 -33.81 0.79 -25.65
C TYR H 68 -33.14 -0.10 -24.64
N SER H 69 -33.80 -1.19 -24.30
CA SER H 69 -33.24 -2.13 -23.33
C SER H 69 -32.90 -1.38 -22.04
N ASN H 70 -33.79 -0.50 -21.58
CA ASN H 70 -33.68 0.29 -20.35
C ASN H 70 -32.69 1.46 -20.44
N ASP H 71 -31.44 1.21 -20.85
CA ASP H 71 -30.44 2.27 -20.91
C ASP H 71 -29.52 2.33 -22.13
N GLN H 72 -29.85 1.70 -23.24
CA GLN H 72 -28.97 1.73 -24.41
C GLN H 72 -29.38 2.84 -25.36
N ARG H 73 -28.42 3.54 -25.93
CA ARG H 73 -28.76 4.59 -26.89
C ARG H 73 -28.69 4.10 -28.33
N PRO H 74 -29.71 4.38 -29.16
CA PRO H 74 -29.73 4.17 -30.58
C PRO H 74 -28.69 5.08 -31.17
N SER H 75 -28.12 4.69 -32.29
CA SER H 75 -27.19 5.60 -32.91
C SER H 75 -27.94 6.87 -33.22
N GLY H 76 -27.27 8.01 -33.00
CA GLY H 76 -27.87 9.31 -33.27
C GLY H 76 -28.44 9.97 -32.01
N VAL H 77 -28.60 9.21 -30.94
CA VAL H 77 -29.11 9.75 -29.70
C VAL H 77 -27.93 10.20 -28.84
N PRO H 78 -27.89 11.47 -28.38
CA PRO H 78 -26.84 12.05 -27.60
C PRO H 78 -26.77 11.51 -26.20
N ASP H 79 -25.61 11.66 -25.60
CA ASP H 79 -25.23 11.17 -24.29
C ASP H 79 -26.00 11.73 -23.12
N ARG H 80 -26.71 12.81 -23.36
CA ARG H 80 -27.52 13.36 -22.29
C ARG H 80 -28.69 12.42 -21.99
N PHE H 81 -29.05 11.52 -22.90
CA PHE H 81 -30.18 10.64 -22.62
C PHE H 81 -29.78 9.34 -21.93
N SER H 82 -30.46 9.07 -20.83
CA SER H 82 -30.24 7.88 -20.04
C SER H 82 -31.56 7.43 -19.41
N GLY H 83 -31.52 6.33 -18.67
CA GLY H 83 -32.75 5.83 -18.06
C GLY H 83 -32.49 4.61 -17.20
N SER H 84 -33.57 4.09 -16.64
CA SER H 84 -33.51 2.95 -15.74
C SER H 84 -34.82 2.18 -15.64
N LYS H 85 -34.73 0.98 -15.06
CA LYS H 85 -35.90 0.17 -14.78
C LYS H 85 -35.76 -0.49 -13.42
N SER H 86 -36.83 -0.47 -12.62
CA SER H 86 -36.84 -1.11 -11.31
C SER H 86 -38.24 -1.56 -10.94
N GLY H 87 -38.42 -2.84 -10.64
CA GLY H 87 -39.74 -3.31 -10.31
C GLY H 87 -40.66 -3.12 -11.48
N THR H 88 -41.76 -2.42 -11.26
CA THR H 88 -42.77 -2.15 -12.28
C THR H 88 -42.74 -0.68 -12.64
N SER H 89 -41.66 0.00 -12.24
CA SER H 89 -41.46 1.39 -12.54
C SER H 89 -40.28 1.56 -13.50
N ALA H 90 -40.26 2.67 -14.21
CA ALA H 90 -39.18 2.97 -15.13
C ALA H 90 -38.99 4.48 -15.25
N SER H 91 -37.81 4.89 -15.70
CA SER H 91 -37.55 6.32 -15.87
C SER H 91 -36.61 6.72 -16.99
N LEU H 92 -36.93 7.85 -17.58
CA LEU H 92 -36.14 8.54 -18.58
C LEU H 92 -35.47 9.74 -17.96
N ALA H 93 -34.23 9.99 -18.29
CA ALA H 93 -33.62 11.20 -17.76
C ALA H 93 -32.79 11.91 -18.81
N ILE H 94 -32.76 13.23 -18.68
CA ILE H 94 -31.96 14.05 -19.55
C ILE H 94 -30.94 14.84 -18.74
N SER H 95 -29.67 14.54 -18.94
CA SER H 95 -28.57 15.15 -18.22
C SER H 95 -28.17 16.51 -18.80
N GLY H 96 -29.09 17.44 -18.69
CA GLY H 96 -28.98 18.80 -19.17
C GLY H 96 -29.86 18.98 -20.38
N LEU H 97 -31.06 19.48 -20.13
CA LEU H 97 -32.12 19.67 -21.10
C LEU H 97 -31.82 20.67 -22.19
N GLN H 98 -32.11 20.30 -23.44
CA GLN H 98 -31.88 21.23 -24.53
C GLN H 98 -33.21 21.74 -25.07
N SER H 99 -33.21 22.86 -25.78
CA SER H 99 -34.48 23.37 -26.34
C SER H 99 -35.08 22.43 -27.39
N GLU H 100 -34.24 21.66 -28.05
CA GLU H 100 -34.71 20.71 -29.04
C GLU H 100 -35.38 19.50 -28.40
N ASP H 101 -35.34 19.40 -27.06
CA ASP H 101 -35.93 18.28 -26.39
C ASP H 101 -37.39 18.48 -26.03
N GLU H 102 -37.96 19.64 -26.40
CA GLU H 102 -39.37 19.75 -26.13
C GLU H 102 -39.99 18.62 -26.92
N ALA H 103 -40.73 17.75 -26.25
CA ALA H 103 -41.28 16.56 -26.93
C ALA H 103 -42.27 15.80 -26.08
N ASP H 104 -43.03 14.94 -26.75
CA ASP H 104 -43.88 13.96 -26.11
C ASP H 104 -43.07 12.69 -25.90
N TYR H 105 -42.80 12.32 -24.66
CA TYR H 105 -41.99 11.14 -24.43
C TYR H 105 -42.84 9.97 -24.07
N TYR H 106 -42.49 8.82 -24.59
CA TYR H 106 -43.27 7.63 -24.30
C TYR H 106 -42.40 6.47 -23.84
N CYS H 107 -42.91 5.67 -22.90
CA CYS H 107 -42.30 4.42 -22.44
C CYS H 107 -43.09 3.26 -23.04
N ALA H 108 -42.41 2.14 -23.32
CA ALA H 108 -43.14 0.99 -23.83
C ALA H 108 -42.47 -0.37 -23.60
N ALA H 109 -43.31 -1.41 -23.54
CA ALA H 109 -42.84 -2.81 -23.38
C ALA H 109 -43.90 -3.84 -23.82
N TRP H 110 -43.48 -5.10 -23.98
CA TRP H 110 -44.43 -6.17 -24.31
C TRP H 110 -45.24 -6.54 -23.06
N ASP H 111 -46.56 -6.66 -23.20
CA ASP H 111 -47.47 -7.06 -22.13
C ASP H 111 -47.85 -8.52 -22.22
N ASP H 112 -47.31 -9.27 -21.30
CA ASP H 112 -47.40 -10.70 -21.24
C ASP H 112 -48.79 -11.22 -20.90
N SER H 113 -49.59 -10.43 -20.18
CA SER H 113 -50.87 -10.93 -19.71
C SER H 113 -51.90 -10.93 -20.81
N LEU H 114 -51.56 -10.23 -21.89
CA LEU H 114 -52.40 -10.07 -23.02
C LEU H 114 -51.81 -10.83 -24.18
N ASN H 115 -50.85 -11.70 -23.84
CA ASN H 115 -50.08 -12.54 -24.71
C ASN H 115 -49.23 -11.86 -25.78
N GLY H 116 -48.53 -10.77 -25.45
CA GLY H 116 -47.67 -10.11 -26.44
C GLY H 116 -48.22 -8.79 -26.95
N HIS H 117 -49.01 -8.13 -26.12
CA HIS H 117 -49.62 -6.84 -26.45
C HIS H 117 -48.64 -5.71 -26.33
N TRP H 118 -48.56 -4.85 -27.32
CA TRP H 118 -47.60 -3.78 -27.15
C TRP H 118 -48.19 -2.64 -26.41
N VAL H 119 -47.52 -2.25 -25.34
CA VAL H 119 -48.00 -1.20 -24.51
C VAL H 119 -47.15 0.02 -24.48
N PHE H 120 -47.79 1.16 -24.68
CA PHE H 120 -47.18 2.45 -24.55
C PHE H 120 -47.73 3.10 -23.30
N GLY H 121 -46.97 4.00 -22.72
CA GLY H 121 -47.49 4.79 -21.64
C GLY H 121 -48.29 5.96 -22.17
N GLY H 122 -48.81 6.77 -21.26
CA GLY H 122 -49.64 7.90 -21.64
C GLY H 122 -48.99 8.97 -22.51
N GLY H 123 -47.73 9.22 -22.28
CA GLY H 123 -47.00 10.25 -23.00
C GLY H 123 -46.82 11.48 -22.13
N THR H 124 -45.59 11.95 -22.02
CA THR H 124 -45.29 13.10 -21.17
C THR H 124 -44.86 14.30 -21.98
N LYS H 125 -45.49 15.46 -21.76
CA LYS H 125 -45.08 16.64 -22.48
C LYS H 125 -44.00 17.40 -21.74
N LEU H 126 -42.80 17.34 -22.28
CA LEU H 126 -41.65 17.97 -21.67
C LEU H 126 -41.47 19.35 -22.24
N THR H 127 -41.52 20.34 -21.38
CA THR H 127 -41.41 21.73 -21.75
C THR H 127 -40.08 22.31 -21.32
N VAL H 128 -39.41 22.96 -22.27
CA VAL H 128 -38.14 23.57 -21.97
C VAL H 128 -38.45 25.05 -21.68
N LEU H 129 -37.98 25.55 -20.52
CA LEU H 129 -38.23 26.88 -19.95
C LEU H 129 -37.03 27.85 -20.15
N GLN I 20 43.41 15.81 -29.44
CA GLN I 20 44.48 16.80 -29.32
C GLN I 20 45.79 16.36 -29.99
N VAL I 21 46.21 15.11 -29.74
CA VAL I 21 47.48 14.55 -30.22
C VAL I 21 47.38 14.15 -31.67
N GLN I 22 48.31 14.65 -32.44
CA GLN I 22 48.35 14.39 -33.83
C GLN I 22 49.26 13.24 -34.07
N LEU I 23 48.89 12.42 -35.02
CA LEU I 23 49.71 11.33 -35.45
C LEU I 23 49.72 11.42 -36.96
N VAL I 24 50.85 11.81 -37.55
CA VAL I 24 50.87 12.05 -38.98
C VAL I 24 51.82 11.17 -39.77
N GLU I 25 51.26 10.39 -40.69
CA GLU I 25 52.02 9.47 -41.53
C GLU I 25 52.82 10.15 -42.62
N SER I 26 53.99 9.60 -42.87
CA SER I 26 54.82 10.01 -43.98
C SER I 26 55.61 8.83 -44.55
N GLY I 27 55.77 8.83 -45.86
CA GLY I 27 56.50 7.75 -46.50
C GLY I 27 56.63 8.05 -47.99
N PRO I 28 57.25 7.14 -48.76
CA PRO I 28 57.55 7.29 -50.17
C PRO I 28 56.36 7.30 -51.11
N GLY I 29 55.21 6.80 -50.67
CA GLY I 29 54.02 6.71 -51.52
C GLY I 29 54.15 5.48 -52.41
N LEU I 30 55.16 5.47 -53.26
CA LEU I 30 55.46 4.36 -54.14
C LEU I 30 56.62 3.56 -53.60
N VAL I 31 56.38 2.28 -53.39
CA VAL I 31 57.37 1.38 -52.85
C VAL I 31 57.53 0.26 -53.87
N LYS I 32 58.74 -0.25 -54.06
CA LYS I 32 58.91 -1.30 -55.03
C LYS I 32 58.65 -2.68 -54.43
N PRO I 33 58.15 -3.64 -55.19
CA PRO I 33 57.96 -5.00 -54.74
C PRO I 33 59.29 -5.53 -54.25
N SER I 34 59.21 -6.27 -53.15
CA SER I 34 60.27 -6.97 -52.41
C SER I 34 61.07 -6.10 -51.43
N GLN I 35 60.97 -4.77 -51.49
CA GLN I 35 61.78 -4.02 -50.54
C GLN I 35 61.08 -3.91 -49.21
N THR I 36 61.72 -3.30 -48.24
CA THR I 36 61.05 -3.06 -46.99
C THR I 36 60.36 -1.72 -47.07
N LEU I 37 59.08 -1.72 -46.73
CA LEU I 37 58.30 -0.53 -46.67
C LEU I 37 58.55 0.09 -45.34
N SER I 38 58.82 1.38 -45.30
CA SER I 38 59.04 2.03 -44.03
C SER I 38 58.23 3.30 -43.92
N LEU I 39 57.26 3.29 -43.02
CA LEU I 39 56.39 4.44 -42.82
C LEU I 39 56.63 5.04 -41.46
N ILE I 40 56.66 6.35 -41.40
CA ILE I 40 56.90 6.99 -40.13
C ILE I 40 55.79 7.92 -39.73
N CYS I 41 55.45 7.86 -38.47
CA CYS I 41 54.48 8.71 -37.87
C CYS I 41 55.12 9.78 -37.02
N THR I 42 54.77 11.01 -37.28
CA THR I 42 55.28 12.09 -36.45
C THR I 42 54.20 12.47 -35.48
N VAL I 43 54.56 12.54 -34.22
CA VAL I 43 53.59 12.81 -33.18
C VAL I 43 53.80 14.15 -32.49
N SER I 44 52.71 14.86 -32.29
CA SER I 44 52.77 16.14 -31.59
C SER I 44 51.50 16.41 -30.79
N GLY I 45 51.60 17.29 -29.77
CA GLY I 45 50.43 17.63 -28.94
C GLY I 45 50.36 16.73 -27.70
N GLY I 46 51.30 15.80 -27.61
CA GLY I 46 51.42 14.83 -26.53
C GLY I 46 52.54 13.89 -26.93
N SER I 47 52.81 12.85 -26.14
CA SER I 47 53.89 11.96 -26.52
C SER I 47 53.56 10.49 -26.51
N ILE I 48 53.18 10.02 -27.68
CA ILE I 48 52.79 8.64 -27.90
C ILE I 48 53.98 7.76 -27.65
N SER I 49 55.15 8.23 -28.07
CA SER I 49 56.34 7.43 -27.91
C SER I 49 56.82 7.25 -26.47
N SER I 50 56.44 8.11 -25.51
CA SER I 50 56.96 7.94 -24.16
C SER I 50 55.93 7.95 -23.03
N GLY I 51 54.69 8.31 -23.31
CA GLY I 51 53.67 8.38 -22.28
C GLY I 51 52.96 7.05 -22.19
N ASP I 52 51.91 6.97 -21.40
CA ASP I 52 51.24 5.68 -21.22
C ASP I 52 50.28 5.32 -22.33
N PHE I 53 50.87 4.95 -23.46
CA PHE I 53 50.15 4.62 -24.67
C PHE I 53 50.61 3.37 -25.37
N TYR I 54 49.65 2.82 -26.07
CA TYR I 54 49.91 1.86 -27.12
C TYR I 54 49.64 2.64 -28.36
N TRP I 55 50.25 2.24 -29.42
CA TRP I 55 49.94 2.80 -30.69
C TRP I 55 50.03 1.68 -31.66
N SER I 56 49.52 1.91 -32.84
CA SER I 56 49.50 0.88 -33.82
C SER I 56 49.51 1.34 -35.23
N TRP I 57 49.75 0.36 -36.07
CA TRP I 57 49.59 0.56 -37.47
C TRP I 57 48.44 -0.32 -37.89
N ILE I 58 47.62 0.23 -38.76
CA ILE I 58 46.44 -0.40 -39.34
C ILE I 58 46.44 -0.10 -40.82
N ARG I 59 45.96 -1.00 -41.65
CA ARG I 59 45.85 -0.62 -43.05
C ARG I 59 44.48 -0.93 -43.60
N GLN I 60 44.09 -0.18 -44.59
CA GLN I 60 42.84 -0.42 -45.26
C GLN I 60 43.02 -0.45 -46.77
N PRO I 61 43.17 -1.62 -47.38
CA PRO I 61 43.33 -1.77 -48.80
C PRO I 61 42.07 -1.18 -49.38
N PRO I 62 42.08 -0.57 -50.55
CA PRO I 62 40.90 -0.03 -51.16
C PRO I 62 39.86 -1.12 -51.29
N GLY I 63 38.63 -0.81 -50.91
CA GLY I 63 37.52 -1.75 -51.03
C GLY I 63 37.45 -2.75 -49.87
N LYS I 64 38.38 -2.67 -48.94
CA LYS I 64 38.46 -3.60 -47.82
C LYS I 64 38.18 -2.95 -46.49
N GLY I 65 38.08 -3.79 -45.47
CA GLY I 65 37.85 -3.36 -44.10
C GLY I 65 39.17 -3.03 -43.42
N LEU I 66 39.17 -2.99 -42.12
CA LEU I 66 40.34 -2.56 -41.38
C LEU I 66 41.19 -3.73 -40.91
N GLU I 67 42.44 -3.76 -41.34
CA GLU I 67 43.33 -4.83 -40.93
C GLU I 67 44.43 -4.31 -40.04
N TRP I 68 44.49 -4.81 -38.83
CA TRP I 68 45.51 -4.35 -37.90
C TRP I 68 46.86 -4.95 -38.24
N ILE I 69 47.92 -4.16 -38.16
CA ILE I 69 49.28 -4.61 -38.44
C ILE I 69 50.05 -4.96 -37.19
N GLY I 70 50.02 -4.06 -36.23
CA GLY I 70 50.76 -4.29 -35.01
C GLY I 70 50.62 -3.17 -33.98
N PHE I 71 50.95 -3.52 -32.73
CA PHE I 71 50.92 -2.63 -31.58
C PHE I 71 52.27 -2.48 -30.97
N PHE I 72 52.47 -1.34 -30.36
CA PHE I 72 53.66 -1.11 -29.59
C PHE I 72 53.30 -0.25 -28.38
N TYR I 73 53.66 -0.71 -27.19
CA TYR I 73 53.48 0.04 -25.94
C TYR I 73 54.75 0.75 -25.71
N TYR I 74 54.71 2.01 -25.34
CA TYR I 74 55.93 2.80 -25.22
C TYR I 74 57.12 2.16 -24.50
N SER I 75 56.89 1.31 -23.50
CA SER I 75 57.99 0.73 -22.74
C SER I 75 58.72 -0.39 -23.48
N GLY I 76 58.17 -0.84 -24.60
CA GLY I 76 58.73 -1.93 -25.39
C GLY I 76 57.86 -3.19 -25.48
N ILE I 77 56.55 -3.05 -25.50
CA ILE I 77 55.70 -4.25 -25.57
C ILE I 77 55.05 -4.33 -26.93
N THR I 78 55.25 -5.41 -27.66
CA THR I 78 54.66 -5.45 -28.98
C THR I 78 53.78 -6.64 -29.24
N TYR I 79 52.88 -6.43 -30.19
CA TYR I 79 52.00 -7.46 -30.70
C TYR I 79 51.93 -7.33 -32.20
N TYR I 80 51.83 -8.44 -32.90
CA TYR I 80 51.71 -8.32 -34.34
C TYR I 80 50.67 -9.23 -34.95
N ASN I 81 50.15 -8.83 -36.10
CA ASN I 81 49.22 -9.63 -36.86
C ASN I 81 49.89 -10.93 -37.21
N PRO I 82 49.33 -12.10 -36.91
CA PRO I 82 49.92 -13.38 -37.20
C PRO I 82 50.46 -13.51 -38.61
N SER I 83 49.78 -12.92 -39.60
CA SER I 83 50.23 -13.05 -40.98
C SER I 83 51.50 -12.29 -41.24
N LEU I 84 51.80 -11.35 -40.37
CA LEU I 84 52.96 -10.55 -40.45
C LEU I 84 53.93 -10.82 -39.31
N LYS I 85 53.72 -11.82 -38.46
CA LYS I 85 54.67 -11.92 -37.35
C LYS I 85 56.10 -12.10 -37.83
N SER I 86 56.29 -12.76 -38.97
CA SER I 86 57.62 -12.96 -39.51
C SER I 86 58.11 -11.79 -40.40
N ARG I 87 57.22 -10.84 -40.70
CA ARG I 87 57.48 -9.70 -41.61
C ARG I 87 57.49 -8.28 -41.00
N VAL I 88 56.81 -8.08 -39.87
CA VAL I 88 56.66 -6.73 -39.34
C VAL I 88 57.46 -6.43 -38.08
N SER I 89 58.02 -5.24 -38.08
CA SER I 89 58.75 -4.69 -36.96
C SER I 89 58.33 -3.24 -36.70
N ILE I 90 57.94 -2.96 -35.45
CA ILE I 90 57.54 -1.61 -35.03
C ILE I 90 58.48 -1.12 -33.96
N SER I 91 58.95 0.11 -34.12
CA SER I 91 59.87 0.71 -33.16
C SER I 91 59.66 2.21 -33.09
N ARG I 92 60.28 2.84 -32.09
CA ARG I 92 60.15 4.30 -31.93
C ARG I 92 61.36 4.98 -31.35
N ASP I 93 61.40 6.29 -31.59
CA ASP I 93 62.43 7.16 -31.06
C ASP I 93 61.78 8.22 -30.18
N THR I 94 61.97 8.09 -28.87
CA THR I 94 61.33 8.96 -27.90
C THR I 94 61.96 10.34 -27.91
N SER I 95 63.10 10.47 -28.58
CA SER I 95 63.78 11.74 -28.67
C SER I 95 63.19 12.58 -29.79
N THR I 96 62.42 11.96 -30.70
CA THR I 96 61.84 12.72 -31.79
C THR I 96 60.33 12.64 -31.71
N ASN I 97 59.81 11.71 -30.89
CA ASN I 97 58.39 11.46 -30.77
C ASN I 97 57.86 11.05 -32.11
N GLN I 98 58.58 10.12 -32.68
CA GLN I 98 58.22 9.52 -33.93
C GLN I 98 58.27 8.03 -33.80
N PHE I 99 57.47 7.36 -34.59
CA PHE I 99 57.52 5.91 -34.60
C PHE I 99 57.37 5.39 -35.99
N SER I 100 57.81 4.16 -36.22
CA SER I 100 57.68 3.66 -37.56
C SER I 100 57.40 2.19 -37.69
N LEU I 101 56.85 1.91 -38.86
CA LEU I 101 56.50 0.60 -39.30
C LEU I 101 57.35 0.07 -40.41
N LYS I 102 57.95 -1.08 -40.19
CA LYS I 102 58.73 -1.69 -41.24
C LYS I 102 58.15 -3.04 -41.65
N LEU I 103 57.83 -3.16 -42.95
CA LEU I 103 57.30 -4.41 -43.50
C LEU I 103 58.23 -4.93 -44.56
N ARG I 104 58.87 -6.05 -44.30
CA ARG I 104 59.82 -6.56 -45.28
C ARG I 104 59.09 -7.24 -46.41
N SER I 105 59.75 -7.37 -47.56
CA SER I 105 59.21 -8.05 -48.72
C SER I 105 57.82 -7.55 -49.13
N VAL I 106 57.67 -6.24 -49.27
CA VAL I 106 56.38 -5.67 -49.61
C VAL I 106 55.89 -6.19 -50.97
N THR I 107 54.63 -6.54 -51.06
CA THR I 107 54.10 -7.05 -52.30
C THR I 107 52.84 -6.35 -52.78
N ALA I 108 52.32 -6.75 -53.92
CA ALA I 108 51.14 -6.10 -54.51
C ALA I 108 49.94 -6.13 -53.57
N ALA I 109 49.83 -7.19 -52.80
CA ALA I 109 48.74 -7.42 -51.85
C ALA I 109 48.80 -6.45 -50.69
N ASP I 110 49.91 -5.76 -50.53
CA ASP I 110 50.10 -4.83 -49.44
C ASP I 110 49.73 -3.41 -49.87
N THR I 111 49.22 -3.23 -51.09
CA THR I 111 48.80 -1.87 -51.42
C THR I 111 47.64 -1.56 -50.51
N ALA I 112 47.76 -0.45 -49.81
CA ALA I 112 46.74 -0.07 -48.85
C ALA I 112 46.93 1.29 -48.34
N VAL I 113 45.90 1.84 -47.72
CA VAL I 113 46.18 3.07 -47.03
C VAL I 113 46.66 2.65 -45.68
N TYR I 114 47.82 3.12 -45.31
CA TYR I 114 48.38 2.79 -44.04
C TYR I 114 48.13 3.89 -43.09
N TYR I 115 47.78 3.52 -41.91
CA TYR I 115 47.50 4.48 -40.90
C TYR I 115 48.30 4.23 -39.69
N CYS I 116 48.63 5.30 -39.05
CA CYS I 116 49.20 5.24 -37.75
C CYS I 116 47.99 5.50 -36.88
N ALA I 117 47.98 4.96 -35.68
CA ALA I 117 46.86 5.17 -34.82
C ALA I 117 47.23 5.13 -33.35
N ARG I 118 46.44 5.82 -32.54
CA ARG I 118 46.62 5.82 -31.11
C ARG I 118 45.65 4.92 -30.39
N VAL I 119 46.18 4.21 -29.42
CA VAL I 119 45.38 3.43 -28.51
C VAL I 119 45.20 4.35 -27.34
N ARG I 120 44.00 4.44 -26.83
CA ARG I 120 43.74 5.38 -25.78
C ARG I 120 44.79 5.22 -24.68
N GLY I 121 45.42 6.34 -24.29
CA GLY I 121 46.45 6.30 -23.25
C GLY I 121 45.85 6.50 -21.89
N GLY I 122 46.51 5.95 -20.88
CA GLY I 122 46.00 6.05 -19.53
C GLY I 122 44.90 5.01 -19.32
N ARG I 123 44.73 4.15 -20.33
CA ARG I 123 43.72 3.12 -20.35
C ARG I 123 44.38 1.73 -20.27
N ILE I 124 45.66 1.74 -19.98
CA ILE I 124 46.43 0.52 -19.99
C ILE I 124 46.97 0.08 -18.63
N THR I 125 46.47 -1.03 -18.11
CA THR I 125 46.99 -1.59 -16.87
C THR I 125 47.82 -2.80 -17.16
N LEU I 126 49.03 -2.74 -16.67
CA LEU I 126 50.00 -3.80 -16.74
C LEU I 126 50.29 -4.04 -15.27
N GLY I 127 50.08 -5.26 -14.80
CA GLY I 127 50.25 -5.53 -13.37
C GLY I 127 51.37 -6.49 -13.04
N GLN I 128 51.15 -7.23 -11.96
CA GLN I 128 52.08 -8.17 -11.35
C GLN I 128 52.31 -9.45 -12.14
N GLY I 129 51.42 -9.70 -13.09
CA GLY I 129 51.46 -10.90 -13.92
C GLY I 129 50.05 -11.21 -14.38
N ASP I 130 49.20 -11.66 -13.46
CA ASP I 130 47.83 -11.96 -13.81
C ASP I 130 46.91 -10.73 -13.74
N MET I 131 47.20 -9.80 -14.66
CA MET I 131 46.51 -8.53 -14.87
C MET I 131 46.58 -8.15 -16.34
N TYR I 132 45.61 -7.41 -16.84
CA TYR I 132 45.67 -6.94 -18.21
C TYR I 132 45.02 -5.58 -18.26
N TYR I 133 45.02 -5.01 -19.44
CA TYR I 133 44.48 -3.72 -19.66
C TYR I 133 43.03 -3.64 -20.06
N TYR I 134 42.57 -2.39 -20.21
CA TYR I 134 41.19 -2.05 -20.48
C TYR I 134 41.14 -1.10 -21.66
N SER I 135 42.25 -1.07 -22.36
CA SER I 135 42.50 -0.22 -23.49
C SER I 135 41.80 -0.65 -24.77
N GLY I 136 41.78 0.29 -25.71
CA GLY I 136 41.24 0.18 -27.07
C GLY I 136 41.53 1.50 -27.79
N MET I 137 41.28 1.54 -29.10
CA MET I 137 41.57 2.69 -29.99
C MET I 137 40.59 3.87 -30.06
N ASP I 138 41.17 5.09 -30.27
CA ASP I 138 40.37 6.29 -30.53
C ASP I 138 40.89 7.18 -31.71
N VAL I 139 42.08 7.72 -31.61
CA VAL I 139 42.60 8.68 -32.59
C VAL I 139 43.35 8.12 -33.78
N TRP I 140 42.90 8.53 -34.95
CA TRP I 140 43.51 8.13 -36.22
C TRP I 140 44.40 9.20 -36.80
N GLY I 141 45.40 8.77 -37.57
CA GLY I 141 46.20 9.68 -38.35
C GLY I 141 45.42 9.93 -39.63
N GLN I 142 46.07 10.43 -40.69
CA GLN I 142 45.28 10.78 -41.87
C GLN I 142 45.21 9.64 -42.86
N GLY I 143 46.28 8.87 -42.90
CA GLY I 143 46.39 7.75 -43.80
C GLY I 143 47.25 8.07 -45.00
N THR I 144 48.19 7.19 -45.30
CA THR I 144 49.06 7.40 -46.44
C THR I 144 48.91 6.24 -47.40
N LEU I 145 48.60 6.53 -48.65
CA LEU I 145 48.44 5.43 -49.57
C LEU I 145 49.76 4.94 -50.05
N VAL I 146 49.95 3.65 -49.89
CA VAL I 146 51.13 3.03 -50.38
C VAL I 146 50.80 2.13 -51.52
N THR I 147 51.41 2.42 -52.65
CA THR I 147 51.23 1.68 -53.86
C THR I 147 52.43 0.82 -54.06
N VAL I 148 52.23 -0.47 -54.26
CA VAL I 148 53.38 -1.30 -54.44
C VAL I 148 53.44 -1.65 -55.91
N SER I 149 54.47 -1.18 -56.59
CA SER I 149 54.54 -1.41 -58.04
C SER I 149 55.96 -1.20 -58.58
N SER I 150 56.21 -1.65 -59.83
CA SER I 150 57.49 -1.53 -60.55
C SER I 150 57.67 -0.15 -61.23
N SER J 36 5.38 -35.42 9.31
CA SER J 36 6.33 -36.17 8.49
C SER J 36 7.80 -35.64 8.56
N ILE J 37 8.02 -34.49 9.24
CA ILE J 37 9.32 -33.83 9.41
C ILE J 37 10.19 -34.56 10.44
N PRO J 38 11.41 -34.97 10.10
CA PRO J 38 12.34 -35.66 10.96
C PRO J 38 12.88 -34.70 11.96
N LEU J 39 13.30 -35.21 13.09
CA LEU J 39 13.92 -34.45 14.15
C LEU J 39 15.11 -35.23 14.65
N GLY J 40 16.18 -34.55 15.06
CA GLY J 40 17.30 -35.26 15.66
C GLY J 40 17.36 -35.03 17.15
N VAL J 41 17.98 -35.95 17.86
CA VAL J 41 18.13 -35.78 19.30
C VAL J 41 19.56 -35.95 19.73
N ILE J 42 19.90 -35.31 20.83
CA ILE J 42 21.25 -35.48 21.33
C ILE J 42 21.27 -36.57 22.38
N HIS J 43 22.01 -37.63 22.09
CA HIS J 43 22.12 -38.75 22.97
C HIS J 43 23.48 -38.69 23.65
N ASN J 44 23.75 -39.66 24.52
CA ASN J 44 25.02 -39.72 25.23
C ASN J 44 26.13 -40.06 24.23
N SER J 45 25.74 -40.73 23.15
CA SER J 45 26.64 -41.11 22.10
C SER J 45 26.74 -40.02 21.03
N THR J 46 25.82 -40.01 20.08
CA THR J 46 25.83 -39.07 18.96
C THR J 46 24.44 -38.51 18.64
N LEU J 47 24.32 -37.88 17.47
CA LEU J 47 23.05 -37.33 17.05
C LEU J 47 22.24 -38.46 16.45
N GLN J 48 21.12 -38.75 17.09
CA GLN J 48 20.29 -39.86 16.72
C GLN J 48 19.04 -39.43 16.01
N VAL J 49 18.46 -40.35 15.27
CA VAL J 49 17.20 -40.07 14.62
C VAL J 49 16.08 -40.15 15.62
N SER J 50 15.24 -39.13 15.67
CA SER J 50 14.11 -39.21 16.57
C SER J 50 13.05 -40.01 15.86
N ASP J 51 12.73 -41.17 16.40
CA ASP J 51 11.75 -41.99 15.74
C ASP J 51 10.37 -41.56 16.17
N VAL J 52 9.40 -41.86 15.32
CA VAL J 52 8.02 -41.62 15.63
C VAL J 52 7.23 -42.92 15.69
N ASP J 53 7.78 -44.03 15.19
CA ASP J 53 7.03 -45.28 15.29
C ASP J 53 7.35 -45.98 16.60
N LYS J 54 8.61 -45.90 17.02
CA LYS J 54 9.04 -46.41 18.30
C LYS J 54 9.01 -45.31 19.32
N LEU J 55 8.30 -45.54 20.41
CA LEU J 55 8.28 -44.54 21.43
C LEU J 55 9.50 -44.75 22.29
N VAL J 56 10.38 -43.76 22.27
CA VAL J 56 11.61 -43.90 22.98
C VAL J 56 11.46 -43.33 24.37
N CYS J 57 11.51 -44.22 25.35
CA CYS J 57 11.22 -43.86 26.73
C CYS J 57 12.43 -43.33 27.47
N ARG J 58 13.54 -43.25 26.76
CA ARG J 58 14.76 -42.70 27.33
C ARG J 58 14.94 -41.26 26.87
N ASP J 59 14.03 -40.77 26.02
CA ASP J 59 14.13 -39.42 25.52
C ASP J 59 13.28 -38.53 26.39
N LYS J 60 13.91 -37.64 27.13
CA LYS J 60 13.15 -36.84 28.07
C LYS J 60 13.06 -35.39 27.64
N LEU J 61 11.88 -34.84 27.79
CA LEU J 61 11.60 -33.46 27.47
C LEU J 61 10.84 -32.82 28.62
N SER J 62 11.55 -32.10 29.50
CA SER J 62 10.89 -31.52 30.65
C SER J 62 10.36 -30.13 30.33
N SER J 63 10.92 -29.50 29.30
CA SER J 63 10.44 -28.18 28.93
C SER J 63 10.64 -27.88 27.46
N THR J 64 9.90 -26.90 26.94
CA THR J 64 10.00 -26.48 25.56
C THR J 64 11.29 -25.71 25.30
N ASN J 65 12.03 -25.43 26.36
CA ASN J 65 13.28 -24.70 26.29
C ASN J 65 14.39 -25.62 25.85
N GLN J 66 14.07 -26.90 25.64
CA GLN J 66 14.98 -27.88 25.13
C GLN J 66 14.82 -28.03 23.61
N LEU J 67 13.92 -27.24 23.02
CA LEU J 67 13.65 -27.35 21.60
C LEU J 67 14.37 -26.27 20.81
N ARG J 68 14.98 -26.65 19.68
CA ARG J 68 15.66 -25.66 18.83
C ARG J 68 15.47 -25.79 17.32
N SER J 69 15.59 -24.64 16.67
CA SER J 69 15.60 -24.48 15.21
C SER J 69 16.89 -23.78 14.82
N VAL J 70 17.75 -24.51 14.11
CA VAL J 70 19.04 -23.97 13.75
C VAL J 70 19.26 -23.88 12.25
N GLY J 71 19.77 -22.71 11.83
CA GLY J 71 20.07 -22.48 10.42
C GLY J 71 21.49 -22.84 10.07
N LEU J 72 21.63 -23.57 8.97
CA LEU J 72 22.90 -24.02 8.44
C LEU J 72 23.14 -23.50 7.03
N ASN J 73 24.39 -23.19 6.67
CA ASN J 73 24.64 -22.73 5.30
C ASN J 73 25.04 -23.87 4.37
N LEU J 74 24.78 -23.73 3.07
CA LEU J 74 25.15 -24.80 2.12
C LEU J 74 26.64 -24.86 1.89
N GLU J 75 27.32 -23.75 2.12
CA GLU J 75 28.77 -23.70 1.96
C GLU J 75 29.43 -24.64 2.98
N GLY J 76 28.71 -25.01 4.05
CA GLY J 76 29.22 -25.88 5.09
C GLY J 76 29.36 -27.31 4.57
N ASN J 77 28.76 -27.60 3.42
CA ASN J 77 28.85 -28.91 2.80
C ASN J 77 29.67 -28.82 1.52
N GLY J 78 30.42 -27.74 1.36
CA GLY J 78 31.25 -27.57 0.18
C GLY J 78 30.60 -26.94 -1.05
N VAL J 79 29.44 -26.29 -0.89
CA VAL J 79 28.81 -25.69 -2.06
C VAL J 79 29.50 -24.37 -2.45
N ALA J 80 29.82 -24.23 -3.74
CA ALA J 80 30.52 -23.06 -4.30
C ALA J 80 29.78 -21.76 -4.07
N THR J 81 30.55 -20.71 -3.75
CA THR J 81 30.01 -19.38 -3.46
C THR J 81 30.28 -18.26 -4.48
N ASP J 82 31.10 -18.51 -5.51
CA ASP J 82 31.40 -17.46 -6.48
C ASP J 82 30.14 -17.05 -7.22
N VAL J 83 29.89 -15.75 -7.33
CA VAL J 83 28.61 -15.27 -7.86
C VAL J 83 28.00 -16.01 -9.07
N PRO J 84 28.64 -16.19 -10.22
CA PRO J 84 28.05 -16.91 -11.34
C PRO J 84 27.73 -18.37 -11.04
N SER J 85 28.36 -18.93 -10.00
CA SER J 85 28.16 -20.32 -9.60
C SER J 85 27.04 -20.42 -8.58
N VAL J 86 26.51 -19.28 -8.19
CA VAL J 86 25.47 -19.17 -7.20
C VAL J 86 24.16 -18.80 -7.88
N THR J 87 24.21 -17.81 -8.74
CA THR J 87 23.00 -17.35 -9.37
C THR J 87 22.42 -18.40 -10.28
N LYS J 88 23.27 -19.29 -10.79
CA LYS J 88 22.82 -20.36 -11.66
C LYS J 88 21.93 -21.35 -10.93
N ARG J 89 21.98 -21.35 -9.60
CA ARG J 89 21.23 -22.27 -8.79
C ARG J 89 19.86 -21.73 -8.42
N TRP J 90 19.57 -20.51 -8.86
CA TRP J 90 18.33 -19.83 -8.52
C TRP J 90 17.53 -19.61 -9.79
N GLY J 91 16.21 -19.58 -9.73
CA GLY J 91 15.49 -19.25 -10.95
C GLY J 91 14.03 -18.98 -10.74
N PHE J 92 13.38 -18.46 -11.77
CA PHE J 92 11.99 -18.05 -11.63
C PHE J 92 10.86 -18.99 -11.97
N ARG J 93 9.84 -18.88 -11.13
CA ARG J 93 8.55 -19.55 -11.19
C ARG J 93 7.40 -18.70 -10.69
N SER J 94 6.19 -19.07 -11.10
CA SER J 94 4.96 -18.43 -10.67
C SER J 94 3.91 -19.51 -10.38
N GLY J 95 2.88 -19.13 -9.61
CA GLY J 95 1.79 -20.05 -9.26
C GLY J 95 2.08 -20.81 -7.97
N VAL J 96 3.28 -20.57 -7.46
CA VAL J 96 3.82 -21.15 -6.27
C VAL J 96 4.01 -20.07 -5.23
N PRO J 97 3.15 -19.95 -4.22
CA PRO J 97 3.25 -18.91 -3.22
C PRO J 97 4.44 -19.22 -2.34
N PRO J 98 5.10 -18.21 -1.77
CA PRO J 98 6.19 -18.32 -0.81
C PRO J 98 5.72 -18.72 0.58
N LYS J 99 6.62 -19.35 1.33
CA LYS J 99 6.41 -19.69 2.74
C LYS J 99 7.66 -19.41 3.58
N VAL J 100 7.48 -19.10 4.88
CA VAL J 100 8.64 -18.98 5.78
C VAL J 100 8.47 -19.75 7.11
N VAL J 101 9.63 -20.03 7.73
CA VAL J 101 9.78 -20.62 9.08
C VAL J 101 10.86 -19.85 9.85
N ASN J 102 10.95 -19.97 11.17
CA ASN J 102 12.01 -19.24 11.86
C ASN J 102 13.17 -20.06 12.42
N TYR J 103 14.13 -19.30 12.97
CA TYR J 103 15.30 -19.77 13.66
C TYR J 103 15.48 -19.18 15.03
N GLU J 104 16.16 -19.94 15.87
CA GLU J 104 16.57 -19.52 17.20
C GLU J 104 18.03 -19.11 17.12
N ALA J 105 18.76 -19.85 16.29
CA ALA J 105 20.21 -19.74 16.13
C ALA J 105 20.63 -20.20 14.76
N GLY J 106 21.87 -19.93 14.42
CA GLY J 106 22.40 -20.42 13.17
C GLY J 106 23.87 -20.11 12.97
N GLU J 107 24.35 -20.54 11.81
CA GLU J 107 25.72 -20.38 11.37
C GLU J 107 25.99 -19.01 10.81
N TRP J 108 27.21 -18.52 11.00
CA TRP J 108 27.65 -17.28 10.37
C TRP J 108 27.93 -17.59 8.93
N ALA J 109 27.65 -16.67 8.03
CA ALA J 109 27.97 -16.92 6.63
C ALA J 109 29.29 -16.29 6.27
N GLU J 110 30.08 -16.96 5.48
CA GLU J 110 31.25 -16.29 4.98
C GLU J 110 30.81 -15.47 3.79
N ASN J 111 29.86 -16.02 3.04
CA ASN J 111 29.34 -15.43 1.81
C ASN J 111 27.82 -15.31 1.84
N CYS J 112 27.34 -14.09 1.84
CA CYS J 112 25.92 -13.80 1.92
C CYS J 112 25.55 -12.91 0.72
N TYR J 113 24.32 -12.99 0.21
CA TYR J 113 23.98 -12.30 -1.03
C TYR J 113 22.89 -11.25 -0.91
N ASN J 114 22.92 -10.24 -1.78
CA ASN J 114 21.90 -9.18 -1.80
C ASN J 114 21.58 -8.76 -3.24
N LEU J 115 20.38 -9.05 -3.73
CA LEU J 115 20.10 -8.72 -5.13
C LEU J 115 19.19 -7.54 -5.39
N GLU J 116 19.57 -6.80 -6.44
CA GLU J 116 18.80 -5.71 -7.04
C GLU J 116 18.77 -5.92 -8.53
N ILE J 117 17.94 -6.84 -8.96
CA ILE J 117 17.89 -7.19 -10.35
C ILE J 117 16.59 -6.71 -10.94
N LYS J 118 16.74 -6.05 -12.06
CA LYS J 118 15.63 -5.52 -12.81
C LYS J 118 15.43 -6.33 -14.08
N LYS J 119 14.24 -6.26 -14.61
CA LYS J 119 13.93 -6.94 -15.83
C LYS J 119 14.61 -6.11 -16.91
N PRO J 120 14.79 -6.61 -18.13
CA PRO J 120 15.43 -5.87 -19.20
C PRO J 120 14.73 -4.54 -19.51
N ASP J 121 13.45 -4.41 -19.14
CA ASP J 121 12.70 -3.19 -19.40
C ASP J 121 12.78 -2.17 -18.25
N GLY J 122 13.59 -2.46 -17.24
CA GLY J 122 13.76 -1.55 -16.11
C GLY J 122 12.85 -1.79 -14.90
N SER J 123 11.89 -2.70 -15.01
CA SER J 123 10.99 -2.99 -13.90
C SER J 123 11.65 -3.90 -12.89
N GLU J 124 11.08 -4.05 -11.70
CA GLU J 124 11.75 -4.91 -10.72
C GLU J 124 11.46 -6.40 -10.97
N CYS J 125 12.47 -7.31 -10.78
CA CYS J 125 12.30 -8.76 -10.86
C CYS J 125 11.60 -9.33 -9.64
N LEU J 126 11.94 -8.78 -8.48
CA LEU J 126 11.45 -9.25 -7.23
C LEU J 126 10.88 -8.09 -6.45
N PRO J 127 9.88 -8.32 -5.61
CA PRO J 127 9.31 -7.34 -4.73
C PRO J 127 10.29 -7.10 -3.63
N ALA J 128 10.23 -5.93 -3.02
CA ALA J 128 11.03 -5.64 -1.87
C ALA J 128 10.58 -6.53 -0.75
N ALA J 129 11.51 -6.93 0.08
CA ALA J 129 11.16 -7.79 1.19
C ALA J 129 10.05 -7.17 2.07
N PRO J 130 9.06 -7.99 2.50
CA PRO J 130 7.93 -7.65 3.33
C PRO J 130 8.27 -7.45 4.78
N ASP J 131 7.34 -6.87 5.51
CA ASP J 131 7.53 -6.70 6.93
C ASP J 131 7.79 -8.03 7.59
N GLY J 132 8.73 -8.00 8.52
CA GLY J 132 9.18 -9.17 9.26
C GLY J 132 10.52 -9.65 8.72
N ILE J 133 10.92 -9.14 7.56
CA ILE J 133 12.20 -9.51 6.98
C ILE J 133 13.27 -8.45 7.20
N ARG J 134 14.39 -8.90 7.71
CA ARG J 134 15.58 -8.10 7.93
C ARG J 134 16.73 -8.95 7.42
N GLY J 135 17.87 -8.35 7.13
CA GLY J 135 18.99 -9.13 6.58
C GLY J 135 19.65 -10.08 7.57
N PHE J 136 20.27 -11.11 7.02
CA PHE J 136 21.02 -12.15 7.72
C PHE J 136 21.97 -11.44 8.69
N PRO J 137 22.04 -11.82 9.99
CA PRO J 137 22.77 -11.08 11.01
C PRO J 137 24.27 -11.09 10.99
N ARG J 138 24.91 -12.07 10.40
CA ARG J 138 26.36 -12.09 10.48
C ARG J 138 27.00 -12.64 9.23
N CYS J 139 27.87 -11.86 8.64
CA CYS J 139 28.57 -12.29 7.44
C CYS J 139 29.84 -11.52 7.17
N ARG J 140 30.88 -12.23 6.72
CA ARG J 140 32.12 -11.54 6.38
C ARG J 140 32.06 -10.80 5.05
N TYR J 141 31.51 -11.44 4.02
CA TYR J 141 31.41 -10.79 2.73
C TYR J 141 30.02 -10.88 2.16
N VAL J 142 29.48 -9.73 1.80
CA VAL J 142 28.20 -9.69 1.14
C VAL J 142 28.41 -9.42 -0.31
N HIS J 143 27.76 -10.19 -1.13
CA HIS J 143 27.88 -10.05 -2.55
C HIS J 143 26.62 -9.43 -3.07
N LYS J 144 26.71 -8.15 -3.38
CA LYS J 144 25.56 -7.40 -3.80
C LYS J 144 25.61 -7.25 -5.31
N VAL J 145 24.54 -7.64 -5.97
CA VAL J 145 24.57 -7.58 -7.42
C VAL J 145 23.50 -6.68 -8.01
N SER J 146 23.96 -5.75 -8.83
CA SER J 146 23.12 -4.78 -9.52
C SER J 146 23.10 -5.10 -11.00
N GLY J 147 21.94 -5.39 -11.53
CA GLY J 147 21.94 -5.78 -12.93
C GLY J 147 20.57 -6.12 -13.45
N THR J 148 20.56 -6.69 -14.64
CA THR J 148 19.32 -7.08 -15.28
C THR J 148 19.34 -8.47 -15.85
N GLY J 149 18.14 -8.96 -16.13
CA GLY J 149 17.96 -10.22 -16.85
C GLY J 149 16.51 -10.64 -16.86
N PRO J 150 16.13 -11.65 -17.66
CA PRO J 150 14.79 -12.17 -17.73
C PRO J 150 14.38 -12.66 -16.35
N CYS J 151 13.13 -12.38 -15.93
CA CYS J 151 12.55 -12.78 -14.64
C CYS J 151 11.08 -13.11 -14.91
N ALA J 152 10.85 -14.28 -15.48
CA ALA J 152 9.53 -14.68 -15.99
C ALA J 152 8.49 -15.04 -14.92
N GLY J 153 8.94 -15.36 -13.73
CA GLY J 153 8.06 -15.81 -12.66
C GLY J 153 7.74 -14.68 -11.71
N ASP J 154 7.26 -15.02 -10.52
CA ASP J 154 6.91 -14.03 -9.53
C ASP J 154 8.11 -13.90 -8.62
N PHE J 155 8.73 -15.04 -8.38
CA PHE J 155 9.87 -15.15 -7.51
C PHE J 155 10.92 -16.08 -8.00
N ALA J 156 12.12 -15.82 -7.51
CA ALA J 156 13.22 -16.71 -7.71
C ALA J 156 13.22 -17.70 -6.56
N PHE J 157 13.22 -18.95 -6.92
CA PHE J 157 13.19 -20.10 -6.05
C PHE J 157 14.51 -20.81 -6.13
N HIS J 158 14.86 -21.52 -5.08
CA HIS J 158 16.09 -22.26 -5.12
C HIS J 158 15.88 -23.54 -5.92
N LYS J 159 16.78 -23.85 -6.83
CA LYS J 159 16.62 -25.03 -7.68
C LYS J 159 16.88 -26.35 -6.99
N GLU J 160 17.53 -26.33 -5.83
CA GLU J 160 17.81 -27.56 -5.12
C GLU J 160 16.86 -27.66 -3.95
N GLY J 161 16.01 -26.65 -3.80
CA GLY J 161 15.11 -26.57 -2.67
C GLY J 161 15.71 -25.94 -1.42
N ALA J 162 16.90 -25.33 -1.50
CA ALA J 162 17.47 -24.73 -0.30
C ALA J 162 16.69 -23.45 0.03
N PHE J 163 16.77 -23.02 1.26
CA PHE J 163 16.09 -21.82 1.73
C PHE J 163 16.96 -20.58 1.72
N PHE J 164 16.33 -19.46 1.55
CA PHE J 164 17.01 -18.20 1.61
C PHE J 164 16.90 -17.78 3.05
N LEU J 165 18.01 -17.48 3.67
CA LEU J 165 18.01 -17.20 5.08
C LEU J 165 18.18 -15.73 5.36
N TYR J 166 17.20 -15.19 6.02
CA TYR J 166 17.15 -13.79 6.37
C TYR J 166 17.56 -13.72 7.82
N ASP J 167 17.35 -12.58 8.47
CA ASP J 167 17.79 -12.41 9.85
C ASP J 167 17.53 -13.66 10.68
N ARG J 168 16.26 -14.02 10.82
CA ARG J 168 15.91 -15.20 11.57
C ARG J 168 14.85 -16.03 10.86
N LEU J 169 14.50 -15.65 9.63
CA LEU J 169 13.50 -16.43 8.92
C LEU J 169 14.05 -17.07 7.67
N ALA J 170 13.66 -18.31 7.46
CA ALA J 170 13.99 -19.02 6.24
C ALA J 170 12.87 -18.82 5.29
N SER J 171 13.18 -18.69 4.02
CA SER J 171 12.15 -18.51 3.02
C SER J 171 12.37 -19.28 1.77
N THR J 172 11.28 -19.65 1.15
CA THR J 172 11.37 -20.35 -0.10
C THR J 172 11.75 -19.43 -1.27
N VAL J 173 11.68 -18.11 -1.06
CA VAL J 173 12.02 -17.15 -2.12
C VAL J 173 13.02 -16.07 -1.74
N ILE J 174 13.59 -15.49 -2.80
CA ILE J 174 14.48 -14.36 -2.65
C ILE J 174 13.71 -13.05 -2.68
N TYR J 175 13.94 -12.20 -1.71
CA TYR J 175 13.30 -10.89 -1.70
C TYR J 175 14.28 -9.81 -2.09
N ARG J 176 13.77 -8.79 -2.77
CA ARG J 176 14.65 -7.76 -3.25
C ARG J 176 15.18 -6.84 -2.18
N GLY J 177 16.47 -6.54 -2.35
CA GLY J 177 17.21 -5.57 -1.57
C GLY J 177 17.67 -6.11 -0.22
N THR J 178 17.37 -7.37 0.06
CA THR J 178 17.70 -7.89 1.36
C THR J 178 18.80 -8.91 1.32
N THR J 179 19.70 -8.78 2.27
CA THR J 179 20.81 -9.68 2.42
C THR J 179 20.35 -11.04 2.97
N PHE J 180 20.72 -12.12 2.30
CA PHE J 180 20.34 -13.46 2.76
C PHE J 180 21.43 -14.51 2.52
N ALA J 181 21.43 -15.54 3.35
CA ALA J 181 22.36 -16.64 3.18
C ALA J 181 21.66 -17.80 2.49
N GLU J 182 22.42 -18.70 1.91
CA GLU J 182 21.79 -19.83 1.23
C GLU J 182 21.94 -21.10 2.11
N GLY J 183 20.83 -21.75 2.50
CA GLY J 183 20.96 -22.88 3.42
C GLY J 183 19.74 -23.75 3.76
N VAL J 184 19.89 -24.48 4.85
CA VAL J 184 18.94 -25.47 5.35
C VAL J 184 18.63 -25.34 6.86
N VAL J 185 17.56 -26.00 7.33
CA VAL J 185 17.21 -25.98 8.75
C VAL J 185 17.12 -27.35 9.41
N ALA J 186 17.65 -27.43 10.62
CA ALA J 186 17.55 -28.66 11.39
C ALA J 186 16.76 -28.41 12.67
N PHE J 187 15.98 -29.40 13.08
CA PHE J 187 15.24 -29.30 14.33
C PHE J 187 15.77 -30.32 15.34
N LEU J 188 16.08 -29.83 16.54
CA LEU J 188 16.64 -30.67 17.60
C LEU J 188 15.97 -30.62 18.97
N ILE J 189 16.10 -31.74 19.69
CA ILE J 189 15.77 -31.76 21.11
C ILE J 189 17.08 -31.98 21.92
N LEU J 190 17.34 -31.06 22.88
CA LEU J 190 18.51 -31.02 23.74
C LEU J 190 18.14 -31.64 25.09
N SER J 219 33.48 -7.22 8.36
CA SER J 219 32.33 -7.36 7.50
C SER J 219 32.30 -6.25 6.42
N THR J 220 32.34 -6.67 5.13
CA THR J 220 32.32 -5.80 3.96
C THR J 220 31.33 -6.27 2.90
N THR J 221 31.13 -5.41 1.92
CA THR J 221 30.28 -5.72 0.78
C THR J 221 31.02 -5.45 -0.50
N ILE J 222 30.91 -6.38 -1.40
CA ILE J 222 31.46 -6.27 -2.71
C ILE J 222 30.33 -6.12 -3.68
N ARG J 223 30.43 -5.12 -4.53
CA ARG J 223 29.38 -4.90 -5.48
C ARG J 223 29.80 -5.45 -6.82
N TYR J 224 28.84 -6.01 -7.51
CA TYR J 224 29.04 -6.53 -8.82
C TYR J 224 27.98 -6.02 -9.75
N GLN J 225 28.32 -5.93 -11.01
CA GLN J 225 27.32 -5.61 -12.01
C GLN J 225 26.94 -6.86 -12.74
N ALA J 226 25.73 -6.91 -13.28
CA ALA J 226 25.37 -8.09 -14.03
C ALA J 226 24.46 -7.87 -15.22
N THR J 227 24.61 -8.78 -16.17
CA THR J 227 23.76 -8.89 -17.34
C THR J 227 23.41 -10.36 -17.57
N GLY J 228 22.22 -10.60 -18.11
CA GLY J 228 21.80 -11.97 -18.37
C GLY J 228 21.50 -12.65 -17.04
N PHE J 229 21.02 -11.92 -16.06
CA PHE J 229 20.81 -12.53 -14.76
C PHE J 229 20.01 -13.85 -14.82
N GLY J 230 18.95 -13.88 -15.61
CA GLY J 230 18.08 -15.04 -15.69
C GLY J 230 18.45 -16.04 -16.80
N THR J 231 19.58 -15.85 -17.48
CA THR J 231 19.98 -16.70 -18.59
C THR J 231 21.10 -17.65 -18.16
N ASN J 232 21.43 -18.65 -19.05
CA ASN J 232 22.56 -19.57 -18.84
C ASN J 232 23.91 -18.89 -19.21
N GLU J 233 23.89 -18.07 -20.30
CA GLU J 233 25.00 -17.26 -20.81
C GLU J 233 24.91 -15.90 -20.15
N THR J 234 25.76 -15.66 -19.15
CA THR J 234 25.68 -14.46 -18.32
C THR J 234 27.03 -13.81 -18.19
N GLU J 235 27.05 -12.58 -17.67
CA GLU J 235 28.32 -11.93 -17.41
C GLU J 235 28.26 -11.03 -16.18
N TYR J 236 29.34 -11.09 -15.41
CA TYR J 236 29.46 -10.29 -14.20
C TYR J 236 30.75 -9.52 -14.16
N LEU J 237 30.68 -8.35 -13.51
CA LEU J 237 31.84 -7.51 -13.28
C LEU J 237 32.07 -7.22 -11.82
N PHE J 238 33.32 -7.15 -11.44
CA PHE J 238 33.70 -6.71 -10.09
C PHE J 238 33.92 -5.22 -10.09
N GLU J 239 33.26 -4.53 -9.18
CA GLU J 239 33.36 -3.10 -9.12
C GLU J 239 34.46 -2.59 -8.22
N VAL J 240 35.29 -1.72 -8.78
CA VAL J 240 36.39 -1.07 -8.10
C VAL J 240 35.98 0.38 -7.86
N ASP J 241 35.43 1.00 -8.90
CA ASP J 241 35.02 2.40 -8.87
C ASP J 241 33.85 2.59 -9.84
N ASN J 242 33.31 3.79 -9.94
CA ASN J 242 32.14 3.98 -10.81
C ASN J 242 32.43 3.71 -12.27
N LEU J 243 33.64 4.01 -12.71
CA LEU J 243 33.99 3.77 -14.08
C LEU J 243 35.01 2.63 -14.19
N THR J 244 35.23 1.90 -13.09
CA THR J 244 36.26 0.87 -13.11
C THR J 244 35.75 -0.49 -12.76
N TYR J 245 35.86 -1.38 -13.73
CA TYR J 245 35.42 -2.74 -13.59
C TYR J 245 36.40 -3.72 -14.08
N VAL J 246 36.36 -4.90 -13.53
CA VAL J 246 37.18 -5.92 -14.09
C VAL J 246 36.25 -7.06 -14.40
N GLN J 247 36.64 -7.91 -15.32
CA GLN J 247 35.78 -9.05 -15.59
C GLN J 247 35.78 -9.96 -14.40
N LEU J 248 34.63 -10.52 -14.05
CA LEU J 248 34.62 -11.40 -12.91
C LEU J 248 34.98 -12.81 -13.38
N GLU J 249 35.86 -13.46 -12.63
CA GLU J 249 36.28 -14.83 -12.92
C GLU J 249 36.23 -15.66 -11.65
N SER J 250 35.82 -16.91 -11.80
CA SER J 250 35.62 -17.88 -10.72
C SER J 250 36.84 -18.26 -9.90
N ARG J 251 38.03 -17.91 -10.36
CA ARG J 251 39.23 -18.23 -9.61
C ARG J 251 39.52 -17.15 -8.56
N PHE J 252 38.70 -16.11 -8.52
CA PHE J 252 38.92 -15.03 -7.58
C PHE J 252 38.01 -15.05 -6.38
N THR J 253 38.62 -15.29 -5.24
CA THR J 253 37.97 -15.35 -3.97
C THR J 253 37.75 -13.90 -3.58
N PRO J 254 36.91 -13.56 -2.59
CA PRO J 254 36.70 -12.19 -2.17
C PRO J 254 38.00 -11.48 -1.88
N GLN J 255 38.98 -12.19 -1.33
CA GLN J 255 40.23 -11.56 -1.00
C GLN J 255 41.05 -11.28 -2.22
N PHE J 256 40.99 -12.18 -3.17
CA PHE J 256 41.75 -12.05 -4.38
C PHE J 256 41.15 -10.88 -5.16
N LEU J 257 39.82 -10.77 -5.16
CA LEU J 257 39.19 -9.67 -5.86
C LEU J 257 39.58 -8.35 -5.22
N LEU J 258 39.64 -8.31 -3.90
CA LEU J 258 40.01 -7.09 -3.24
C LEU J 258 41.47 -6.75 -3.55
N GLN J 259 42.32 -7.75 -3.71
CA GLN J 259 43.70 -7.48 -4.10
C GLN J 259 43.72 -6.83 -5.48
N LEU J 260 42.80 -7.23 -6.37
CA LEU J 260 42.75 -6.58 -7.69
C LEU J 260 42.35 -5.09 -7.52
N ASN J 261 41.38 -4.79 -6.57
CA ASN J 261 40.95 -3.43 -6.24
C ASN J 261 42.12 -2.60 -5.71
N GLU J 262 42.98 -3.20 -4.85
CA GLU J 262 44.14 -2.52 -4.26
C GLU J 262 45.15 -2.16 -5.33
N THR J 263 45.36 -3.07 -6.27
CA THR J 263 46.31 -2.84 -7.34
C THR J 263 45.89 -1.70 -8.25
N ILE J 264 44.63 -1.71 -8.67
CA ILE J 264 44.16 -0.70 -9.60
C ILE J 264 43.96 0.63 -8.91
N TYR J 265 43.30 0.60 -7.78
CA TYR J 265 42.98 1.80 -7.07
C TYR J 265 44.28 2.55 -6.77
N ALA J 266 45.26 1.83 -6.21
CA ALA J 266 46.53 2.40 -5.85
C ALA J 266 47.37 2.87 -7.03
N SER J 267 47.38 2.14 -8.16
CA SER J 267 48.22 2.61 -9.26
C SER J 267 47.65 3.86 -9.86
N GLY J 268 46.33 4.02 -9.76
CA GLY J 268 45.64 5.19 -10.25
C GLY J 268 45.28 5.05 -11.71
N LYS J 269 45.59 3.90 -12.29
CA LYS J 269 45.29 3.72 -13.69
C LYS J 269 43.88 3.24 -13.84
N ARG J 270 42.98 4.19 -13.77
CA ARG J 270 41.54 4.01 -13.84
C ARG J 270 40.99 4.67 -15.09
N SER J 271 39.71 4.44 -15.40
CA SER J 271 39.21 4.98 -16.65
C SER J 271 39.54 6.45 -16.79
N ASN J 272 40.11 6.81 -17.98
CA ASN J 272 40.50 8.18 -18.36
C ASN J 272 39.55 8.76 -19.44
N THR J 273 38.32 8.19 -19.56
CA THR J 273 37.25 8.59 -20.48
C THR J 273 36.00 8.84 -19.68
N THR J 274 34.90 9.11 -20.36
CA THR J 274 33.66 9.42 -19.67
C THR J 274 32.88 8.19 -19.24
N GLY J 275 33.08 7.08 -19.93
CA GLY J 275 32.38 5.86 -19.60
C GLY J 275 33.26 4.91 -18.81
N LYS J 276 32.69 3.74 -18.57
CA LYS J 276 33.40 2.77 -17.79
C LYS J 276 34.20 1.87 -18.68
N LEU J 277 35.32 1.41 -18.15
CA LEU J 277 36.15 0.50 -18.87
C LEU J 277 36.27 -0.78 -18.09
N ILE J 278 36.41 -1.88 -18.82
CA ILE J 278 36.52 -3.18 -18.19
C ILE J 278 37.84 -3.84 -18.48
N TRP J 279 38.53 -4.22 -17.41
CA TRP J 279 39.81 -4.86 -17.50
C TRP J 279 39.69 -6.33 -17.71
N LYS J 280 40.52 -6.86 -18.57
CA LYS J 280 40.57 -8.29 -18.58
C LYS J 280 41.52 -8.57 -17.46
N VAL J 281 41.39 -9.67 -16.79
CA VAL J 281 42.44 -9.99 -15.86
C VAL J 281 43.12 -11.20 -16.44
N ASN J 282 44.39 -11.08 -16.70
CA ASN J 282 45.14 -12.11 -17.36
C ASN J 282 45.07 -13.39 -16.54
N PRO J 283 44.71 -14.55 -17.14
CA PRO J 283 44.61 -15.87 -16.51
C PRO J 283 45.84 -16.38 -15.72
N GLU J 284 47.07 -15.87 -16.00
CA GLU J 284 48.36 -16.26 -15.37
C GLU J 284 48.22 -16.52 -13.85
N VAL K 43 21.52 -43.82 13.15
CA VAL K 43 21.82 -42.46 13.59
C VAL K 43 21.82 -41.59 12.32
N ILE K 44 22.19 -40.29 12.44
CA ILE K 44 22.21 -39.34 11.31
C ILE K 44 23.62 -39.18 10.70
N VAL K 45 23.75 -39.56 9.41
CA VAL K 45 25.05 -39.59 8.73
C VAL K 45 25.15 -38.69 7.49
N ASN K 46 26.12 -37.78 7.50
CA ASN K 46 26.29 -36.83 6.39
C ASN K 46 27.12 -37.39 5.26
N ALA K 47 26.50 -38.28 4.52
CA ALA K 47 27.19 -38.99 3.45
C ALA K 47 27.29 -38.18 2.16
N GLN K 48 28.13 -37.14 2.19
CA GLN K 48 28.35 -36.29 1.01
C GLN K 48 29.84 -35.87 1.01
N PRO K 49 30.43 -35.47 -0.14
CA PRO K 49 31.84 -35.12 -0.30
C PRO K 49 32.48 -34.13 0.68
N LYS K 50 31.76 -33.11 1.14
CA LYS K 50 32.38 -32.17 2.06
C LYS K 50 31.54 -31.86 3.28
N CYS K 51 32.24 -31.45 4.37
CA CYS K 51 31.64 -31.02 5.63
C CYS K 51 32.63 -30.15 6.40
N ASN K 52 32.15 -29.02 6.82
CA ASN K 52 32.85 -28.10 7.67
C ASN K 52 32.82 -28.68 9.08
N PRO K 53 33.95 -29.01 9.71
CA PRO K 53 34.01 -29.64 11.00
C PRO K 53 33.82 -28.68 12.17
N ASN K 54 33.45 -27.44 11.90
CA ASN K 54 33.24 -26.55 13.01
C ASN K 54 31.94 -25.78 12.81
N LEU K 55 31.59 -24.97 13.80
CA LEU K 55 30.46 -24.07 13.71
C LEU K 55 30.74 -22.75 14.36
N HIS K 56 30.38 -21.68 13.68
CA HIS K 56 30.51 -20.36 14.24
C HIS K 56 29.08 -19.92 14.35
N TYR K 57 28.64 -19.76 15.58
CA TYR K 57 27.25 -19.50 15.92
C TYR K 57 26.89 -18.08 16.18
N TRP K 58 25.65 -17.79 15.88
CA TRP K 58 24.99 -16.58 16.30
C TRP K 58 23.66 -17.03 16.87
N THR K 59 23.15 -16.30 17.85
CA THR K 59 21.85 -16.61 18.41
C THR K 59 21.22 -15.51 19.20
N THR K 60 19.90 -15.55 19.36
CA THR K 60 19.30 -14.54 20.28
C THR K 60 19.15 -15.03 21.75
N GLN K 61 19.57 -16.30 22.06
CA GLN K 61 19.55 -16.96 23.36
C GLN K 61 20.35 -16.13 24.37
N ALA K 66 21.69 -10.22 33.76
CA ALA K 66 21.79 -8.78 33.77
C ALA K 66 20.38 -8.19 33.86
N ILE K 67 20.28 -6.91 34.29
CA ILE K 67 19.05 -6.13 34.42
C ILE K 67 19.46 -4.67 34.35
N GLY K 68 18.58 -3.82 33.88
CA GLY K 68 18.88 -2.39 33.79
C GLY K 68 18.06 -1.77 32.70
N LEU K 69 18.42 -0.57 32.28
CA LEU K 69 17.65 0.16 31.27
C LEU K 69 17.78 -0.50 29.93
N ALA K 70 18.74 -1.39 29.81
CA ALA K 70 18.97 -2.10 28.58
C ALA K 70 17.76 -2.96 28.22
N TRP K 71 16.91 -3.27 29.21
CA TRP K 71 15.73 -4.10 29.01
C TRP K 71 14.53 -3.32 28.52
N ILE K 72 14.70 -2.02 28.41
CA ILE K 72 13.68 -1.14 27.91
C ILE K 72 14.04 -0.82 26.47
N PRO K 73 13.19 -1.12 25.47
CA PRO K 73 13.44 -0.90 24.04
C PRO K 73 13.96 0.51 23.74
N TYR K 74 13.46 1.49 24.50
CA TYR K 74 13.88 2.87 24.38
C TYR K 74 15.39 3.04 24.61
N PHE K 75 15.94 2.35 25.60
CA PHE K 75 17.36 2.51 25.90
C PHE K 75 18.23 1.37 25.40
N GLY K 76 17.62 0.24 25.08
CA GLY K 76 18.36 -0.92 24.68
C GLY K 76 18.91 -0.77 23.27
N PRO K 77 19.70 -1.73 22.81
CA PRO K 77 20.36 -1.79 21.53
C PRO K 77 19.43 -2.09 20.37
N ALA K 78 19.89 -1.74 19.19
CA ALA K 78 19.23 -2.08 17.94
C ALA K 78 19.37 -3.57 17.73
N ALA K 79 18.48 -4.15 16.93
CA ALA K 79 18.42 -5.59 16.73
C ALA K 79 19.73 -6.25 16.27
N GLU K 80 20.59 -5.57 15.54
CA GLU K 80 21.81 -6.27 15.12
C GLU K 80 22.70 -6.62 16.32
N GLY K 81 22.48 -5.94 17.45
CA GLY K 81 23.25 -6.10 18.67
C GLY K 81 22.64 -7.05 19.70
N ILE K 82 21.57 -7.77 19.35
CA ILE K 82 20.97 -8.61 20.38
C ILE K 82 21.40 -10.06 20.26
N TYR K 83 22.39 -10.29 19.43
CA TYR K 83 22.89 -11.63 19.22
C TYR K 83 24.11 -11.94 20.05
N THR K 84 24.22 -13.19 20.45
CA THR K 84 25.39 -13.71 21.12
C THR K 84 26.03 -14.72 20.20
N GLU K 85 27.26 -15.11 20.48
CA GLU K 85 27.96 -16.03 19.61
C GLU K 85 28.95 -16.96 20.31
N GLY K 86 29.57 -17.82 19.49
CA GLY K 86 30.61 -18.74 19.96
C GLY K 86 31.03 -19.77 18.92
N LEU K 87 32.03 -20.58 19.25
CA LEU K 87 32.50 -21.61 18.32
C LEU K 87 32.34 -23.00 18.92
N MET K 88 32.10 -24.00 18.05
CA MET K 88 32.10 -25.39 18.53
C MET K 88 32.79 -26.34 17.54
N HIS K 89 33.46 -27.34 18.09
CA HIS K 89 34.10 -28.41 17.33
C HIS K 89 33.19 -29.59 17.08
N ASN K 90 33.51 -30.38 16.05
CA ASN K 90 32.73 -31.56 15.66
C ASN K 90 33.04 -32.75 16.51
N GLN K 91 32.77 -32.58 17.77
CA GLN K 91 33.01 -33.61 18.72
C GLN K 91 32.01 -34.68 18.43
N ASP K 92 32.49 -35.90 18.32
CA ASP K 92 31.70 -37.10 18.11
C ASP K 92 30.91 -37.09 16.80
N GLY K 93 31.27 -36.22 15.86
CA GLY K 93 30.61 -36.20 14.56
C GLY K 93 29.28 -35.45 14.58
N LEU K 94 29.01 -34.75 15.68
CA LEU K 94 27.75 -34.05 15.82
C LEU K 94 27.51 -32.95 14.82
N ILE K 95 28.55 -32.23 14.42
CA ILE K 95 28.29 -31.14 13.49
C ILE K 95 27.85 -31.63 12.11
N CYS K 96 28.53 -32.65 11.57
CA CYS K 96 28.23 -33.21 10.26
C CYS K 96 26.88 -33.92 10.33
N GLY K 97 26.59 -34.60 11.44
CA GLY K 97 25.30 -35.23 11.53
C GLY K 97 24.21 -34.18 11.42
N LEU K 98 24.43 -33.00 12.03
CA LEU K 98 23.44 -31.95 11.97
C LEU K 98 23.21 -31.51 10.53
N ARG K 99 24.27 -31.52 9.72
CA ARG K 99 24.11 -31.12 8.34
C ARG K 99 23.22 -32.10 7.63
N GLN K 100 23.38 -33.38 7.91
CA GLN K 100 22.49 -34.29 7.22
C GLN K 100 21.08 -34.13 7.72
N LEU K 101 20.92 -33.87 9.00
CA LEU K 101 19.57 -33.72 9.49
C LEU K 101 18.90 -32.61 8.73
N ALA K 102 19.59 -31.49 8.58
CA ALA K 102 19.00 -30.38 7.84
C ALA K 102 18.68 -30.74 6.37
N ASN K 103 19.51 -31.61 5.72
CA ASN K 103 19.36 -32.07 4.34
C ASN K 103 18.10 -32.96 4.17
N GLU K 104 17.77 -33.79 5.20
CA GLU K 104 16.59 -34.66 5.22
C GLU K 104 15.33 -33.84 5.51
N THR K 105 15.51 -32.88 6.42
CA THR K 105 14.47 -31.99 6.87
C THR K 105 14.00 -31.14 5.74
N THR K 106 14.91 -30.67 4.92
CA THR K 106 14.53 -29.82 3.81
C THR K 106 13.45 -30.47 2.97
N GLN K 107 13.57 -31.74 2.66
CA GLN K 107 12.57 -32.30 1.80
C GLN K 107 11.24 -32.43 2.51
N ALA K 108 11.27 -32.88 3.76
CA ALA K 108 10.00 -33.03 4.46
C ALA K 108 9.31 -31.69 4.67
N LEU K 109 10.12 -30.70 4.94
CA LEU K 109 9.65 -29.38 5.24
C LEU K 109 9.11 -28.68 4.03
N GLN K 110 9.76 -28.81 2.87
CA GLN K 110 9.21 -28.13 1.73
C GLN K 110 7.85 -28.70 1.39
N LEU K 111 7.67 -30.01 1.54
CA LEU K 111 6.38 -30.56 1.22
C LEU K 111 5.34 -30.13 2.25
N PHE K 112 5.73 -30.11 3.52
CA PHE K 112 4.87 -29.69 4.59
C PHE K 112 4.36 -28.29 4.38
N LEU K 113 5.27 -27.38 4.08
CA LEU K 113 4.88 -26.00 3.89
C LEU K 113 3.99 -25.88 2.68
N ARG K 114 4.26 -26.65 1.64
CA ARG K 114 3.44 -26.58 0.44
C ARG K 114 1.98 -26.87 0.73
N ALA K 115 1.73 -27.81 1.63
CA ALA K 115 0.39 -28.25 1.96
C ALA K 115 -0.38 -27.35 2.94
N THR K 116 0.26 -26.32 3.52
CA THR K 116 -0.45 -25.50 4.51
C THR K 116 -0.92 -24.16 4.00
N THR K 117 -1.63 -23.46 4.87
CA THR K 117 -2.19 -22.15 4.60
C THR K 117 -1.45 -21.06 5.33
N GLU K 118 -0.63 -21.46 6.25
CA GLU K 118 0.08 -20.49 7.05
C GLU K 118 1.33 -20.02 6.37
N LEU K 119 1.37 -18.73 6.07
CA LEU K 119 2.48 -18.13 5.38
C LEU K 119 3.70 -18.06 6.29
N ARG K 120 3.47 -17.86 7.57
CA ARG K 120 4.55 -17.75 8.54
C ARG K 120 4.39 -18.79 9.64
N THR K 121 5.07 -19.93 9.49
CA THR K 121 4.83 -21.03 10.41
C THR K 121 5.92 -21.22 11.42
N PHE K 122 5.58 -20.95 12.66
CA PHE K 122 6.52 -21.08 13.78
C PHE K 122 6.06 -22.19 14.72
N SER K 123 5.08 -22.96 14.28
CA SER K 123 4.44 -24.01 15.08
C SER K 123 5.11 -25.37 15.11
N ILE K 124 6.15 -25.61 14.32
CA ILE K 124 6.69 -26.95 14.24
C ILE K 124 7.19 -27.49 15.56
N LEU K 125 7.93 -26.71 16.32
CA LEU K 125 8.43 -27.25 17.57
C LEU K 125 7.30 -27.47 18.58
N ASN K 126 6.27 -26.64 18.54
CA ASN K 126 5.17 -26.81 19.48
C ASN K 126 4.40 -28.07 19.15
N ARG K 127 4.25 -28.36 17.85
CA ARG K 127 3.54 -29.55 17.43
C ARG K 127 4.31 -30.76 17.87
N LYS K 128 5.64 -30.69 17.79
CA LYS K 128 6.42 -31.82 18.20
C LYS K 128 6.27 -32.07 19.69
N ALA K 129 6.24 -31.01 20.50
CA ALA K 129 6.07 -31.19 21.94
C ALA K 129 4.74 -31.85 22.25
N ILE K 130 3.70 -31.46 21.51
CA ILE K 130 2.40 -32.04 21.74
C ILE K 130 2.40 -33.52 21.39
N ASP K 131 2.95 -33.87 20.22
CA ASP K 131 2.99 -35.28 19.82
C ASP K 131 3.84 -36.09 20.78
N PHE K 132 4.90 -35.49 21.29
CA PHE K 132 5.76 -36.19 22.20
C PHE K 132 4.95 -36.71 23.37
N LEU K 133 4.16 -35.84 23.98
CA LEU K 133 3.37 -36.33 25.09
C LEU K 133 2.21 -37.22 24.65
N LEU K 134 1.55 -36.92 23.53
CA LEU K 134 0.39 -37.72 23.13
C LEU K 134 0.78 -39.16 22.84
N GLN K 135 1.95 -39.38 22.27
CA GLN K 135 2.28 -40.76 21.99
C GLN K 135 2.38 -41.61 23.25
N ARG K 136 2.79 -41.03 24.38
CA ARG K 136 2.87 -41.83 25.58
C ARG K 136 1.57 -41.77 26.41
N TRP K 137 0.95 -40.59 26.46
CA TRP K 137 -0.28 -40.37 27.25
C TRP K 137 -1.58 -40.08 26.47
N GLY K 138 -1.67 -40.42 25.17
CA GLY K 138 -2.83 -40.22 24.31
C GLY K 138 -4.11 -40.77 24.93
N SER L 20 39.46 -9.33 -40.88
CA SER L 20 38.03 -9.53 -41.05
C SER L 20 37.58 -10.90 -40.43
N VAL L 21 38.03 -11.17 -39.19
CA VAL L 21 37.74 -12.38 -38.40
C VAL L 21 36.33 -12.40 -37.86
N LEU L 22 35.85 -11.25 -37.41
CA LEU L 22 34.52 -11.26 -36.81
C LEU L 22 33.52 -11.07 -37.92
N THR L 23 32.60 -12.01 -38.00
CA THR L 23 31.64 -11.98 -39.05
C THR L 23 30.71 -10.84 -38.82
N GLN L 24 30.48 -10.09 -39.86
CA GLN L 24 29.55 -9.00 -39.85
C GLN L 24 28.77 -9.20 -41.12
N PRO L 25 27.52 -8.76 -41.22
CA PRO L 25 26.78 -8.83 -42.45
C PRO L 25 27.52 -7.87 -43.36
N PRO L 26 27.52 -8.08 -44.67
CA PRO L 26 28.15 -7.18 -45.62
C PRO L 26 27.42 -5.86 -45.70
N SER L 27 26.15 -5.84 -45.31
CA SER L 27 25.37 -4.64 -45.39
C SER L 27 24.22 -4.66 -44.41
N ALA L 28 23.65 -3.49 -44.25
CA ALA L 28 22.49 -3.26 -43.40
C ALA L 28 21.74 -2.11 -44.01
N SER L 29 20.45 -1.99 -43.74
CA SER L 29 19.75 -0.85 -44.28
C SER L 29 18.46 -0.53 -43.57
N GLY L 30 17.99 0.66 -43.85
CA GLY L 30 16.69 1.12 -43.38
C GLY L 30 16.44 2.54 -43.81
N THR L 31 15.24 3.03 -43.60
CA THR L 31 14.86 4.38 -43.97
C THR L 31 15.28 5.29 -42.85
N PRO L 32 15.34 6.61 -43.04
CA PRO L 32 15.58 7.54 -41.97
C PRO L 32 14.49 7.32 -40.94
N GLY L 33 14.88 7.34 -39.69
CA GLY L 33 13.99 7.18 -38.55
C GLY L 33 13.77 5.71 -38.19
N GLN L 34 14.28 4.79 -39.00
CA GLN L 34 14.10 3.38 -38.77
C GLN L 34 15.06 2.85 -37.73
N ARG L 35 14.61 1.94 -36.88
CA ARG L 35 15.57 1.32 -35.98
C ARG L 35 16.25 0.22 -36.75
N VAL L 36 17.57 0.27 -36.76
CA VAL L 36 18.36 -0.73 -37.46
C VAL L 36 19.46 -1.30 -36.58
N SER L 37 20.01 -2.45 -36.97
CA SER L 37 21.14 -2.99 -36.23
C SER L 37 22.09 -3.78 -37.11
N ILE L 38 23.32 -3.88 -36.61
CA ILE L 38 24.40 -4.60 -37.25
C ILE L 38 24.98 -5.65 -36.33
N SER L 39 24.94 -6.90 -36.76
CA SER L 39 25.46 -7.98 -35.95
C SER L 39 26.98 -8.16 -36.12
N CYS L 40 27.60 -8.89 -35.16
CA CYS L 40 29.01 -9.27 -35.13
C CYS L 40 29.16 -10.66 -34.49
N SER L 41 29.97 -11.54 -35.09
CA SER L 41 30.17 -12.88 -34.53
C SER L 41 31.59 -13.48 -34.63
N GLY L 42 32.09 -13.91 -33.47
CA GLY L 42 33.44 -14.45 -33.33
C GLY L 42 33.46 -15.70 -32.48
N SER L 43 34.43 -15.71 -31.56
CA SER L 43 34.69 -16.85 -30.67
C SER L 43 34.99 -16.34 -29.27
N ARG L 44 35.31 -17.28 -28.38
CA ARG L 44 35.59 -17.00 -26.97
C ARG L 44 36.95 -16.38 -26.74
N SER L 45 37.76 -16.34 -27.78
CA SER L 45 39.08 -15.75 -27.67
C SER L 45 38.99 -14.26 -27.93
N ASN L 46 37.86 -13.78 -28.42
CA ASN L 46 37.74 -12.39 -28.79
C ASN L 46 36.48 -11.80 -28.19
N ILE L 47 35.34 -12.01 -28.84
CA ILE L 47 34.09 -11.44 -28.35
C ILE L 47 33.70 -12.07 -27.03
N GLY L 48 33.90 -13.36 -26.92
CA GLY L 48 33.52 -14.01 -25.69
C GLY L 48 34.68 -13.94 -24.69
N GLY L 49 35.72 -13.20 -25.07
CA GLY L 49 36.92 -13.00 -24.30
C GLY L 49 36.82 -11.63 -23.64
N ASN L 50 37.13 -10.62 -24.44
CA ASN L 50 37.22 -9.20 -24.13
C ASN L 50 35.93 -8.44 -24.47
N THR L 51 35.93 -7.13 -24.21
CA THR L 51 34.75 -6.34 -24.59
C THR L 51 34.84 -6.02 -26.05
N VAL L 52 33.73 -5.57 -26.61
CA VAL L 52 33.70 -5.22 -28.02
C VAL L 52 33.43 -3.75 -28.23
N ASP L 53 34.29 -3.15 -29.02
CA ASP L 53 34.17 -1.76 -29.41
C ASP L 53 33.62 -1.70 -30.82
N TRP L 54 32.99 -0.58 -31.17
CA TRP L 54 32.52 -0.37 -32.53
C TRP L 54 33.02 0.94 -33.07
N TYR L 55 33.25 0.97 -34.38
CA TYR L 55 33.67 2.16 -35.08
C TYR L 55 32.75 2.48 -36.25
N GLN L 56 32.58 3.78 -36.52
CA GLN L 56 31.77 4.25 -37.66
C GLN L 56 32.61 4.97 -38.70
N GLN L 57 32.73 4.39 -39.89
CA GLN L 57 33.51 4.99 -40.96
C GLN L 57 32.65 5.61 -42.01
N LEU L 58 32.60 6.92 -41.99
CA LEU L 58 31.77 7.62 -42.94
C LEU L 58 32.51 7.52 -44.26
N PRO L 59 31.84 7.54 -45.41
CA PRO L 59 32.49 7.46 -46.69
C PRO L 59 33.54 8.56 -46.83
N GLY L 60 34.70 8.17 -47.34
CA GLY L 60 35.79 9.11 -47.61
C GLY L 60 36.70 9.41 -46.43
N THR L 61 36.40 8.89 -45.25
CA THR L 61 37.23 9.20 -44.08
C THR L 61 37.58 7.99 -43.21
N ASP L 62 38.36 8.22 -42.16
CA ASP L 62 38.74 7.19 -41.20
C ASP L 62 37.53 6.89 -40.28
N PRO L 63 37.44 5.71 -39.67
CA PRO L 63 36.45 5.34 -38.70
C PRO L 63 36.61 6.06 -37.40
N LYS L 64 35.51 6.36 -36.73
CA LYS L 64 35.61 6.93 -35.41
C LYS L 64 35.10 5.99 -34.38
N LEU L 65 35.65 6.05 -33.18
CA LEU L 65 35.12 5.22 -32.13
C LEU L 65 33.71 5.65 -31.94
N LEU L 66 32.81 4.69 -31.98
CA LEU L 66 31.41 4.96 -31.85
C LEU L 66 30.88 4.44 -30.53
N ILE L 67 31.29 3.23 -30.21
CA ILE L 67 30.85 2.55 -29.00
C ILE L 67 32.04 1.90 -28.35
N TYR L 68 32.14 1.94 -27.04
CA TYR L 68 33.22 1.20 -26.39
C TYR L 68 32.73 0.46 -25.18
N SER L 69 33.46 -0.56 -24.80
CA SER L 69 33.07 -1.35 -23.64
C SER L 69 31.64 -1.84 -23.78
N ASN L 70 31.28 -2.32 -24.98
CA ASN L 70 29.97 -2.88 -25.34
C ASN L 70 28.86 -1.83 -25.53
N ASP L 71 28.66 -0.94 -24.55
CA ASP L 71 27.59 0.05 -24.65
C ASP L 71 27.89 1.49 -24.21
N GLN L 72 29.15 1.90 -24.11
CA GLN L 72 29.46 3.25 -23.66
C GLN L 72 29.65 4.17 -24.86
N ARG L 73 29.14 5.39 -24.78
CA ARG L 73 29.35 6.32 -25.88
C ARG L 73 30.53 7.25 -25.64
N PRO L 74 31.41 7.44 -26.64
CA PRO L 74 32.48 8.41 -26.66
C PRO L 74 31.83 9.76 -26.69
N SER L 75 32.49 10.75 -26.14
CA SER L 75 31.92 12.06 -26.24
C SER L 75 31.77 12.39 -27.72
N GLY L 76 30.66 13.01 -28.07
CA GLY L 76 30.38 13.40 -29.45
C GLY L 76 29.47 12.40 -30.18
N VAL L 77 29.29 11.21 -29.60
CA VAL L 77 28.42 10.22 -30.20
C VAL L 77 27.02 10.40 -29.64
N PRO L 78 25.99 10.56 -30.47
CA PRO L 78 24.61 10.77 -30.09
C PRO L 78 23.97 9.54 -29.49
N ASP L 79 22.91 9.78 -28.75
CA ASP L 79 22.14 8.82 -27.98
C ASP L 79 21.45 7.75 -28.78
N ARG L 80 21.33 7.95 -30.07
CA ARG L 80 20.74 6.94 -30.89
C ARG L 80 21.65 5.71 -30.99
N PHE L 81 22.94 5.85 -30.66
CA PHE L 81 23.82 4.69 -30.75
C PHE L 81 23.92 3.90 -29.46
N SER L 82 23.69 2.60 -29.60
CA SER L 82 23.73 1.67 -28.49
C SER L 82 24.24 0.32 -28.99
N GLY L 83 24.36 -0.64 -28.09
CA GLY L 83 24.86 -1.95 -28.47
C GLY L 83 24.87 -2.93 -27.31
N SER L 84 25.33 -4.14 -27.59
CA SER L 84 25.36 -5.21 -26.62
C SER L 84 26.39 -6.28 -26.94
N LYS L 85 26.64 -7.14 -25.95
CA LYS L 85 27.51 -8.29 -26.12
C LYS L 85 26.92 -9.49 -25.38
N SER L 86 26.93 -10.66 -26.02
CA SER L 86 26.43 -11.89 -25.42
C SER L 86 27.15 -13.09 -26.00
N GLY L 87 27.77 -13.91 -25.15
CA GLY L 87 28.48 -15.06 -25.67
C GLY L 87 29.60 -14.60 -26.57
N THR L 88 29.61 -15.08 -27.80
CA THR L 88 30.62 -14.77 -28.78
C THR L 88 30.01 -13.91 -29.88
N SER L 89 28.83 -13.37 -29.58
CA SER L 89 28.13 -12.50 -30.51
C SER L 89 28.07 -11.08 -29.94
N ALA L 90 27.90 -10.10 -30.82
CA ALA L 90 27.78 -8.72 -30.41
C ALA L 90 26.91 -7.95 -31.40
N SER L 91 26.38 -6.82 -30.96
CA SER L 91 25.55 -6.01 -31.83
C SER L 91 25.58 -4.51 -31.61
N LEU L 92 25.49 -3.80 -32.71
CA LEU L 92 25.36 -2.36 -32.80
C LEU L 92 23.94 -2.00 -33.14
N ALA L 93 23.39 -0.98 -32.53
CA ALA L 93 22.05 -0.58 -32.93
C ALA L 93 21.91 0.92 -33.01
N ILE L 94 21.07 1.35 -33.94
CA ILE L 94 20.77 2.75 -34.09
C ILE L 94 19.28 2.99 -33.88
N SER L 95 18.95 3.73 -32.82
CA SER L 95 17.58 4.00 -32.44
C SER L 95 16.99 5.18 -33.23
N GLY L 96 16.85 4.96 -34.51
CA GLY L 96 16.34 5.90 -35.49
C GLY L 96 17.47 6.41 -36.35
N LEU L 97 17.62 5.76 -37.49
CA LEU L 97 18.67 5.98 -38.46
C LEU L 97 18.67 7.35 -39.11
N GLN L 98 19.83 7.98 -39.18
CA GLN L 98 19.90 9.27 -39.84
C GLN L 98 20.63 9.17 -41.16
N SER L 99 20.46 10.13 -42.07
CA SER L 99 21.17 10.05 -43.34
C SER L 99 22.69 10.14 -43.20
N GLU L 100 23.15 10.80 -42.14
CA GLU L 100 24.57 10.92 -41.88
C GLU L 100 25.17 9.61 -41.38
N ASP L 101 24.33 8.60 -41.13
CA ASP L 101 24.83 7.34 -40.63
C ASP L 101 25.20 6.38 -41.73
N GLU L 102 25.07 6.77 -43.00
CA GLU L 102 25.53 5.85 -44.01
C GLU L 102 27.01 5.67 -43.69
N ALA L 103 27.44 4.44 -43.48
CA ALA L 103 28.82 4.19 -43.07
C ALA L 103 29.20 2.73 -43.09
N ASP L 104 30.50 2.48 -43.05
CA ASP L 104 31.06 1.17 -42.84
C ASP L 104 31.25 0.97 -41.34
N TYR L 105 30.51 0.05 -40.76
CA TYR L 105 30.62 -0.13 -39.32
C TYR L 105 31.48 -1.32 -39.00
N TYR L 106 32.30 -1.19 -37.99
CA TYR L 106 33.18 -2.29 -37.61
C TYR L 106 33.10 -2.60 -36.14
N CYS L 107 33.19 -3.90 -35.79
CA CYS L 107 33.30 -4.39 -34.42
C CYS L 107 34.75 -4.81 -34.16
N ALA L 108 35.22 -4.66 -32.93
CA ALA L 108 36.57 -5.13 -32.65
C ALA L 108 36.87 -5.46 -31.17
N ALA L 109 37.85 -6.36 -30.97
CA ALA L 109 38.29 -6.76 -29.63
C ALA L 109 39.69 -7.39 -29.64
N TRP L 110 40.30 -7.54 -28.47
CA TRP L 110 41.60 -8.21 -28.36
C TRP L 110 41.39 -9.73 -28.50
N ASP L 111 42.22 -10.38 -29.32
CA ASP L 111 42.20 -11.83 -29.53
C ASP L 111 43.29 -12.53 -28.73
N ASP L 112 42.83 -13.22 -27.71
CA ASP L 112 43.66 -13.86 -26.73
C ASP L 112 44.41 -15.07 -27.26
N SER L 113 43.90 -15.73 -28.29
CA SER L 113 44.52 -16.97 -28.74
C SER L 113 45.75 -16.70 -29.56
N LEU L 114 45.90 -15.45 -29.95
CA LEU L 114 46.96 -14.99 -30.78
C LEU L 114 47.86 -14.09 -29.96
N ASN L 115 47.64 -14.18 -28.63
CA ASN L 115 48.31 -13.44 -27.60
C ASN L 115 48.21 -11.91 -27.66
N GLY L 116 47.01 -11.36 -27.92
CA GLY L 116 46.85 -9.89 -27.94
C GLY L 116 46.72 -9.30 -29.34
N HIS L 117 46.19 -10.09 -30.25
CA HIS L 117 45.98 -9.69 -31.64
C HIS L 117 44.76 -8.81 -31.78
N TRP L 118 44.88 -7.70 -32.46
CA TRP L 118 43.69 -6.89 -32.58
C TRP L 118 42.85 -7.34 -33.72
N VAL L 119 41.60 -7.61 -33.43
CA VAL L 119 40.69 -8.08 -34.42
C VAL L 119 39.55 -7.17 -34.73
N PHE L 120 39.37 -6.94 -36.01
CA PHE L 120 38.23 -6.20 -36.53
C PHE L 120 37.32 -7.19 -37.22
N GLY L 121 36.05 -6.85 -37.30
CA GLY L 121 35.16 -7.65 -38.10
C GLY L 121 35.24 -7.24 -39.56
N GLY L 122 34.45 -7.89 -40.39
CA GLY L 122 34.47 -7.62 -41.82
C GLY L 122 34.10 -6.21 -42.25
N GLY L 123 33.17 -5.59 -41.56
CA GLY L 123 32.71 -4.27 -41.90
C GLY L 123 31.34 -4.34 -42.57
N THR L 124 30.39 -3.59 -42.07
CA THR L 124 29.03 -3.61 -42.61
C THR L 124 28.66 -2.32 -43.28
N LYS L 125 28.18 -2.38 -44.52
CA LYS L 125 27.77 -1.15 -45.19
C LYS L 125 26.32 -0.83 -44.92
N LEU L 126 26.10 0.19 -44.13
CA LEU L 126 24.77 0.60 -43.75
C LEU L 126 24.27 1.66 -44.67
N THR L 127 23.17 1.37 -45.35
CA THR L 127 22.57 2.24 -46.32
C THR L 127 21.29 2.87 -45.79
N VAL L 128 21.21 4.18 -45.92
CA VAL L 128 20.03 4.89 -45.47
C VAL L 128 19.16 5.06 -46.73
N LEU L 129 17.89 4.65 -46.64
CA LEU L 129 16.87 4.59 -47.70
C LEU L 129 15.86 5.76 -47.62
C1 NAG M . 8.12 -1.33 37.98
C2 NAG M . 7.92 -0.02 37.10
C3 NAG M . 9.11 0.94 37.44
C4 NAG M . 9.14 1.31 38.97
C5 NAG M . 9.26 -0.04 39.77
C6 NAG M . 9.19 0.16 41.30
C7 NAG M . 6.84 -0.39 34.87
C8 NAG M . 6.98 -0.63 33.38
N2 NAG M . 7.94 -0.29 35.64
O3 NAG M . 8.96 2.14 36.65
O4 NAG M . 10.32 2.10 39.33
O5 NAG M . 8.16 -0.95 39.40
O6 NAG M . 7.94 0.65 41.75
O7 NAG M . 5.71 -0.27 35.36
C1 NAG M . 10.42 3.52 38.82
C2 NAG M . 10.97 4.45 39.99
C3 NAG M . 11.10 5.90 39.40
C4 NAG M . 12.03 5.91 38.14
C5 NAG M . 11.43 4.94 37.07
C6 NAG M . 12.30 4.79 35.81
C7 NAG M . 10.16 3.80 42.26
C8 NAG M . 9.09 3.84 43.32
N2 NAG M . 9.97 4.45 41.10
O3 NAG M . 11.66 6.78 40.40
O4 NAG M . 12.05 7.25 37.55
O5 NAG M . 11.28 3.59 37.65
O6 NAG M . 13.57 4.20 36.10
O7 NAG M . 11.19 3.13 42.48
C1 BMA M . 13.25 8.12 37.84
C2 BMA M . 13.74 8.73 36.48
C3 BMA M . 14.98 9.63 36.75
C4 BMA M . 14.59 10.73 37.78
C5 BMA M . 14.09 10.05 39.09
C6 BMA M . 13.64 11.08 40.12
O2 BMA M . 12.68 9.49 35.86
O3 BMA M . 15.40 10.25 35.51
O4 BMA M . 15.73 11.54 38.06
O5 BMA M . 12.94 9.17 38.79
O6 BMA M . 13.08 10.44 41.27
C1 MAN M . 16.52 9.56 34.75
C2 MAN M . 17.05 10.49 33.59
C3 MAN M . 15.94 10.61 32.49
C4 MAN M . 15.57 9.18 31.95
C5 MAN M . 15.06 8.30 33.16
C6 MAN M . 14.75 6.84 32.79
O2 MAN M . 18.29 9.99 33.06
O3 MAN M . 16.41 11.45 31.42
O4 MAN M . 14.51 9.30 30.98
O5 MAN M . 16.13 8.25 34.22
O6 MAN M . 13.59 6.73 31.98
C1 MAN M . 12.33 11.37 42.16
C2 MAN M . 11.71 10.56 43.35
C3 MAN M . 10.58 9.64 42.75
C4 MAN M . 9.50 10.52 42.02
C5 MAN M . 10.21 11.33 40.87
C6 MAN M . 9.27 12.29 40.14
O2 MAN M . 11.22 11.44 44.36
O3 MAN M . 9.96 8.87 43.81
O4 MAN M . 8.47 9.68 41.47
O5 MAN M . 11.32 12.15 41.45
O6 MAN M . 9.92 12.98 39.08
C1 NAG N . -28.13 -24.54 10.82
C2 NAG N . -28.21 -23.48 9.62
C3 NAG N . -29.56 -22.71 9.77
C4 NAG N . -30.79 -23.71 9.71
C5 NAG N . -30.61 -24.75 10.86
C6 NAG N . -31.68 -25.85 10.85
C7 NAG N . -25.99 -22.53 8.91
C8 NAG N . -24.96 -21.44 9.01
N2 NAG N . -27.10 -22.47 9.68
O3 NAG N . -29.65 -21.74 8.72
O4 NAG N . -32.07 -23.03 9.97
O5 NAG N . -29.30 -25.42 10.74
O6 NAG N . -31.62 -26.69 9.70
O7 NAG N . -25.82 -23.46 8.12
C1 NAG N . -32.59 -22.05 8.95
C2 NAG N . -34.15 -22.26 8.77
C3 NAG N . -34.66 -21.20 7.73
C4 NAG N . -34.31 -19.74 8.22
C5 NAG N . -32.74 -19.64 8.40
C6 NAG N . -32.29 -18.29 8.96
C7 NAG N . -34.85 -24.66 8.97
C8 NAG N . -35.05 -26.01 8.34
N2 NAG N . -34.38 -23.64 8.24
O3 NAG N . -36.09 -21.30 7.59
O4 NAG N . -34.69 -18.79 7.20
O5 NAG N . -32.29 -20.68 9.34
O6 NAG N . -32.78 -18.04 10.28
O7 NAG N . -35.14 -24.51 10.17
C1 BMA N . -35.97 -18.00 7.40
C2 BMA N . -35.67 -16.49 7.13
C3 BMA N . -36.98 -15.68 7.36
C4 BMA N . -38.08 -16.24 6.41
C5 BMA N . -38.31 -17.75 6.72
C6 BMA N . -39.34 -18.37 5.78
O2 BMA N . -35.17 -16.32 5.80
O3 BMA N . -36.73 -14.28 7.04
O4 BMA N . -39.29 -15.51 6.62
O5 BMA N . -37.04 -18.48 6.54
O6 BMA N . -39.45 -19.77 6.00
C1 MAN N . -36.40 -13.37 8.22
C2 MAN N . -36.44 -11.86 7.76
C3 MAN N . -35.23 -11.60 6.80
C4 MAN N . -33.88 -11.95 7.52
C5 MAN N . -33.93 -13.46 7.97
C6 MAN N . -32.70 -13.92 8.77
O2 MAN N . -36.44 -11.00 8.90
O3 MAN N . -35.24 -10.22 6.39
O4 MAN N . -32.80 -11.74 6.61
O5 MAN N . -35.11 -13.69 8.84
O6 MAN N . -31.51 -13.97 7.97
C1 MAN N . -40.19 -20.49 4.92
C2 MAN N . -40.18 -22.03 5.23
C3 MAN N . -38.71 -22.54 5.05
C4 MAN N . -38.19 -22.25 3.60
C5 MAN N . -38.26 -20.69 3.36
C6 MAN N . -37.86 -20.28 1.94
O2 MAN N . -41.10 -22.71 4.38
O3 MAN N . -38.66 -23.96 5.32
O4 MAN N . -36.85 -22.70 3.45
O5 MAN N . -39.66 -20.22 3.58
O6 MAN N . -37.88 -18.87 1.76
C1 NAG O . 20.92 -32.74 0.05
C2 NAG O . 21.14 -31.49 -0.90
C3 NAG O . 21.29 -32.04 -2.36
C4 NAG O . 22.51 -33.03 -2.48
C5 NAG O . 22.26 -34.21 -1.46
C6 NAG O . 23.43 -35.20 -1.38
C7 NAG O . 19.96 -29.40 -0.18
C8 NAG O . 18.76 -28.48 -0.26
N2 NAG O . 19.98 -30.55 -0.89
O3 NAG O . 21.47 -30.93 -3.24
O4 NAG O . 22.59 -33.66 -3.80
O5 NAG O . 22.07 -33.66 -0.10
O6 NAG O . 24.64 -34.62 -0.88
O7 NAG O . 20.93 -29.07 0.53
C1 NAG O . 22.97 -32.80 -4.98
C2 NAG O . 23.98 -33.60 -5.90
C3 NAG O . 24.31 -32.69 -7.14
C4 NAG O . 22.98 -32.30 -7.90
C5 NAG O . 22.04 -31.55 -6.91
C6 NAG O . 20.68 -31.20 -7.52
C7 NAG O . 25.57 -35.05 -4.62
C8 NAG O . 26.84 -35.19 -3.84
N2 NAG O . 25.23 -33.84 -5.13
O3 NAG O . 25.17 -33.40 -8.06
O4 NAG O . 23.30 -31.37 -8.98
O5 NAG O . 21.78 -32.41 -5.73
O6 NAG O . 19.91 -32.35 -7.88
O7 NAG O . 24.84 -36.05 -4.78
C1 BMA O . 23.37 -31.92 -10.39
C2 BMA O . 22.54 -30.97 -11.32
C3 BMA O . 22.59 -31.53 -12.77
C4 BMA O . 24.07 -31.64 -13.22
C5 BMA O . 24.84 -32.56 -12.24
C6 BMA O . 26.32 -32.67 -12.59
O2 BMA O . 23.05 -29.64 -11.26
O3 BMA O . 21.87 -30.63 -13.66
O4 BMA O . 24.13 -32.18 -14.54
O5 BMA O . 24.74 -32.03 -10.86
O6 BMA O . 27.04 -33.44 -11.62
C1 MAN O . 20.42 -30.98 -13.96
C2 MAN O . 19.88 -30.08 -15.13
C3 MAN O . 19.75 -28.61 -14.61
C4 MAN O . 18.80 -28.55 -13.36
C5 MAN O . 19.40 -29.48 -12.25
C6 MAN O . 18.51 -29.59 -10.99
O2 MAN O . 18.64 -30.59 -15.63
O3 MAN O . 19.25 -27.77 -15.68
O4 MAN O . 18.75 -27.20 -12.88
O5 MAN O . 19.55 -30.87 -12.78
O6 MAN O . 18.48 -28.38 -10.24
C1 MAN O . 28.52 -33.29 -11.73
C2 MAN O . 29.19 -34.11 -10.57
C3 MAN O . 28.85 -33.39 -9.21
C4 MAN O . 29.37 -31.90 -9.25
C5 MAN O . 28.68 -31.17 -10.45
C6 MAN O . 29.18 -29.73 -10.64
O2 MAN O . 30.59 -34.24 -10.79
O3 MAN O . 29.46 -34.11 -8.11
O4 MAN O . 29.05 -31.24 -8.01
O5 MAN O . 28.97 -31.90 -11.72
O6 MAN O . 28.50 -29.07 -11.70
C1 NAG P . -17.69 23.22 26.71
C2 NAG P . -17.39 21.83 25.98
C3 NAG P . -18.39 21.66 24.79
C4 NAG P . -19.86 21.72 25.32
C5 NAG P . -20.08 23.07 26.07
C6 NAG P . -21.47 23.21 26.71
C7 NAG P . -15.01 21.05 25.86
C8 NAG P . -13.61 21.24 25.35
N2 NAG P . -15.99 21.90 25.49
O3 NAG P . -18.14 20.40 24.14
O4 NAG P . -20.75 21.61 24.20
O5 NAG P . -19.10 23.21 27.17
O6 NAG P . -22.52 23.34 25.75
O7 NAG P . -15.24 20.13 26.65
C1 NAG Q . -16.49 42.11 19.53
C2 NAG Q . -17.19 42.58 20.90
C3 NAG Q . -18.66 43.01 20.57
C4 NAG Q . -18.66 44.16 19.51
C5 NAG Q . -17.93 43.67 18.21
C6 NAG Q . -17.79 44.77 17.15
C7 NAG Q . -16.90 41.57 23.17
C8 NAG Q . -16.88 40.35 24.05
N2 NAG Q . -17.16 41.44 21.86
O3 NAG Q . -19.31 43.48 21.78
O4 NAG Q . -20.01 44.52 19.19
O5 NAG Q . -16.54 43.23 18.56
O6 NAG Q . -17.30 44.23 15.92
O7 NAG Q . -16.69 42.69 23.67
C1 NAG R . 17.07 20.23 27.35
C2 NAG R . 17.05 20.40 25.76
C3 NAG R . 18.39 21.09 25.32
C4 NAG R . 18.51 22.49 26.04
C5 NAG R . 18.46 22.28 27.59
C6 NAG R . 18.46 23.61 28.37
C7 NAG R . 15.75 18.70 24.47
C8 NAG R . 15.59 17.34 23.86
N2 NAG R . 16.87 19.06 25.13
O3 NAG R . 18.39 21.28 23.90
O4 NAG R . 19.75 23.10 25.67
O5 NAG R . 17.21 21.57 27.97
O6 NAG R . 18.63 23.39 29.78
O7 NAG R . 14.80 19.47 24.35
C1 NAG S . -21.81 -20.62 -25.78
C2 NAG S . -20.69 -20.43 -24.65
C3 NAG S . -19.33 -20.14 -25.35
C4 NAG S . -18.96 -21.31 -26.33
C5 NAG S . -20.11 -21.48 -27.38
C6 NAG S . -19.91 -22.66 -28.34
C7 NAG S . -21.37 -19.36 -22.50
C8 NAG S . -21.84 -18.13 -21.74
N2 NAG S . -21.12 -19.28 -23.81
O3 NAG S . -18.30 -20.02 -24.35
O4 NAG S . -17.73 -21.01 -26.98
O5 NAG S . -21.41 -21.72 -26.67
O6 NAG S . -18.84 -22.45 -29.25
O7 NAG S . -21.24 -20.42 -21.89
C1 NAG T . -28.45 -7.32 -39.55
C2 NAG T . -29.27 -8.53 -40.20
C3 NAG T . -28.56 -8.92 -41.55
C4 NAG T . -28.52 -7.68 -42.50
C5 NAG T . -27.76 -6.50 -41.80
C6 NAG T . -27.76 -5.22 -42.62
C7 NAG T . -30.31 -10.46 -39.01
C8 NAG T . -30.22 -11.58 -38.01
N2 NAG T . -29.26 -9.67 -39.24
O3 NAG T . -29.28 -10.00 -42.19
O4 NAG T . -27.84 -8.04 -43.71
O5 NAG T . -28.43 -6.19 -40.49
O6 NAG T . -26.89 -4.23 -42.05
O7 NAG T . -31.38 -10.29 -39.63
C1 NAG U . -37.91 -3.43 -0.03
C2 NAG U . -36.96 -2.20 -0.34
C3 NAG U . -37.72 -0.87 0.01
C4 NAG U . -39.05 -0.81 -0.84
C5 NAG U . -39.93 -2.08 -0.55
C6 NAG U . -41.19 -2.15 -1.41
C7 NAG U . -34.49 -2.59 -0.14
C8 NAG U . -33.24 -2.74 0.68
N2 NAG U . -35.69 -2.34 0.45
O3 NAG U . -36.90 0.26 -0.28
O4 NAG U . -39.77 0.37 -0.49
O5 NAG U . -39.14 -3.32 -0.84
O6 NAG U . -42.06 -3.19 -0.99
O7 NAG U . -34.39 -2.72 -1.36
C1 NAG V . 39.47 -0.45 -2.73
C2 NAG V . 38.07 -0.62 -1.97
C3 NAG V . 37.67 0.76 -1.34
C4 NAG V . 38.79 1.23 -0.35
C5 NAG V . 40.15 1.33 -1.14
C6 NAG V . 41.35 1.71 -0.26
C7 NAG V . 36.38 -2.18 -2.97
C8 NAG V . 35.43 -2.53 -4.08
N2 NAG V . 37.08 -1.03 -3.00
O3 NAG V . 36.43 0.60 -0.62
O4 NAG V . 38.43 2.50 0.19
O5 NAG V . 40.49 0.02 -1.76
O6 NAG V . 41.29 3.06 0.22
O7 NAG V . 36.53 -2.98 -2.03
C1 NAG W . 44.23 11.38 -18.47
C2 NAG W . 45.76 10.96 -18.21
C3 NAG W . 46.51 12.20 -17.61
C4 NAG W . 46.41 13.41 -18.59
C5 NAG W . 44.90 13.75 -18.85
C6 NAG W . 44.70 14.86 -19.88
C7 NAG W . 46.60 8.77 -17.38
C8 NAG W . 46.53 7.63 -16.38
N2 NAG W . 45.77 9.80 -17.26
O3 NAG W . 47.89 11.87 -17.39
O4 NAG W . 47.05 14.55 -18.01
O5 NAG W . 44.20 12.54 -19.38
O6 NAG W . 43.34 15.28 -19.95
O7 NAG W . 47.44 8.71 -18.29
C1 NAG X . 20.92 -21.80 -23.15
C2 NAG X . 19.94 -20.57 -23.45
C3 NAG X . 19.35 -20.75 -24.89
C4 NAG X . 20.53 -20.80 -25.92
C5 NAG X . 21.50 -21.98 -25.56
C6 NAG X . 22.73 -22.04 -26.47
C7 NAG X . 18.80 -19.55 -21.47
C8 NAG X . 17.73 -19.53 -20.42
N2 NAG X . 18.87 -20.53 -22.40
O3 NAG X . 18.48 -19.64 -25.19
O4 NAG X . 19.99 -21.01 -27.24
O5 NAG X . 21.99 -21.82 -24.16
O6 NAG X . 23.48 -23.24 -26.25
O7 NAG X . 19.61 -18.62 -21.44
#